data_8GN6
#
_entry.id   8GN6
#
_cell.length_a   131.160
_cell.length_b   131.160
_cell.length_c   181.173
_cell.angle_alpha   90.00
_cell.angle_beta   90.00
_cell.angle_gamma   120.00
#
_symmetry.space_group_name_H-M   'P 31 2 1'
#
loop_
_entity.id
_entity.type
_entity.pdbx_description
1 polymer Sialidase
2 polymer Sialidase
3 non-polymer 'UNKNOWN LIGAND'
4 water water
#
loop_
_entity_poly.entity_id
_entity_poly.type
_entity_poly.pdbx_seq_one_letter_code
_entity_poly.pdbx_strand_id
1 'polypeptide(L)'
;MANNTLLAKTRRSVCLVVFCCLVAMLHLTAQEVTMWGDSHGVAPNQMYRTLVKVALSESLPPDAKQIRIGFSLPKETEEK
VTALYLLVSDSLAVRDLPDYKGRVSYDSFPISKEDRTTALSADSVAGRRFFYLAADIGPVASFSRSDTLTARVEELAVDG
RPLPLKELSPASRRLYREYEALFVPGDGGSRNYRIPAILKTANGTLIAMADRRKYNQTDLPEDIDIVMRRSTDGGKSWSD
PRIIVQGEGRNHGFGDVALVQTQAGKLLMIFVGGVGLWQSTPDRPQRTYISGSRDEGLTWSPPRDITHFIFGKDCADPGR
SRWLASFCASGQGLVLPSGRIMFVAAIRESGQEYVLNNYVLYSDDEGDTWQLSDCAYRRGDEAKLSLMPDGRVLMSIRNQ
GRQESRQRFFALSSDDGLTWERAKQFEGIHDPGCNGAMLQVKRNGRDQVLHSLPLGPDGRRDGAVYLFDHTSGRWSAPVV
VNSGSSAYSDMTLLADGTIGYFVEEDDEISLVFIRFVLDDLFDARQ
;
A,B
2 'polypeptide(L)'
;MANNTLLAKTRRSVCLVVFCCLVAMLHLTAQEVTMWGDSHGVAPNQMYRTLVKVALSESLPPDAKQIRIGFSLPKETEEK
VTALYLLVSDSLAVRDLPDYKGRVSYDSFPISKEDRTTALSADSVAGRRFFYLAADIGPVASFSRSDTLTARVEELAVDG
RPLPLKELSPASRRLYREYEALFVPGDGGSRNYRIPAILKTANGTLIAMADRRKYNQTDLPEDIDIVMRRSTDGGKSWSD
PRIIVQGEGRNHGFGDVALVQTQAGKLLMIFVGGVGLWQSTPDRPQRTYISGSRDEGLTWSPPRDITHFIFGKDCADPGR
SRWLASFCASGQGLVLPSGRIMFVAAIRESGQEYVLNNYVLYSDDEGDTWQLSDCAYRRGDEAKLSLMPDGRVLMSIRNQ
GRQESRQRFFALSSDDGLTWERAKQFEGIHDPGCNGAMLQVKRNGRDQVLHSLPLGPDGRRDGAVYLFDHTSGRWSAPVV
VNSGSSAYSDMTLLADGTIGYFVEEDDEISLVFIRFVLDDLFDA
;
C
#
# COMPACT_ATOMS: atom_id res chain seq x y z
N GLN A 31 32.90 -24.56 32.79
CA GLN A 31 34.30 -24.38 32.34
C GLN A 31 34.45 -24.47 30.82
N GLU A 32 33.42 -24.90 30.06
CA GLU A 32 33.45 -24.78 28.60
C GLU A 32 33.65 -23.33 28.14
N VAL A 33 34.32 -23.18 26.99
CA VAL A 33 34.64 -21.91 26.38
C VAL A 33 33.70 -21.70 25.20
N THR A 34 33.10 -20.50 25.09
CA THR A 34 32.19 -20.16 24.00
C THR A 34 32.94 -19.29 22.98
N MET A 35 32.79 -19.58 21.68
CA MET A 35 33.56 -18.89 20.64
C MET A 35 32.66 -18.41 19.51
N TRP A 36 32.99 -17.24 18.96
CA TRP A 36 32.24 -16.64 17.86
C TRP A 36 33.21 -16.18 16.76
N GLY A 37 33.03 -16.71 15.56
CA GLY A 37 33.72 -16.17 14.40
C GLY A 37 32.97 -14.92 13.92
N ASP A 38 33.73 -13.92 13.51
CA ASP A 38 33.16 -12.67 13.08
C ASP A 38 32.88 -12.75 11.57
N SER A 39 31.83 -12.06 11.10
CA SER A 39 31.66 -12.03 9.65
C SER A 39 31.27 -10.64 9.15
N HIS A 40 31.75 -9.62 9.86
CA HIS A 40 31.60 -8.24 9.41
C HIS A 40 32.59 -7.96 8.27
N GLY A 41 32.25 -6.99 7.41
CA GLY A 41 33.18 -6.59 6.36
C GLY A 41 34.49 -5.97 6.91
N VAL A 42 35.49 -5.90 6.03
CA VAL A 42 36.79 -5.30 6.30
C VAL A 42 37.21 -4.56 5.03
N ALA A 43 38.19 -3.69 5.20
CA ALA A 43 38.74 -2.94 4.09
C ALA A 43 40.25 -2.87 4.30
N PRO A 44 41.01 -2.47 3.25
CA PRO A 44 42.46 -2.38 3.37
C PRO A 44 42.84 -1.44 4.49
N ASN A 45 43.98 -1.77 5.14
CA ASN A 45 44.65 -0.88 6.08
C ASN A 45 43.74 -0.55 7.27
N GLN A 46 43.32 -1.60 7.97
CA GLN A 46 42.47 -1.44 9.15
C GLN A 46 43.15 -2.17 10.28
N MET A 47 42.94 -1.67 11.49
CA MET A 47 43.63 -2.09 12.70
C MET A 47 42.68 -2.96 13.55
N TYR A 48 43.23 -4.00 14.16
CA TYR A 48 42.55 -4.78 15.20
C TYR A 48 41.16 -5.25 14.73
N ARG A 49 41.13 -6.00 13.64
CA ARG A 49 39.90 -6.58 13.15
C ARG A 49 39.72 -7.96 13.78
N THR A 50 38.62 -8.14 14.51
CA THR A 50 38.34 -9.38 15.20
C THR A 50 38.11 -10.47 14.14
N LEU A 51 38.79 -11.61 14.31
CA LEU A 51 38.45 -12.78 13.49
C LEU A 51 37.60 -13.73 14.33
N VAL A 52 38.08 -14.04 15.54
CA VAL A 52 37.40 -14.93 16.45
C VAL A 52 37.44 -14.30 17.84
N LYS A 53 36.33 -14.40 18.59
CA LYS A 53 36.29 -13.96 19.97
C LYS A 53 35.84 -15.12 20.84
N VAL A 54 36.37 -15.13 22.07
CA VAL A 54 36.30 -16.25 22.97
C VAL A 54 35.91 -15.74 24.35
N ALA A 55 35.03 -16.49 25.03
CA ALA A 55 34.55 -16.15 26.36
C ALA A 55 34.80 -17.30 27.33
N LEU A 56 35.57 -17.04 28.38
CA LEU A 56 35.65 -17.94 29.52
C LEU A 56 34.35 -17.79 30.30
N SER A 57 33.87 -18.90 30.87
CA SER A 57 32.64 -18.89 31.65
C SER A 57 32.85 -18.07 32.91
N GLU A 58 34.10 -18.05 33.41
CA GLU A 58 34.50 -17.24 34.55
C GLU A 58 35.98 -16.89 34.44
N SER A 59 36.42 -15.92 35.24
CA SER A 59 37.83 -15.57 35.39
C SER A 59 38.69 -16.82 35.60
N LEU A 60 39.94 -16.79 35.14
CA LEU A 60 40.88 -17.88 35.38
C LEU A 60 41.06 -18.07 36.88
N PRO A 61 41.34 -19.31 37.37
CA PRO A 61 41.47 -19.53 38.82
C PRO A 61 42.71 -18.81 39.33
N PRO A 62 42.76 -18.36 40.62
CA PRO A 62 43.90 -17.61 41.10
C PRO A 62 45.16 -18.47 41.10
N ASP A 63 44.99 -19.79 41.10
CA ASP A 63 46.05 -20.78 40.87
C ASP A 63 46.73 -20.65 39.52
N ALA A 64 46.00 -20.19 38.49
CA ALA A 64 46.44 -20.39 37.10
C ALA A 64 47.64 -19.51 36.82
N LYS A 65 48.51 -20.01 35.95
CA LYS A 65 49.74 -19.32 35.59
C LYS A 65 49.62 -18.79 34.17
N GLN A 66 49.14 -19.63 33.25
CA GLN A 66 49.26 -19.32 31.84
C GLN A 66 48.06 -19.83 31.04
N ILE A 67 47.67 -19.06 30.02
CA ILE A 67 46.73 -19.52 29.01
C ILE A 67 47.44 -19.51 27.67
N ARG A 68 47.29 -20.61 26.91
CA ARG A 68 47.84 -20.71 25.57
C ARG A 68 46.67 -20.94 24.61
N ILE A 69 46.62 -20.19 23.50
CA ILE A 69 45.61 -20.38 22.48
C ILE A 69 46.31 -20.82 21.20
N GLY A 70 45.80 -21.91 20.61
CA GLY A 70 46.20 -22.37 19.30
C GLY A 70 45.09 -22.12 18.28
N PHE A 71 45.47 -21.78 17.04
CA PHE A 71 44.48 -21.43 16.03
C PHE A 71 45.01 -21.83 14.67
N SER A 72 44.11 -21.78 13.69
CA SER A 72 44.44 -21.95 12.29
C SER A 72 43.94 -20.71 11.53
N LEU A 73 44.51 -20.51 10.35
CA LEU A 73 44.30 -19.34 9.53
C LEU A 73 44.83 -19.74 8.15
N PRO A 74 44.04 -19.72 7.05
CA PRO A 74 44.57 -20.17 5.77
C PRO A 74 45.62 -19.21 5.19
N LYS A 75 46.43 -19.70 4.24
CA LYS A 75 47.42 -18.90 3.54
C LYS A 75 46.81 -17.61 2.95
N GLU A 76 45.65 -17.73 2.30
CA GLU A 76 44.98 -16.59 1.69
C GLU A 76 44.65 -15.50 2.70
N THR A 77 44.37 -15.86 3.95
CA THR A 77 44.18 -14.84 4.99
C THR A 77 45.53 -14.26 5.45
N GLU A 78 46.52 -15.14 5.64
CA GLU A 78 47.82 -14.72 6.13
C GLU A 78 48.44 -13.68 5.18
N GLU A 79 48.28 -13.90 3.87
CA GLU A 79 48.78 -12.99 2.84
C GLU A 79 48.16 -11.60 2.92
N LYS A 80 46.95 -11.48 3.48
CA LYS A 80 46.21 -10.22 3.44
C LYS A 80 46.29 -9.44 4.75
N VAL A 81 46.86 -10.05 5.80
CA VAL A 81 47.06 -9.37 7.07
C VAL A 81 48.55 -9.03 7.22
N THR A 82 48.86 -8.13 8.16
CA THR A 82 50.22 -7.68 8.40
C THR A 82 50.61 -7.98 9.86
N ALA A 83 49.64 -8.38 10.69
CA ALA A 83 49.88 -8.60 12.11
C ALA A 83 48.69 -9.38 12.65
N LEU A 84 48.93 -10.26 13.65
CA LEU A 84 47.87 -10.80 14.48
C LEU A 84 48.07 -10.33 15.91
N TYR A 85 47.01 -10.45 16.72
CA TYR A 85 46.99 -10.03 18.11
C TYR A 85 46.00 -10.91 18.86
N LEU A 86 46.31 -11.19 20.12
CA LEU A 86 45.28 -11.41 21.12
C LEU A 86 44.90 -10.07 21.72
N LEU A 87 43.61 -9.73 21.70
CA LEU A 87 43.11 -8.64 22.53
C LEU A 87 42.43 -9.28 23.72
N VAL A 88 42.61 -8.66 24.87
CA VAL A 88 41.96 -9.11 26.09
C VAL A 88 41.14 -7.95 26.63
N SER A 89 39.85 -8.22 26.91
CA SER A 89 38.95 -7.20 27.40
C SER A 89 38.13 -7.73 28.57
N ASP A 90 37.60 -6.81 29.38
CA ASP A 90 36.62 -7.14 30.40
C ASP A 90 35.21 -7.18 29.77
N SER A 91 35.08 -6.79 28.50
CA SER A 91 33.80 -6.79 27.79
C SER A 91 33.82 -7.72 26.58
N LEU A 92 32.64 -8.26 26.28
CA LEU A 92 32.35 -8.96 25.05
C LEU A 92 31.54 -8.06 24.13
N ALA A 93 32.11 -7.68 22.98
CA ALA A 93 31.44 -6.71 22.14
C ALA A 93 31.06 -7.38 20.82
N VAL A 94 30.08 -6.78 20.14
CA VAL A 94 29.62 -7.29 18.85
C VAL A 94 30.60 -6.91 17.74
N ARG A 95 31.08 -5.66 17.75
CA ARG A 95 31.86 -5.10 16.64
C ARG A 95 33.34 -5.08 17.00
N ASP A 96 34.17 -4.73 16.01
CA ASP A 96 35.60 -4.54 16.20
C ASP A 96 35.81 -3.53 17.34
N LEU A 97 36.76 -3.83 18.23
CA LEU A 97 36.85 -3.10 19.49
C LEU A 97 37.12 -1.62 19.26
N PRO A 98 37.88 -1.20 18.21
CA PRO A 98 38.02 0.23 17.95
C PRO A 98 36.75 0.98 17.49
N ASP A 99 35.69 0.28 17.06
CA ASP A 99 34.43 0.93 16.76
C ASP A 99 33.85 1.62 17.99
N TYR A 100 34.20 1.16 19.20
CA TYR A 100 33.66 1.72 20.42
C TYR A 100 34.52 2.89 20.98
N LYS A 101 35.62 3.24 20.30
CA LYS A 101 36.32 4.52 20.47
C LYS A 101 36.78 4.71 21.91
N GLY A 102 37.27 3.63 22.55
CA GLY A 102 37.73 3.73 23.93
C GLY A 102 36.67 3.34 24.96
N ARG A 103 35.38 3.23 24.58
CA ARG A 103 34.36 2.83 25.54
C ARG A 103 34.54 1.38 25.93
N VAL A 104 35.18 0.55 25.09
CA VAL A 104 35.57 -0.79 25.50
C VAL A 104 37.08 -0.72 25.70
N SER A 105 37.55 -1.07 26.92
CA SER A 105 38.97 -1.18 27.23
C SER A 105 39.51 -2.54 26.81
N TYR A 106 40.75 -2.57 26.31
CA TYR A 106 41.39 -3.81 25.94
C TYR A 106 42.90 -3.62 25.98
N ASP A 107 43.63 -4.71 26.17
CA ASP A 107 45.06 -4.76 25.91
C ASP A 107 45.31 -5.61 24.67
N SER A 108 46.47 -5.39 24.05
CA SER A 108 46.83 -6.04 22.80
C SER A 108 48.15 -6.78 22.97
N PHE A 109 48.23 -7.99 22.42
CA PHE A 109 49.41 -8.83 22.53
C PHE A 109 49.77 -9.32 21.14
N PRO A 110 50.75 -8.68 20.46
CA PRO A 110 51.05 -9.02 19.07
C PRO A 110 51.48 -10.48 18.90
N ILE A 111 51.09 -11.07 17.76
CA ILE A 111 51.49 -12.39 17.32
C ILE A 111 52.02 -12.26 15.90
N SER A 112 53.22 -12.78 15.62
CA SER A 112 53.68 -12.88 14.24
C SER A 112 52.67 -13.64 13.42
N LYS A 113 52.49 -13.14 12.21
CA LYS A 113 51.47 -13.53 11.26
C LYS A 113 51.56 -15.02 10.91
N GLU A 114 52.78 -15.57 10.99
CA GLU A 114 53.03 -16.95 10.61
C GLU A 114 52.86 -17.87 11.80
N ASP A 115 52.83 -17.35 13.02
CA ASP A 115 52.61 -18.23 14.15
C ASP A 115 51.15 -18.72 14.19
N ARG A 116 50.93 -19.79 14.96
CA ARG A 116 49.61 -20.40 15.12
C ARG A 116 49.35 -20.75 16.58
N THR A 117 50.14 -20.21 17.49
CA THR A 117 49.87 -20.35 18.90
C THR A 117 50.37 -19.10 19.60
N THR A 118 49.89 -18.87 20.82
CA THR A 118 50.36 -17.75 21.61
C THR A 118 49.97 -17.97 23.06
N ALA A 119 50.74 -17.40 24.00
CA ALA A 119 50.40 -17.56 25.41
C ALA A 119 50.51 -16.23 26.13
N LEU A 120 49.72 -16.08 27.19
CA LEU A 120 49.78 -14.92 28.08
C LEU A 120 49.79 -15.45 29.50
N SER A 121 50.44 -14.74 30.43
CA SER A 121 50.32 -15.07 31.84
C SER A 121 48.91 -14.74 32.32
N ALA A 122 48.53 -15.35 33.43
CA ALA A 122 47.29 -15.02 34.12
C ALA A 122 47.28 -13.59 34.63
N ASP A 123 48.46 -13.07 34.99
CA ASP A 123 48.63 -11.70 35.44
C ASP A 123 48.36 -10.70 34.30
N SER A 124 48.76 -11.01 33.07
CA SER A 124 48.39 -10.21 31.91
C SER A 124 46.87 -10.14 31.78
N VAL A 125 46.20 -11.29 31.93
CA VAL A 125 44.77 -11.41 31.70
C VAL A 125 44.02 -10.61 32.78
N ALA A 126 44.58 -10.61 34.00
CA ALA A 126 44.10 -9.78 35.10
C ALA A 126 42.61 -10.00 35.34
N GLY A 127 42.18 -11.27 35.40
CA GLY A 127 40.81 -11.62 35.73
C GLY A 127 39.82 -11.55 34.56
N ARG A 128 40.24 -11.02 33.40
CA ARG A 128 39.32 -10.78 32.29
C ARG A 128 38.96 -12.11 31.62
N ARG A 129 37.81 -12.14 30.96
CA ARG A 129 37.26 -13.37 30.42
C ARG A 129 37.25 -13.40 28.89
N PHE A 130 37.46 -12.27 28.21
CA PHE A 130 37.11 -12.17 26.80
C PHE A 130 38.34 -11.89 25.95
N PHE A 131 38.57 -12.78 24.98
CA PHE A 131 39.78 -12.85 24.20
C PHE A 131 39.37 -12.72 22.76
N TYR A 132 40.10 -11.89 22.03
CA TYR A 132 39.85 -11.66 20.61
C TYR A 132 41.14 -11.98 19.85
N LEU A 133 41.05 -12.92 18.90
CA LEU A 133 42.10 -13.14 17.91
C LEU A 133 41.83 -12.18 16.77
N ALA A 134 42.69 -11.15 16.62
CA ALA A 134 42.45 -10.02 15.73
C ALA A 134 43.61 -9.86 14.75
N ALA A 135 43.37 -9.08 13.68
CA ALA A 135 44.34 -8.91 12.63
C ALA A 135 44.37 -7.44 12.18
N ASP A 136 45.56 -6.98 11.80
CA ASP A 136 45.69 -5.74 11.03
C ASP A 136 45.66 -6.13 9.57
N ILE A 137 44.91 -5.39 8.77
CA ILE A 137 44.77 -5.71 7.35
C ILE A 137 45.77 -4.85 6.60
N GLY A 138 46.40 -5.47 5.59
CA GLY A 138 47.39 -4.81 4.75
C GLY A 138 46.77 -3.96 3.63
N PRO A 139 47.61 -3.42 2.73
CA PRO A 139 47.15 -2.70 1.56
C PRO A 139 46.83 -3.73 0.47
N VAL A 140 45.64 -4.32 0.54
CA VAL A 140 45.24 -5.35 -0.38
C VAL A 140 44.59 -4.73 -1.62
N ALA A 141 44.70 -5.40 -2.77
CA ALA A 141 44.21 -4.88 -4.04
C ALA A 141 43.36 -5.91 -4.80
N SER A 142 42.70 -6.82 -4.08
CA SER A 142 41.78 -7.76 -4.70
C SER A 142 40.54 -7.94 -3.81
N PHE A 143 39.36 -7.78 -4.43
CA PHE A 143 38.10 -7.65 -3.71
C PHE A 143 36.97 -8.50 -4.31
N SER A 144 37.29 -9.65 -4.91
CA SER A 144 36.27 -10.58 -5.37
C SER A 144 35.49 -11.18 -4.18
N ARG A 145 34.59 -12.13 -4.44
CA ARG A 145 33.80 -12.76 -3.38
C ARG A 145 34.60 -13.87 -2.67
N SER A 146 35.67 -14.36 -3.29
CA SER A 146 36.58 -15.32 -2.66
C SER A 146 37.65 -14.61 -1.81
N ASP A 147 37.64 -13.28 -1.77
CA ASP A 147 38.53 -12.53 -0.89
C ASP A 147 37.80 -12.31 0.42
N THR A 148 37.85 -13.35 1.28
CA THR A 148 37.29 -13.27 2.61
C THR A 148 38.32 -13.73 3.64
N LEU A 149 38.34 -13.07 4.78
CA LEU A 149 39.30 -13.40 5.81
C LEU A 149 38.67 -14.40 6.78
N THR A 150 39.49 -15.33 7.29
CA THR A 150 38.99 -16.28 8.25
C THR A 150 40.13 -16.73 9.17
N ALA A 151 39.70 -17.32 10.29
CA ALA A 151 40.53 -18.02 11.26
C ALA A 151 39.62 -18.88 12.13
N ARG A 152 40.23 -19.74 12.93
CA ARG A 152 39.49 -20.61 13.81
C ARG A 152 40.34 -20.90 15.04
N VAL A 153 39.78 -20.67 16.23
CA VAL A 153 40.44 -21.06 17.45
C VAL A 153 40.26 -22.57 17.64
N GLU A 154 41.40 -23.26 17.78
CA GLU A 154 41.49 -24.71 17.69
C GLU A 154 41.65 -25.30 19.09
N GLU A 155 42.29 -24.57 19.99
CA GLU A 155 42.59 -25.06 21.31
C GLU A 155 42.79 -23.86 22.21
N LEU A 156 42.33 -24.02 23.44
CA LEU A 156 42.63 -23.10 24.51
C LEU A 156 42.96 -23.96 25.73
N ALA A 157 44.13 -23.74 26.30
CA ALA A 157 44.65 -24.59 27.34
C ALA A 157 45.08 -23.70 28.49
N VAL A 158 44.70 -24.06 29.72
CA VAL A 158 45.21 -23.34 30.88
C VAL A 158 46.22 -24.24 31.61
N ASP A 159 47.45 -23.71 31.78
CA ASP A 159 48.56 -24.43 32.40
C ASP A 159 48.65 -25.85 31.84
N GLY A 160 48.63 -25.99 30.50
CA GLY A 160 48.81 -27.27 29.85
C GLY A 160 47.51 -28.02 29.58
N ARG A 161 46.44 -27.71 30.31
CA ARG A 161 45.20 -28.49 30.26
C ARG A 161 44.21 -27.90 29.26
N PRO A 162 43.90 -28.56 28.13
CA PRO A 162 42.88 -28.07 27.20
C PRO A 162 41.54 -27.85 27.87
N LEU A 163 40.84 -26.79 27.47
CA LEU A 163 39.47 -26.55 27.89
C LEU A 163 38.55 -27.04 26.78
N PRO A 164 37.33 -27.48 27.12
CA PRO A 164 36.30 -27.72 26.11
C PRO A 164 35.88 -26.42 25.43
N LEU A 165 35.67 -26.48 24.10
CA LEU A 165 35.37 -25.34 23.24
C LEU A 165 34.03 -25.51 22.54
N LYS A 166 33.22 -24.44 22.47
CA LYS A 166 32.02 -24.46 21.66
C LYS A 166 32.05 -23.30 20.68
N GLU A 167 32.11 -23.61 19.38
CA GLU A 167 32.08 -22.62 18.31
C GLU A 167 30.65 -22.42 17.84
N LEU A 168 30.16 -21.19 17.96
CA LEU A 168 28.78 -20.87 17.64
C LEU A 168 28.64 -20.37 16.21
N SER A 169 29.71 -19.84 15.61
CA SER A 169 29.63 -19.22 14.29
C SER A 169 31.03 -19.23 13.67
N PRO A 170 31.17 -19.30 12.32
CA PRO A 170 32.48 -19.32 11.69
C PRO A 170 32.88 -17.92 11.28
N ALA A 171 34.19 -17.70 11.18
CA ALA A 171 34.71 -16.41 10.76
C ALA A 171 34.68 -16.32 9.23
N SER A 172 34.09 -15.24 8.70
CA SER A 172 34.07 -15.01 7.27
C SER A 172 33.86 -13.53 7.00
N ARG A 173 34.96 -12.78 6.82
CA ARG A 173 34.93 -11.33 6.66
C ARG A 173 35.26 -10.97 5.21
N ARG A 174 34.30 -10.39 4.50
CA ARG A 174 34.49 -10.00 3.11
C ARG A 174 35.25 -8.69 3.01
N LEU A 175 36.17 -8.63 2.04
CA LEU A 175 36.95 -7.44 1.74
C LEU A 175 36.18 -6.50 0.80
N TYR A 176 36.07 -5.23 1.22
CA TYR A 176 35.55 -4.15 0.40
C TYR A 176 36.60 -3.05 0.31
N ARG A 177 36.37 -2.07 -0.59
CA ARG A 177 37.30 -0.98 -0.77
C ARG A 177 37.24 -0.03 0.41
N GLU A 178 36.03 0.19 0.95
CA GLU A 178 35.84 0.95 2.18
C GLU A 178 34.82 0.24 3.06
N TYR A 179 35.02 0.29 4.38
CA TYR A 179 34.06 -0.30 5.29
C TYR A 179 34.28 0.35 6.64
N GLU A 180 33.27 1.10 7.11
CA GLU A 180 33.41 1.87 8.32
C GLU A 180 32.06 2.14 8.96
N ALA A 181 31.95 1.77 10.24
CA ALA A 181 30.80 2.10 11.04
C ALA A 181 30.89 3.58 11.37
N LEU A 182 29.99 4.36 10.77
CA LEU A 182 29.97 5.79 10.92
C LEU A 182 29.30 6.18 12.23
N PHE A 183 28.34 5.40 12.67
CA PHE A 183 27.62 5.71 13.89
C PHE A 183 27.39 4.41 14.64
N VAL A 184 27.92 4.35 15.86
CA VAL A 184 27.93 3.16 16.68
C VAL A 184 27.25 3.51 18.00
N PRO A 185 26.39 2.62 18.53
CA PRO A 185 25.75 2.84 19.84
C PRO A 185 26.80 3.31 20.84
N GLY A 186 26.52 4.45 21.47
CA GLY A 186 27.40 5.01 22.49
C GLY A 186 28.19 6.20 21.97
N ASP A 187 28.29 6.34 20.63
CA ASP A 187 29.07 7.42 20.05
C ASP A 187 28.42 8.76 20.43
N GLY A 188 29.26 9.68 20.89
CA GLY A 188 28.86 11.04 21.22
C GLY A 188 27.85 11.09 22.36
N GLY A 189 27.80 10.04 23.19
CA GLY A 189 26.85 9.99 24.28
C GLY A 189 25.47 9.44 23.89
N SER A 190 25.20 9.25 22.58
CA SER A 190 23.91 8.71 22.17
C SER A 190 23.87 7.18 22.26
N ARG A 191 22.83 6.64 22.90
CA ARG A 191 22.72 5.20 23.09
C ARG A 191 22.45 4.44 21.78
N ASN A 192 21.76 5.10 20.82
CA ASN A 192 21.30 4.44 19.61
C ASN A 192 21.43 5.36 18.39
N TYR A 193 21.50 4.71 17.23
CA TYR A 193 21.47 5.34 15.92
C TYR A 193 20.58 4.49 15.02
N ARG A 194 19.80 5.15 14.17
CA ARG A 194 18.96 4.48 13.18
C ARG A 194 18.79 5.41 11.98
N ILE A 195 18.33 4.84 10.85
CA ILE A 195 17.73 5.57 9.76
C ILE A 195 18.80 6.27 8.94
N PRO A 196 19.54 5.51 8.10
CA PRO A 196 20.61 6.10 7.29
C PRO A 196 20.14 6.86 6.05
N ALA A 197 20.82 7.98 5.78
CA ALA A 197 20.70 8.67 4.51
C ALA A 197 22.09 9.03 4.04
N ILE A 198 22.32 8.88 2.72
CA ILE A 198 23.58 9.23 2.11
C ILE A 198 23.30 10.02 0.84
N LEU A 199 24.24 10.93 0.52
CA LEU A 199 24.15 11.84 -0.63
C LEU A 199 25.56 12.15 -1.13
N LYS A 200 25.77 11.99 -2.44
CA LYS A 200 26.96 12.50 -3.10
C LYS A 200 26.57 13.77 -3.87
N THR A 201 27.33 14.86 -3.67
CA THR A 201 27.07 16.12 -4.37
C THR A 201 27.70 16.04 -5.76
N ALA A 202 27.36 17.03 -6.62
CA ALA A 202 28.01 17.15 -7.93
C ALA A 202 29.52 17.33 -7.77
N ASN A 203 29.95 18.01 -6.70
CA ASN A 203 31.37 18.23 -6.49
C ASN A 203 32.06 17.07 -5.76
N GLY A 204 31.38 15.93 -5.52
CA GLY A 204 32.02 14.74 -4.95
C GLY A 204 31.95 14.63 -3.43
N THR A 205 31.35 15.60 -2.73
CA THR A 205 31.21 15.51 -1.29
C THR A 205 30.17 14.43 -0.95
N LEU A 206 30.50 13.58 0.03
CA LEU A 206 29.56 12.62 0.58
C LEU A 206 29.03 13.15 1.90
N ILE A 207 27.72 13.03 2.08
CA ILE A 207 27.05 13.40 3.31
C ILE A 207 26.32 12.16 3.84
N ALA A 208 26.53 11.85 5.12
CA ALA A 208 25.83 10.74 5.75
C ALA A 208 25.06 11.31 6.93
N MET A 209 23.76 10.99 7.04
CA MET A 209 22.96 11.46 8.17
C MET A 209 22.24 10.30 8.83
N ALA A 210 21.76 10.59 10.05
CA ALA A 210 21.17 9.57 10.89
C ALA A 210 20.32 10.22 11.98
N ASP A 211 19.35 9.44 12.47
CA ASP A 211 18.68 9.76 13.71
C ASP A 211 19.63 9.44 14.87
N ARG A 212 19.90 10.46 15.68
CA ARG A 212 20.60 10.29 16.93
C ARG A 212 19.56 9.96 18.00
N ARG A 213 19.37 8.67 18.27
CA ARG A 213 18.28 8.24 19.11
C ARG A 213 18.83 8.10 20.52
N LYS A 214 18.85 9.20 21.24
CA LYS A 214 19.86 9.39 22.27
C LYS A 214 19.52 8.60 23.54
N TYR A 215 18.23 8.51 23.90
CA TYR A 215 17.88 7.89 25.17
C TYR A 215 17.33 6.48 25.01
N ASN A 216 16.90 6.08 23.80
CA ASN A 216 16.37 4.74 23.54
C ASN A 216 16.27 4.52 22.02
N GLN A 217 15.84 3.33 21.61
CA GLN A 217 15.87 2.93 20.21
C GLN A 217 14.64 3.38 19.40
N THR A 218 13.67 4.02 20.07
CA THR A 218 12.31 4.21 19.56
C THR A 218 12.19 5.50 18.77
N ASP A 219 11.33 5.44 17.72
CA ASP A 219 11.07 6.55 16.81
C ASP A 219 10.33 7.66 17.58
N LEU A 220 10.10 8.78 16.87
CA LEU A 220 9.17 9.81 17.28
C LEU A 220 7.92 9.14 17.88
N PRO A 221 7.41 9.54 19.07
CA PRO A 221 7.66 10.86 19.67
C PRO A 221 8.88 11.04 20.59
N GLU A 222 9.77 10.02 20.64
CA GLU A 222 11.01 10.12 21.38
C GLU A 222 11.82 11.34 20.95
N ASP A 223 12.73 11.74 21.84
CA ASP A 223 13.63 12.87 21.65
C ASP A 223 14.78 12.42 20.75
N ILE A 224 14.91 13.04 19.57
CA ILE A 224 15.81 12.56 18.55
C ILE A 224 16.44 13.77 17.87
N ASP A 225 17.76 13.68 17.64
CA ASP A 225 18.43 14.70 16.87
C ASP A 225 18.73 14.10 15.51
N ILE A 226 18.94 14.96 14.53
CA ILE A 226 19.58 14.59 13.28
C ILE A 226 21.07 14.96 13.37
N VAL A 227 21.93 13.97 13.06
CA VAL A 227 23.37 14.11 13.11
C VAL A 227 23.92 13.75 11.73
N MET A 228 25.04 14.39 11.34
CA MET A 228 25.69 14.08 10.07
C MET A 228 27.20 13.90 10.20
N ARG A 229 27.76 13.28 9.16
CA ARG A 229 29.18 13.31 8.87
C ARG A 229 29.34 13.60 7.40
N ARG A 230 30.56 13.96 7.03
CA ARG A 230 30.91 14.47 5.72
C ARG A 230 32.25 13.84 5.36
N SER A 231 32.36 13.35 4.12
CA SER A 231 33.64 12.91 3.54
C SER A 231 33.90 13.74 2.29
N THR A 232 35.14 14.23 2.13
CA THR A 232 35.56 14.90 0.90
C THR A 232 36.64 14.13 0.17
N ASP A 233 36.86 12.86 0.54
CA ASP A 233 37.85 12.02 -0.12
C ASP A 233 37.23 10.67 -0.53
N GLY A 234 35.98 10.70 -1.01
CA GLY A 234 35.33 9.49 -1.49
C GLY A 234 35.02 8.45 -0.41
N GLY A 235 34.95 8.87 0.86
CA GLY A 235 34.52 7.96 1.92
C GLY A 235 35.68 7.26 2.62
N LYS A 236 36.92 7.70 2.35
CA LYS A 236 38.08 7.20 3.08
C LYS A 236 38.11 7.71 4.50
N SER A 237 37.73 8.98 4.72
CA SER A 237 37.68 9.56 6.04
C SER A 237 36.46 10.46 6.17
N TRP A 238 36.00 10.59 7.40
CA TRP A 238 34.77 11.28 7.71
C TRP A 238 35.02 12.25 8.85
N SER A 239 34.45 13.46 8.70
CA SER A 239 34.47 14.48 9.74
C SER A 239 33.75 13.94 10.97
N ASP A 240 34.00 14.53 12.13
CA ASP A 240 33.35 14.13 13.36
C ASP A 240 31.84 14.34 13.24
N PRO A 241 31.03 13.48 13.91
CA PRO A 241 29.59 13.66 13.93
C PRO A 241 29.24 15.05 14.43
N ARG A 242 28.28 15.71 13.76
CA ARG A 242 27.77 17.02 14.17
C ARG A 242 26.25 17.03 14.12
N ILE A 243 25.63 17.34 15.26
CA ILE A 243 24.18 17.51 15.34
C ILE A 243 23.80 18.74 14.53
N ILE A 244 22.92 18.60 13.53
CA ILE A 244 22.51 19.75 12.74
C ILE A 244 21.04 20.11 12.98
N VAL A 245 20.24 19.19 13.53
CA VAL A 245 18.90 19.53 13.95
C VAL A 245 18.71 18.93 15.33
N GLN A 246 18.66 19.83 16.31
CA GLN A 246 18.57 19.53 17.71
C GLN A 246 17.14 19.19 18.11
N GLY A 247 16.97 17.99 18.66
CA GLY A 247 15.75 17.62 19.36
C GLY A 247 15.66 18.29 20.72
N GLU A 248 14.56 18.99 20.97
CA GLU A 248 14.37 19.78 22.18
C GLU A 248 13.51 19.02 23.20
N GLY A 249 13.58 17.68 23.20
CA GLY A 249 12.84 16.85 24.14
C GLY A 249 11.77 16.01 23.46
N ARG A 250 11.09 15.14 24.23
CA ARG A 250 9.94 14.35 23.76
C ARG A 250 8.91 15.22 23.06
N ASN A 251 8.44 14.73 21.91
CA ASN A 251 7.46 15.44 21.08
C ASN A 251 8.08 16.67 20.42
N HIS A 252 9.40 16.87 20.55
CA HIS A 252 10.10 17.91 19.80
C HIS A 252 11.38 17.33 19.19
N GLY A 253 11.38 16.01 18.94
CA GLY A 253 12.41 15.32 18.17
C GLY A 253 12.27 15.58 16.67
N PHE A 254 13.36 15.36 15.93
CA PHE A 254 13.37 15.40 14.47
C PHE A 254 14.01 14.10 13.99
N GLY A 255 13.69 13.68 12.74
CA GLY A 255 14.18 12.42 12.22
C GLY A 255 13.64 12.07 10.85
N ASP A 256 14.10 10.92 10.32
CA ASP A 256 13.64 10.38 9.06
C ASP A 256 14.06 11.31 7.93
N VAL A 257 15.39 11.39 7.78
CA VAL A 257 16.01 12.32 6.86
C VAL A 257 16.03 11.73 5.47
N ALA A 258 15.72 12.57 4.48
CA ALA A 258 15.99 12.24 3.09
C ALA A 258 16.72 13.39 2.42
N LEU A 259 17.55 13.05 1.42
CA LEU A 259 18.50 14.01 0.87
C LEU A 259 18.38 14.06 -0.66
N VAL A 260 18.48 15.30 -1.19
CA VAL A 260 18.76 15.54 -2.59
C VAL A 260 19.75 16.69 -2.74
N GLN A 261 20.39 16.75 -3.91
CA GLN A 261 20.96 17.98 -4.42
C GLN A 261 20.15 18.48 -5.62
N THR A 262 19.66 19.74 -5.53
CA THR A 262 18.81 20.33 -6.55
C THR A 262 19.64 20.64 -7.78
N GLN A 263 19.00 20.98 -8.92
CA GLN A 263 19.72 21.16 -10.17
C GLN A 263 20.52 22.47 -10.13
N ALA A 264 20.08 23.44 -9.30
CA ALA A 264 20.84 24.67 -9.12
C ALA A 264 21.92 24.52 -8.05
N GLY A 265 22.14 23.29 -7.55
CA GLY A 265 23.33 22.95 -6.77
C GLY A 265 23.09 22.95 -5.26
N LYS A 266 21.99 23.53 -4.80
CA LYS A 266 21.65 23.53 -3.39
C LYS A 266 21.40 22.10 -2.90
N LEU A 267 21.77 21.84 -1.63
CA LEU A 267 21.52 20.58 -0.95
C LEU A 267 20.22 20.73 -0.19
N LEU A 268 19.33 19.73 -0.27
CA LEU A 268 18.04 19.80 0.40
C LEU A 268 17.84 18.54 1.23
N MET A 269 17.58 18.75 2.53
CA MET A 269 17.15 17.69 3.41
C MET A 269 15.69 17.94 3.77
N ILE A 270 14.94 16.84 3.79
CA ILE A 270 13.55 16.82 4.24
C ILE A 270 13.50 15.81 5.38
N PHE A 271 12.65 16.08 6.36
CA PHE A 271 12.57 15.25 7.55
C PHE A 271 11.27 15.57 8.29
N VAL A 272 11.00 14.82 9.37
CA VAL A 272 9.81 15.03 10.16
C VAL A 272 10.22 15.42 11.58
N GLY A 273 9.24 15.96 12.31
CA GLY A 273 9.41 16.43 13.68
C GLY A 273 8.12 16.31 14.48
N GLY A 274 8.27 16.01 15.77
CA GLY A 274 7.18 16.19 16.72
C GLY A 274 6.65 14.84 17.22
N VAL A 275 5.33 14.66 17.06
CA VAL A 275 4.61 13.53 17.59
C VAL A 275 4.81 12.32 16.66
N GLY A 276 4.52 11.11 17.17
CA GLY A 276 4.62 9.89 16.39
C GLY A 276 3.60 9.83 15.25
N LEU A 277 3.83 8.95 14.26
CA LEU A 277 3.09 8.96 13.01
C LEU A 277 1.59 8.74 13.29
N TRP A 278 1.27 7.83 14.21
CA TRP A 278 -0.11 7.44 14.44
C TRP A 278 -0.74 8.28 15.54
N GLN A 279 0.02 9.24 16.10
CA GLN A 279 -0.52 10.23 17.03
C GLN A 279 -0.82 11.51 16.28
N SER A 280 -0.38 11.59 15.01
CA SER A 280 -0.53 12.80 14.21
C SER A 280 -2.02 13.03 13.92
N THR A 281 -2.45 14.31 13.98
CA THR A 281 -3.80 14.75 13.63
C THR A 281 -3.69 15.96 12.69
N PRO A 282 -4.78 16.37 11.97
CA PRO A 282 -4.72 17.58 11.14
C PRO A 282 -4.61 18.85 12.00
N ASP A 283 -4.75 18.65 13.31
CA ASP A 283 -4.79 19.70 14.31
C ASP A 283 -3.43 19.82 15.01
N ARG A 284 -2.95 18.71 15.61
CA ARG A 284 -1.59 18.54 16.14
C ARG A 284 -0.81 17.61 15.21
N PRO A 285 -0.33 18.08 14.04
CA PRO A 285 0.41 17.20 13.11
C PRO A 285 1.87 16.90 13.44
N GLN A 286 2.34 15.72 13.01
CA GLN A 286 3.74 15.46 12.70
C GLN A 286 4.12 16.29 11.48
N ARG A 287 5.06 17.22 11.69
CA ARG A 287 5.39 18.21 10.68
C ARG A 287 6.51 17.69 9.79
N THR A 288 6.43 18.04 8.52
CA THR A 288 7.52 17.84 7.58
C THR A 288 8.29 19.16 7.47
N TYR A 289 9.62 19.08 7.56
CA TYR A 289 10.45 20.26 7.36
C TYR A 289 11.47 20.02 6.26
N ILE A 290 11.91 21.13 5.67
CA ILE A 290 13.02 21.13 4.75
C ILE A 290 14.07 22.11 5.25
N SER A 291 15.26 21.99 4.68
CA SER A 291 16.41 22.79 5.04
C SER A 291 17.42 22.61 3.93
N GLY A 292 18.13 23.70 3.61
CA GLY A 292 19.06 23.71 2.49
C GLY A 292 20.47 24.04 2.96
N SER A 293 21.45 23.77 2.09
CA SER A 293 22.85 24.04 2.35
C SER A 293 23.49 24.44 1.03
N ARG A 294 24.29 25.51 1.05
CA ARG A 294 24.97 25.95 -0.15
C ARG A 294 26.48 25.70 -0.06
N ASP A 295 26.95 25.05 1.02
CA ASP A 295 28.37 24.80 1.22
C ASP A 295 28.61 23.30 1.37
N GLU A 296 28.05 22.52 0.45
CA GLU A 296 28.30 21.10 0.40
C GLU A 296 27.99 20.47 1.76
N GLY A 297 26.99 21.02 2.45
CA GLY A 297 26.40 20.38 3.62
C GLY A 297 27.08 20.75 4.93
N LEU A 298 27.95 21.76 4.96
CA LEU A 298 28.56 22.16 6.20
C LEU A 298 27.53 22.86 7.10
N THR A 299 26.79 23.82 6.52
CA THR A 299 25.81 24.58 7.28
C THR A 299 24.47 24.48 6.56
N TRP A 300 23.41 24.61 7.35
CA TRP A 300 22.06 24.33 6.92
C TRP A 300 21.13 25.48 7.32
N SER A 301 20.33 25.96 6.36
CA SER A 301 19.31 26.96 6.64
C SER A 301 18.44 26.51 7.81
N PRO A 302 17.82 27.43 8.58
CA PRO A 302 16.93 27.00 9.65
C PRO A 302 15.72 26.27 9.05
N PRO A 303 15.20 25.22 9.73
CA PRO A 303 14.23 24.30 9.12
C PRO A 303 12.84 24.89 8.91
N ARG A 304 12.40 24.92 7.65
CA ARG A 304 11.15 25.56 7.25
C ARG A 304 10.04 24.51 7.23
N ASP A 305 8.97 24.76 8.00
CA ASP A 305 7.81 23.89 8.07
C ASP A 305 6.97 23.98 6.79
N ILE A 306 6.90 22.88 6.01
CA ILE A 306 6.14 22.83 4.77
C ILE A 306 4.92 21.91 4.91
N THR A 307 4.45 21.71 6.13
CA THR A 307 3.33 20.82 6.39
C THR A 307 2.06 21.34 5.69
N HIS A 308 1.90 22.67 5.69
CA HIS A 308 0.71 23.34 5.17
C HIS A 308 0.48 22.99 3.69
N PHE A 309 1.55 22.70 2.94
CA PHE A 309 1.40 22.31 1.54
C PHE A 309 0.84 20.89 1.37
N ILE A 310 0.82 20.07 2.43
CA ILE A 310 0.58 18.64 2.30
C ILE A 310 -0.79 18.26 2.86
N PHE A 311 -1.06 18.65 4.11
CA PHE A 311 -2.25 18.24 4.81
C PHE A 311 -2.43 19.14 6.02
N GLY A 312 -3.57 18.96 6.71
CA GLY A 312 -3.81 19.54 8.03
C GLY A 312 -4.49 20.90 7.97
N LYS A 313 -4.66 21.50 9.16
CA LYS A 313 -5.51 22.66 9.36
C LYS A 313 -5.01 23.86 8.55
N ASP A 314 -3.75 23.84 8.09
CA ASP A 314 -3.19 24.95 7.33
C ASP A 314 -3.21 24.63 5.84
N CYS A 315 -3.64 23.42 5.45
CA CYS A 315 -3.61 23.08 4.03
C CYS A 315 -4.66 23.90 3.28
N ALA A 316 -4.33 24.28 2.04
CA ALA A 316 -5.28 24.91 1.12
C ALA A 316 -6.46 23.96 0.89
N ASP A 317 -6.22 22.92 0.07
CA ASP A 317 -7.18 21.88 -0.25
C ASP A 317 -7.99 21.53 1.00
N PRO A 318 -9.34 21.54 0.95
CA PRO A 318 -10.15 21.22 2.13
C PRO A 318 -10.11 19.73 2.49
N GLY A 319 -10.08 18.85 1.47
CA GLY A 319 -9.93 17.42 1.68
C GLY A 319 -8.68 17.10 2.50
N ARG A 320 -7.52 17.43 1.94
CA ARG A 320 -6.26 17.13 2.60
C ARG A 320 -6.22 17.80 3.97
N SER A 321 -7.03 18.85 4.16
CA SER A 321 -7.02 19.62 5.40
C SER A 321 -7.46 18.78 6.61
N ARG A 322 -8.05 17.60 6.39
CA ARG A 322 -8.42 16.72 7.49
C ARG A 322 -7.71 15.36 7.41
N TRP A 323 -6.79 15.18 6.46
CA TRP A 323 -5.80 14.11 6.55
C TRP A 323 -5.00 14.24 7.84
N LEU A 324 -4.38 13.12 8.26
CA LEU A 324 -3.83 13.01 9.61
C LEU A 324 -2.30 13.16 9.64
N ALA A 325 -1.56 12.54 8.71
CA ALA A 325 -0.13 12.33 8.89
C ALA A 325 0.54 12.17 7.53
N SER A 326 1.81 12.64 7.45
CA SER A 326 2.66 12.46 6.28
C SER A 326 4.13 12.34 6.72
N PHE A 327 4.84 11.39 6.10
CA PHE A 327 6.29 11.32 6.20
C PHE A 327 6.86 10.87 4.86
N CYS A 328 7.95 11.52 4.42
CA CYS A 328 8.70 11.06 3.25
C CYS A 328 9.67 9.98 3.68
N ALA A 329 9.93 9.05 2.77
CA ALA A 329 10.80 7.93 3.07
C ALA A 329 12.23 8.45 3.25
N SER A 330 12.84 8.10 4.40
CA SER A 330 14.24 8.33 4.69
C SER A 330 15.13 7.71 3.62
N GLY A 331 16.24 8.39 3.35
CA GLY A 331 17.24 7.97 2.40
C GLY A 331 17.49 9.09 1.40
N GLN A 332 17.09 8.85 0.13
CA GLN A 332 17.15 9.88 -0.89
C GLN A 332 15.81 10.06 -1.61
N GLY A 333 15.64 11.28 -2.12
CA GLY A 333 14.63 11.63 -3.11
C GLY A 333 15.20 11.49 -4.52
N LEU A 334 14.64 12.27 -5.44
CA LEU A 334 15.07 12.21 -6.82
C LEU A 334 14.78 13.58 -7.43
N VAL A 335 15.77 14.07 -8.20
CA VAL A 335 15.69 15.33 -8.91
C VAL A 335 15.80 15.00 -10.40
N LEU A 336 14.78 15.42 -11.15
CA LEU A 336 14.68 15.08 -12.56
C LEU A 336 15.55 16.04 -13.38
N PRO A 337 15.98 15.67 -14.62
CA PRO A 337 16.57 16.63 -15.56
C PRO A 337 15.85 17.98 -15.63
N SER A 338 14.52 17.96 -15.64
CA SER A 338 13.71 19.17 -15.62
C SER A 338 14.02 20.09 -14.45
N GLY A 339 14.57 19.54 -13.36
CA GLY A 339 14.77 20.29 -12.13
C GLY A 339 13.72 20.00 -11.07
N ARG A 340 12.78 19.11 -11.38
CA ARG A 340 11.73 18.73 -10.44
C ARG A 340 12.34 17.91 -9.29
N ILE A 341 11.99 18.31 -8.06
CA ILE A 341 12.48 17.71 -6.83
C ILE A 341 11.37 16.84 -6.25
N MET A 342 11.65 15.56 -6.03
CA MET A 342 10.62 14.63 -5.54
C MET A 342 11.11 13.76 -4.39
N PHE A 343 10.22 13.64 -3.40
CA PHE A 343 10.21 12.60 -2.38
C PHE A 343 8.83 11.92 -2.36
N VAL A 344 8.77 10.60 -2.18
CA VAL A 344 7.49 9.94 -1.97
C VAL A 344 7.09 10.03 -0.50
N ALA A 345 5.92 10.65 -0.24
CA ALA A 345 5.31 10.68 1.07
C ALA A 345 4.43 9.46 1.24
N ALA A 346 4.36 8.93 2.46
CA ALA A 346 3.33 7.98 2.82
C ALA A 346 2.38 8.70 3.75
N ILE A 347 1.10 8.74 3.36
CA ILE A 347 0.12 9.63 3.99
C ILE A 347 -1.01 8.83 4.62
N ARG A 348 -1.40 9.24 5.82
CA ARG A 348 -2.58 8.70 6.47
C ARG A 348 -3.75 9.65 6.22
N GLU A 349 -4.70 9.19 5.40
CA GLU A 349 -5.84 9.98 4.96
C GLU A 349 -7.00 9.89 5.95
N SER A 350 -7.03 8.83 6.77
CA SER A 350 -8.18 8.52 7.60
C SER A 350 -7.73 8.04 8.98
N GLY A 351 -8.36 8.58 10.05
CA GLY A 351 -8.20 8.07 11.41
C GLY A 351 -9.01 6.79 11.66
N GLN A 352 -9.77 6.36 10.65
CA GLN A 352 -10.61 5.18 10.71
C GLN A 352 -9.73 3.93 10.76
N GLU A 353 -8.55 4.02 10.14
CA GLU A 353 -7.74 2.86 9.87
C GLU A 353 -6.27 3.26 10.01
N TYR A 354 -5.37 2.28 9.90
CA TYR A 354 -3.93 2.46 10.06
C TYR A 354 -3.27 2.03 8.77
N VAL A 355 -3.53 2.79 7.70
CA VAL A 355 -3.13 2.47 6.34
C VAL A 355 -2.49 3.72 5.74
N LEU A 356 -1.48 3.52 4.90
CA LEU A 356 -0.81 4.65 4.27
C LEU A 356 -1.00 4.54 2.76
N ASN A 357 -1.11 5.71 2.12
CA ASN A 357 -1.12 5.78 0.68
C ASN A 357 0.02 6.71 0.26
N ASN A 358 0.68 6.31 -0.83
CA ASN A 358 1.83 7.01 -1.35
C ASN A 358 1.39 8.11 -2.31
N TYR A 359 1.94 9.32 -2.11
CA TYR A 359 1.90 10.39 -3.08
C TYR A 359 3.30 10.96 -3.27
N VAL A 360 3.73 11.20 -4.50
CA VAL A 360 4.93 11.97 -4.77
C VAL A 360 4.78 13.42 -4.30
N LEU A 361 5.74 13.88 -3.50
CA LEU A 361 5.82 15.26 -3.03
C LEU A 361 6.93 15.96 -3.82
N TYR A 362 6.54 17.04 -4.53
CA TYR A 362 7.44 17.61 -5.52
C TYR A 362 7.38 19.13 -5.50
N SER A 363 8.43 19.71 -6.10
CA SER A 363 8.64 21.14 -6.16
C SER A 363 9.36 21.40 -7.48
N ASP A 364 8.78 22.28 -8.30
CA ASP A 364 9.39 22.67 -9.57
C ASP A 364 10.05 24.04 -9.44
N ASP A 365 10.02 24.67 -8.24
CA ASP A 365 10.59 25.98 -8.00
C ASP A 365 11.61 25.94 -6.84
N GLU A 366 12.57 25.02 -6.99
CA GLU A 366 13.71 24.87 -6.10
C GLU A 366 13.30 24.84 -4.63
N GLY A 367 12.12 24.27 -4.31
CA GLY A 367 11.73 24.06 -2.92
C GLY A 367 10.95 25.22 -2.31
N ASP A 368 10.69 26.26 -3.13
CA ASP A 368 9.86 27.39 -2.72
C ASP A 368 8.46 26.89 -2.39
N THR A 369 7.85 26.12 -3.30
CA THR A 369 6.52 25.57 -3.05
C THR A 369 6.46 24.07 -3.40
N TRP A 370 5.54 23.36 -2.74
CA TRP A 370 5.37 21.92 -2.89
C TRP A 370 3.92 21.52 -3.23
N GLN A 371 3.77 20.65 -4.24
CA GLN A 371 2.51 20.03 -4.61
C GLN A 371 2.59 18.51 -4.51
N LEU A 372 1.43 17.84 -4.40
CA LEU A 372 1.33 16.39 -4.38
C LEU A 372 0.91 15.85 -5.74
N SER A 373 1.46 14.70 -6.12
CA SER A 373 1.03 13.99 -7.30
C SER A 373 -0.37 13.42 -7.11
N ASP A 374 -0.85 12.67 -8.11
CA ASP A 374 -1.94 11.74 -7.89
C ASP A 374 -1.44 10.65 -6.93
N CYS A 375 -2.38 9.94 -6.29
CA CYS A 375 -2.06 8.74 -5.52
C CYS A 375 -1.30 7.73 -6.40
N ALA A 376 -0.20 7.19 -5.85
CA ALA A 376 0.63 6.24 -6.60
C ALA A 376 0.43 4.80 -6.12
N TYR A 377 -0.02 4.62 -4.87
CA TYR A 377 -0.12 3.30 -4.26
C TYR A 377 -1.02 3.37 -3.04
N ARG A 378 -1.91 2.38 -2.94
CA ARG A 378 -2.75 2.22 -1.76
C ARG A 378 -2.17 1.10 -0.91
N ARG A 379 -2.33 1.26 0.40
CA ARG A 379 -1.75 0.34 1.39
C ARG A 379 -0.25 0.24 1.13
N GLY A 380 0.38 1.42 1.08
CA GLY A 380 1.81 1.48 0.79
C GLY A 380 2.59 1.82 2.04
N ASP A 381 3.85 2.18 1.83
CA ASP A 381 4.77 2.48 2.92
C ASP A 381 5.91 3.30 2.33
N GLU A 382 7.08 3.31 3.00
CA GLU A 382 8.25 4.02 2.53
C GLU A 382 8.55 3.61 1.09
N ALA A 383 8.64 4.62 0.20
CA ALA A 383 8.84 4.40 -1.23
C ALA A 383 9.96 5.29 -1.79
N LYS A 384 10.64 4.78 -2.82
CA LYS A 384 11.79 5.40 -3.43
C LYS A 384 11.54 5.55 -4.93
N LEU A 385 12.20 6.54 -5.55
CA LEU A 385 12.11 6.86 -6.97
C LEU A 385 13.47 6.69 -7.63
N SER A 386 13.46 6.30 -8.90
CA SER A 386 14.63 6.34 -9.76
C SER A 386 14.19 6.61 -11.20
N LEU A 387 15.09 7.17 -12.02
CA LEU A 387 14.78 7.59 -13.37
C LEU A 387 15.15 6.48 -14.34
N MET A 388 14.15 5.97 -15.06
CA MET A 388 14.40 4.92 -16.04
C MET A 388 15.18 5.53 -17.20
N PRO A 389 15.96 4.73 -17.96
CA PRO A 389 16.78 5.27 -19.06
C PRO A 389 15.97 5.95 -20.18
N ASP A 390 14.69 5.61 -20.28
CA ASP A 390 13.78 6.09 -21.32
C ASP A 390 12.95 7.26 -20.80
N GLY A 391 13.15 7.68 -19.55
CA GLY A 391 12.47 8.87 -19.05
C GLY A 391 11.35 8.56 -18.05
N ARG A 392 10.88 7.32 -18.07
CA ARG A 392 9.96 6.90 -17.03
C ARG A 392 10.59 6.98 -15.64
N VAL A 393 9.74 7.31 -14.65
CA VAL A 393 10.04 7.28 -13.23
C VAL A 393 9.55 5.95 -12.64
N LEU A 394 10.48 5.16 -12.07
CA LEU A 394 10.18 3.93 -11.35
C LEU A 394 10.01 4.22 -9.86
N MET A 395 8.90 3.72 -9.27
CA MET A 395 8.72 3.77 -7.83
C MET A 395 8.82 2.35 -7.25
N SER A 396 9.46 2.27 -6.07
CA SER A 396 9.69 1.04 -5.32
C SER A 396 9.09 1.23 -3.93
N ILE A 397 8.05 0.43 -3.63
CA ILE A 397 7.22 0.60 -2.45
C ILE A 397 7.44 -0.57 -1.48
N ARG A 398 7.65 -0.21 -0.21
CA ARG A 398 7.87 -1.17 0.85
C ARG A 398 6.57 -1.93 1.06
N ASN A 399 6.68 -3.25 1.19
CA ASN A 399 5.55 -4.11 1.47
C ASN A 399 5.26 -4.03 2.97
N GLN A 400 4.16 -3.35 3.35
CA GLN A 400 3.68 -3.36 4.74
C GLN A 400 2.58 -4.41 4.94
N GLY A 401 2.63 -5.11 6.07
CA GLY A 401 1.58 -6.05 6.44
C GLY A 401 1.65 -7.35 5.67
N ARG A 402 2.82 -7.68 5.13
CA ARG A 402 3.09 -8.94 4.44
C ARG A 402 2.01 -9.21 3.40
N GLN A 403 1.77 -8.21 2.53
CA GLN A 403 0.78 -8.30 1.46
C GLN A 403 1.23 -9.24 0.35
N GLU A 404 0.24 -9.87 -0.29
CA GLU A 404 0.41 -10.66 -1.50
C GLU A 404 1.43 -11.77 -1.24
N SER A 405 2.42 -11.92 -2.13
CA SER A 405 3.49 -12.87 -1.95
C SER A 405 4.67 -12.32 -1.13
N ARG A 406 4.51 -11.21 -0.41
CA ARG A 406 5.55 -10.55 0.39
C ARG A 406 6.69 -10.09 -0.50
N GLN A 407 6.34 -9.65 -1.72
CA GLN A 407 7.31 -9.12 -2.65
C GLN A 407 7.37 -7.60 -2.48
N ARG A 408 8.51 -7.03 -2.90
CA ARG A 408 8.61 -5.59 -3.06
C ARG A 408 7.63 -5.16 -4.18
N PHE A 409 6.89 -4.06 -3.95
CA PHE A 409 6.02 -3.49 -4.96
C PHE A 409 6.75 -2.43 -5.79
N PHE A 410 6.35 -2.34 -7.08
CA PHE A 410 6.86 -1.34 -8.02
C PHE A 410 5.72 -0.67 -8.79
N ALA A 411 5.93 0.61 -9.17
CA ALA A 411 5.03 1.36 -10.03
C ALA A 411 5.82 2.25 -11.00
N LEU A 412 5.23 2.56 -12.17
CA LEU A 412 5.84 3.38 -13.22
C LEU A 412 4.98 4.62 -13.52
N SER A 413 5.68 5.75 -13.79
CA SER A 413 5.09 7.00 -14.24
C SER A 413 5.70 7.40 -15.59
N SER A 414 4.83 7.82 -16.53
CA SER A 414 5.28 8.29 -17.83
C SER A 414 5.14 9.81 -17.95
N ASP A 415 4.76 10.49 -16.85
CA ASP A 415 4.64 11.94 -16.85
C ASP A 415 5.39 12.59 -15.68
N ASP A 416 6.65 12.15 -15.45
CA ASP A 416 7.53 12.77 -14.44
C ASP A 416 6.88 12.76 -13.05
N GLY A 417 6.21 11.66 -12.69
CA GLY A 417 5.82 11.43 -11.29
C GLY A 417 4.45 11.97 -10.89
N LEU A 418 3.63 12.38 -11.86
CA LEU A 418 2.29 12.89 -11.56
C LEU A 418 1.28 11.75 -11.36
N THR A 419 1.38 10.71 -12.20
CA THR A 419 0.44 9.60 -12.22
C THR A 419 1.21 8.30 -12.41
N TRP A 420 0.60 7.21 -11.94
CA TRP A 420 1.30 5.97 -11.68
C TRP A 420 0.43 4.79 -12.10
N GLU A 421 1.09 3.74 -12.54
CA GLU A 421 0.48 2.44 -12.71
C GLU A 421 1.39 1.37 -12.11
N ARG A 422 0.79 0.34 -11.51
CA ARG A 422 1.59 -0.74 -10.92
C ARG A 422 2.34 -1.46 -12.04
N ALA A 423 3.56 -1.92 -11.72
CA ALA A 423 4.46 -2.48 -12.71
C ALA A 423 4.98 -3.81 -12.17
N LYS A 424 4.12 -4.81 -12.33
CA LYS A 424 4.38 -6.14 -11.82
C LYS A 424 5.55 -6.76 -12.57
N GLN A 425 5.92 -6.20 -13.73
CA GLN A 425 7.05 -6.74 -14.47
C GLN A 425 8.35 -6.51 -13.69
N PHE A 426 8.39 -5.60 -12.71
CA PHE A 426 9.61 -5.38 -11.92
C PHE A 426 9.63 -6.24 -10.66
N GLU A 427 8.55 -6.97 -10.39
CA GLU A 427 8.46 -7.69 -9.13
C GLU A 427 9.20 -9.01 -9.31
N GLY A 428 9.60 -9.63 -8.21
CA GLY A 428 10.47 -10.80 -8.29
C GLY A 428 11.53 -10.86 -7.18
N ILE A 429 11.53 -9.84 -6.29
CA ILE A 429 12.41 -9.83 -5.13
C ILE A 429 11.54 -9.70 -3.88
N HIS A 430 11.97 -10.41 -2.83
CA HIS A 430 11.31 -10.42 -1.53
C HIS A 430 11.57 -9.12 -0.77
N ASP A 431 10.53 -8.62 -0.09
CA ASP A 431 10.62 -7.51 0.84
C ASP A 431 10.06 -7.94 2.19
N PRO A 432 10.92 -8.20 3.22
CA PRO A 432 10.44 -8.62 4.52
C PRO A 432 9.69 -7.51 5.24
N GLY A 433 9.75 -6.30 4.68
CA GLY A 433 9.05 -5.15 5.22
C GLY A 433 10.05 -4.12 5.72
N CYS A 434 10.81 -3.52 4.80
CA CYS A 434 11.98 -2.75 5.19
C CYS A 434 12.27 -1.67 4.15
N ASN A 435 12.81 -0.51 4.59
CA ASN A 435 13.29 0.54 3.70
C ASN A 435 14.53 0.04 2.95
N GLY A 436 14.68 0.51 1.71
CA GLY A 436 15.80 0.14 0.85
C GLY A 436 15.97 1.17 -0.25
N ALA A 437 16.88 0.92 -1.20
CA ALA A 437 17.21 1.96 -2.14
C ALA A 437 17.49 1.36 -3.51
N MET A 438 17.44 2.21 -4.54
CA MET A 438 17.80 1.73 -5.86
C MET A 438 18.65 2.77 -6.60
N LEU A 439 19.43 2.29 -7.57
CA LEU A 439 20.26 3.13 -8.40
C LEU A 439 20.17 2.60 -9.83
N GLN A 440 20.10 3.52 -10.79
CA GLN A 440 20.14 3.16 -12.20
C GLN A 440 21.59 3.07 -12.62
N VAL A 441 22.04 1.90 -13.04
CA VAL A 441 23.43 1.72 -13.45
C VAL A 441 23.43 1.20 -14.88
N LYS A 442 24.57 1.33 -15.56
CA LYS A 442 24.80 0.61 -16.80
C LYS A 442 25.90 -0.42 -16.50
N ARG A 443 25.65 -1.66 -16.89
CA ARG A 443 26.53 -2.78 -16.57
C ARG A 443 26.75 -3.54 -17.88
N ASN A 444 27.92 -3.35 -18.50
CA ASN A 444 28.30 -4.03 -19.74
C ASN A 444 27.38 -3.56 -20.86
N GLY A 445 27.21 -2.25 -20.99
CA GLY A 445 26.38 -1.65 -22.02
C GLY A 445 24.87 -1.82 -21.82
N ARG A 446 24.43 -2.38 -20.68
CA ARG A 446 23.00 -2.62 -20.42
C ARG A 446 22.49 -1.76 -19.27
N ASP A 447 21.28 -1.20 -19.41
CA ASP A 447 20.66 -0.45 -18.35
C ASP A 447 20.07 -1.44 -17.34
N GLN A 448 20.42 -1.25 -16.05
CA GLN A 448 19.99 -2.13 -14.97
C GLN A 448 19.59 -1.30 -13.75
N VAL A 449 18.83 -1.91 -12.84
CA VAL A 449 18.51 -1.32 -11.55
C VAL A 449 19.21 -2.14 -10.47
N LEU A 450 20.06 -1.46 -9.67
CA LEU A 450 20.57 -2.04 -8.44
C LEU A 450 19.57 -1.73 -7.33
N HIS A 451 19.18 -2.78 -6.59
CA HIS A 451 18.27 -2.63 -5.46
C HIS A 451 18.87 -3.28 -4.22
N SER A 452 18.79 -2.56 -3.09
CA SER A 452 19.21 -3.05 -1.80
C SER A 452 17.98 -3.30 -0.92
N LEU A 453 17.99 -4.44 -0.24
CA LEU A 453 16.99 -4.83 0.74
C LEU A 453 17.61 -5.95 1.57
N PRO A 454 17.09 -6.21 2.80
CA PRO A 454 17.48 -7.42 3.51
C PRO A 454 16.95 -8.63 2.75
N LEU A 455 17.76 -9.69 2.75
CA LEU A 455 17.39 -10.91 2.07
C LEU A 455 16.47 -11.75 2.95
N GLY A 456 17.07 -12.24 4.06
CA GLY A 456 16.84 -13.58 4.61
C GLY A 456 15.36 -13.58 4.79
N PRO A 457 14.66 -14.69 4.48
CA PRO A 457 13.22 -14.65 4.33
C PRO A 457 12.60 -14.12 5.63
N ASP A 458 11.72 -13.13 5.50
CA ASP A 458 10.75 -12.80 6.54
C ASP A 458 11.49 -12.36 7.81
N GLY A 459 12.53 -11.53 7.62
CA GLY A 459 13.30 -10.97 8.70
C GLY A 459 14.35 -10.01 8.18
N ARG A 460 14.78 -9.10 9.06
CA ARG A 460 15.82 -8.13 8.71
C ARG A 460 17.17 -8.77 8.94
N ARG A 461 17.60 -9.58 7.97
CA ARG A 461 18.91 -10.19 7.96
C ARG A 461 19.42 -10.26 6.53
N ASP A 462 20.75 -10.32 6.41
CA ASP A 462 21.53 -10.54 5.20
C ASP A 462 21.27 -9.41 4.20
N GLY A 463 21.92 -8.28 4.45
CA GLY A 463 21.78 -7.13 3.61
C GLY A 463 22.26 -7.47 2.20
N ALA A 464 21.37 -7.29 1.22
CA ALA A 464 21.60 -7.84 -0.10
C ALA A 464 21.41 -6.72 -1.13
N VAL A 465 22.06 -6.90 -2.29
CA VAL A 465 21.72 -6.10 -3.46
C VAL A 465 21.31 -7.04 -4.59
N TYR A 466 20.42 -6.56 -5.47
CA TYR A 466 20.08 -7.27 -6.68
C TYR A 466 20.19 -6.33 -7.89
N LEU A 467 20.49 -6.92 -9.06
CA LEU A 467 20.42 -6.23 -10.33
C LEU A 467 19.19 -6.67 -11.13
N PHE A 468 18.40 -5.69 -11.62
CA PHE A 468 17.28 -5.95 -12.50
C PHE A 468 17.64 -5.50 -13.92
N ASP A 469 17.70 -6.43 -14.87
CA ASP A 469 17.99 -6.10 -16.26
C ASP A 469 16.68 -5.69 -16.94
N HIS A 470 16.56 -4.41 -17.34
CA HIS A 470 15.35 -3.89 -17.97
C HIS A 470 15.01 -4.67 -19.24
N THR A 471 16.02 -4.91 -20.08
CA THR A 471 15.81 -5.39 -21.44
C THR A 471 15.36 -6.85 -21.38
N SER A 472 15.94 -7.63 -20.46
CA SER A 472 15.61 -9.03 -20.27
C SER A 472 14.48 -9.20 -19.26
N GLY A 473 14.21 -8.18 -18.44
CA GLY A 473 13.14 -8.22 -17.46
C GLY A 473 13.39 -9.20 -16.31
N ARG A 474 14.65 -9.57 -16.03
CA ARG A 474 14.98 -10.52 -14.98
C ARG A 474 15.83 -9.88 -13.89
N TRP A 475 15.53 -10.22 -12.62
CA TRP A 475 16.39 -9.97 -11.48
C TRP A 475 17.49 -11.01 -11.38
N SER A 476 18.68 -10.58 -10.95
CA SER A 476 19.75 -11.49 -10.55
C SER A 476 19.37 -12.27 -9.31
N ALA A 477 20.19 -13.29 -9.04
CA ALA A 477 20.31 -13.81 -7.71
C ALA A 477 20.75 -12.65 -6.79
N PRO A 478 20.36 -12.68 -5.49
CA PRO A 478 20.84 -11.68 -4.55
C PRO A 478 22.33 -11.85 -4.32
N VAL A 479 23.00 -10.74 -4.03
CA VAL A 479 24.36 -10.82 -3.49
C VAL A 479 24.31 -10.23 -2.08
N VAL A 480 24.69 -11.03 -1.09
CA VAL A 480 24.66 -10.56 0.28
C VAL A 480 25.92 -9.72 0.49
N VAL A 481 25.72 -8.43 0.76
CA VAL A 481 26.81 -7.51 1.08
C VAL A 481 27.26 -7.70 2.52
N ASN A 482 26.29 -7.75 3.43
CA ASN A 482 26.58 -7.84 4.86
C ASN A 482 25.67 -8.92 5.46
N SER A 483 26.25 -10.06 5.82
CA SER A 483 25.50 -11.12 6.47
C SER A 483 25.10 -10.64 7.87
N GLY A 484 24.11 -11.32 8.45
CA GLY A 484 23.63 -11.06 9.80
C GLY A 484 22.51 -10.04 9.83
N SER A 485 22.19 -9.55 11.03
CA SER A 485 21.13 -8.57 11.18
C SER A 485 21.40 -7.37 10.28
N SER A 486 20.41 -7.01 9.46
CA SER A 486 20.55 -5.97 8.46
C SER A 486 19.19 -5.35 8.20
N ALA A 487 19.09 -4.02 8.18
CA ALA A 487 17.80 -3.38 8.08
C ALA A 487 17.84 -2.28 7.00
N TYR A 488 17.58 -1.02 7.38
CA TYR A 488 17.49 0.04 6.38
C TYR A 488 18.82 0.17 5.66
N SER A 489 18.74 0.55 4.39
CA SER A 489 19.91 0.78 3.56
C SER A 489 19.63 1.95 2.62
N ASP A 490 20.66 2.77 2.37
CA ASP A 490 20.67 3.74 1.29
C ASP A 490 21.91 3.53 0.43
N MET A 491 21.85 4.00 -0.84
CA MET A 491 22.95 3.80 -1.76
C MET A 491 23.13 5.04 -2.63
N THR A 492 24.39 5.35 -2.94
CA THR A 492 24.74 6.44 -3.86
C THR A 492 25.71 5.87 -4.89
N LEU A 493 25.61 6.38 -6.13
CA LEU A 493 26.49 6.04 -7.24
C LEU A 493 27.64 7.06 -7.22
N LEU A 494 28.87 6.58 -7.00
CA LEU A 494 30.04 7.46 -6.95
C LEU A 494 30.57 7.65 -8.38
N ALA A 495 31.30 8.76 -8.61
CA ALA A 495 31.66 9.23 -9.95
C ALA A 495 32.35 8.14 -10.80
N ASP A 496 33.07 7.20 -10.14
CA ASP A 496 33.75 6.10 -10.82
C ASP A 496 32.81 4.91 -11.08
N GLY A 497 31.51 5.06 -10.80
CA GLY A 497 30.52 4.01 -11.01
C GLY A 497 30.59 2.91 -9.96
N THR A 498 31.21 3.22 -8.82
CA THR A 498 31.21 2.28 -7.71
C THR A 498 30.11 2.74 -6.76
N ILE A 499 29.82 1.90 -5.76
CA ILE A 499 28.63 2.05 -4.94
C ILE A 499 29.01 2.41 -3.51
N GLY A 500 28.35 3.43 -3.00
CA GLY A 500 28.41 3.80 -1.60
C GLY A 500 27.14 3.32 -0.93
N TYR A 501 27.29 2.29 -0.10
CA TYR A 501 26.17 1.57 0.50
C TYR A 501 26.16 1.88 1.99
N PHE A 502 25.05 2.38 2.54
CA PHE A 502 24.97 2.81 3.92
C PHE A 502 23.86 2.04 4.62
N VAL A 503 24.22 1.18 5.60
CA VAL A 503 23.31 0.12 6.05
C VAL A 503 23.23 0.05 7.58
N GLU A 504 22.11 -0.48 8.07
CA GLU A 504 21.95 -0.76 9.49
C GLU A 504 22.40 -2.19 9.77
N GLU A 505 23.59 -2.34 10.38
CA GLU A 505 24.05 -3.65 10.82
C GLU A 505 23.79 -3.90 12.31
N ASP A 506 23.60 -5.19 12.66
CA ASP A 506 23.69 -5.71 14.02
C ASP A 506 22.33 -5.60 14.71
N ASP A 507 22.19 -6.26 15.88
CA ASP A 507 20.94 -6.23 16.64
C ASP A 507 20.76 -4.82 17.19
N GLU A 508 21.80 -4.34 17.89
CA GLU A 508 21.92 -2.97 18.33
C GLU A 508 22.65 -2.23 17.25
N ILE A 509 21.93 -1.35 16.57
CA ILE A 509 22.26 -1.00 15.21
C ILE A 509 23.45 -0.04 15.16
N SER A 510 24.40 -0.37 14.25
CA SER A 510 25.40 0.58 13.78
C SER A 510 25.07 0.94 12.33
N LEU A 511 25.36 2.20 11.97
CA LEU A 511 25.22 2.66 10.59
C LEU A 511 26.58 2.57 9.89
N VAL A 512 26.67 1.70 8.87
CA VAL A 512 27.94 1.30 8.28
C VAL A 512 28.02 1.69 6.81
N PHE A 513 29.12 2.39 6.45
CA PHE A 513 29.38 2.77 5.06
C PHE A 513 30.26 1.70 4.46
N ILE A 514 29.83 1.19 3.30
CA ILE A 514 30.54 0.22 2.49
C ILE A 514 30.64 0.73 1.05
N ARG A 515 31.86 0.69 0.51
CA ARG A 515 32.09 1.01 -0.87
C ARG A 515 32.48 -0.26 -1.59
N PHE A 516 31.71 -0.62 -2.62
CA PHE A 516 32.05 -1.81 -3.39
C PHE A 516 31.95 -1.54 -4.88
N VAL A 517 32.51 -2.46 -5.65
CA VAL A 517 32.46 -2.37 -7.10
C VAL A 517 31.61 -3.53 -7.62
N LEU A 518 30.62 -3.19 -8.45
CA LEU A 518 29.68 -4.17 -8.98
C LEU A 518 30.41 -5.35 -9.60
N ASP A 519 31.48 -5.12 -10.36
CA ASP A 519 32.21 -6.20 -11.00
C ASP A 519 32.79 -7.18 -9.97
N ASP A 520 33.13 -6.70 -8.78
CA ASP A 520 33.61 -7.59 -7.72
C ASP A 520 32.48 -8.50 -7.23
N LEU A 521 31.24 -7.99 -7.20
CA LEU A 521 30.10 -8.67 -6.57
C LEU A 521 29.36 -9.60 -7.51
N PHE A 522 29.21 -9.20 -8.79
CA PHE A 522 28.34 -9.90 -9.72
C PHE A 522 29.13 -10.56 -10.86
N ASP A 523 28.46 -11.47 -11.57
CA ASP A 523 29.03 -12.12 -12.75
C ASP A 523 27.87 -12.42 -13.72
N GLN B 31 -54.22 48.56 -28.82
CA GLN B 31 -54.77 47.43 -29.60
C GLN B 31 -53.98 47.12 -30.89
N GLU B 32 -52.72 47.55 -30.98
CA GLU B 32 -51.80 46.94 -31.93
C GLU B 32 -51.74 45.43 -31.72
N VAL B 33 -51.62 44.69 -32.82
CA VAL B 33 -51.64 43.24 -32.85
C VAL B 33 -50.22 42.78 -33.11
N THR B 34 -49.73 41.78 -32.37
CA THR B 34 -48.39 41.25 -32.55
C THR B 34 -48.42 39.95 -33.37
N MET B 35 -47.48 39.80 -34.31
CA MET B 35 -47.49 38.66 -35.22
C MET B 35 -46.10 38.06 -35.31
N TRP B 36 -46.05 36.73 -35.48
CA TRP B 36 -44.81 35.98 -35.64
C TRP B 36 -44.98 35.00 -36.77
N GLY B 37 -44.06 35.03 -37.73
CA GLY B 37 -44.03 33.96 -38.70
C GLY B 37 -43.22 32.81 -38.15
N ASP B 38 -43.54 31.59 -38.58
CA ASP B 38 -42.93 30.42 -38.00
C ASP B 38 -41.81 30.00 -38.94
N SER B 39 -40.70 29.51 -38.35
CA SER B 39 -39.54 29.04 -39.10
C SER B 39 -39.11 27.61 -38.73
N HIS B 40 -39.97 26.83 -38.08
CA HIS B 40 -39.69 25.43 -37.80
C HIS B 40 -39.80 24.60 -39.07
N GLY B 41 -39.12 23.45 -39.06
CA GLY B 41 -39.13 22.56 -40.21
C GLY B 41 -40.50 21.92 -40.37
N VAL B 42 -40.76 21.41 -41.59
CA VAL B 42 -41.98 20.64 -41.88
C VAL B 42 -41.62 19.42 -42.72
N ALA B 43 -42.56 18.50 -42.78
CA ALA B 43 -42.43 17.32 -43.61
C ALA B 43 -43.78 17.07 -44.30
N PRO B 44 -43.82 16.21 -45.34
CA PRO B 44 -45.08 15.80 -45.98
C PRO B 44 -46.10 15.21 -45.03
N ASN B 45 -47.38 15.52 -45.28
CA ASN B 45 -48.48 14.81 -44.64
C ASN B 45 -48.57 15.18 -43.16
N GLN B 46 -48.47 16.49 -42.85
CA GLN B 46 -48.58 16.96 -41.48
C GLN B 46 -49.82 17.84 -41.36
N MET B 47 -50.47 17.80 -40.20
CA MET B 47 -51.72 18.50 -39.97
C MET B 47 -51.44 19.76 -39.14
N TYR B 48 -52.18 20.83 -39.45
CA TYR B 48 -52.20 22.06 -38.67
C TYR B 48 -50.81 22.65 -38.39
N ARG B 49 -49.98 22.77 -39.43
CA ARG B 49 -48.68 23.42 -39.37
C ARG B 49 -48.87 24.94 -39.38
N THR B 50 -48.46 25.60 -38.30
CA THR B 50 -48.52 27.04 -38.15
C THR B 50 -47.61 27.69 -39.19
N LEU B 51 -48.15 28.69 -39.91
CA LEU B 51 -47.35 29.55 -40.77
C LEU B 51 -47.17 30.93 -40.13
N VAL B 52 -48.26 31.51 -39.62
CA VAL B 52 -48.20 32.76 -38.90
C VAL B 52 -49.12 32.65 -37.70
N LYS B 53 -48.72 33.28 -36.59
CA LYS B 53 -49.59 33.41 -35.45
C LYS B 53 -49.69 34.88 -35.06
N VAL B 54 -50.81 35.21 -34.43
CA VAL B 54 -51.22 36.57 -34.18
C VAL B 54 -51.72 36.65 -32.75
N ALA B 55 -51.44 37.75 -32.06
CA ALA B 55 -51.93 37.99 -30.71
C ALA B 55 -52.60 39.34 -30.66
N LEU B 56 -53.91 39.35 -30.37
CA LEU B 56 -54.58 40.56 -29.92
C LEU B 56 -54.09 40.92 -28.53
N SER B 57 -53.96 42.22 -28.20
CA SER B 57 -53.57 42.66 -26.87
C SER B 57 -54.67 42.38 -25.85
N GLU B 58 -55.91 42.20 -26.31
CA GLU B 58 -57.06 41.98 -25.44
C GLU B 58 -58.13 41.25 -26.22
N SER B 59 -59.12 40.71 -25.51
CA SER B 59 -60.28 40.10 -26.14
C SER B 59 -60.96 41.10 -27.06
N LEU B 60 -61.58 40.59 -28.14
CA LEU B 60 -62.51 41.38 -28.93
C LEU B 60 -63.49 42.04 -27.97
N PRO B 61 -63.84 43.34 -28.16
CA PRO B 61 -64.74 44.03 -27.23
C PRO B 61 -66.13 43.40 -27.30
N PRO B 62 -66.96 43.58 -26.25
CA PRO B 62 -68.21 42.82 -26.13
C PRO B 62 -69.17 43.06 -27.31
N ASP B 63 -69.07 44.24 -27.93
CA ASP B 63 -70.01 44.63 -28.97
C ASP B 63 -69.59 44.09 -30.34
N ALA B 64 -68.40 43.48 -30.47
CA ALA B 64 -67.85 43.14 -31.78
C ALA B 64 -68.61 41.95 -32.35
N LYS B 65 -68.70 41.84 -33.67
CA LYS B 65 -69.47 40.75 -34.27
C LYS B 65 -68.58 39.80 -35.06
N GLN B 66 -67.50 40.35 -35.64
CA GLN B 66 -66.71 39.60 -36.60
C GLN B 66 -65.26 40.04 -36.61
N ILE B 67 -64.36 39.08 -36.93
CA ILE B 67 -62.96 39.35 -37.20
C ILE B 67 -62.62 38.74 -38.54
N ARG B 68 -61.86 39.48 -39.34
CA ARG B 68 -61.45 39.07 -40.67
C ARG B 68 -59.93 39.18 -40.78
N ILE B 69 -59.33 38.13 -41.34
CA ILE B 69 -57.89 38.08 -41.55
C ILE B 69 -57.63 37.86 -43.03
N GLY B 70 -56.79 38.75 -43.56
CA GLY B 70 -56.29 38.64 -44.91
C GLY B 70 -54.81 38.29 -44.89
N PHE B 71 -54.39 37.49 -45.87
CA PHE B 71 -53.03 37.01 -45.87
C PHE B 71 -52.60 36.76 -47.30
N SER B 72 -51.28 36.70 -47.48
CA SER B 72 -50.68 36.27 -48.73
C SER B 72 -49.96 34.94 -48.49
N LEU B 73 -49.82 34.20 -49.59
CA LEU B 73 -49.28 32.87 -49.57
C LEU B 73 -48.89 32.57 -51.01
N PRO B 74 -47.59 32.37 -51.33
CA PRO B 74 -47.17 32.20 -52.72
C PRO B 74 -47.66 30.87 -53.27
N LYS B 75 -47.64 30.79 -54.61
CA LYS B 75 -48.02 29.62 -55.39
C LYS B 75 -47.32 28.37 -54.85
N GLU B 76 -45.99 28.46 -54.69
CA GLU B 76 -45.13 27.34 -54.33
C GLU B 76 -45.55 26.76 -52.99
N THR B 77 -46.08 27.61 -52.10
CA THR B 77 -46.62 27.10 -50.85
C THR B 77 -47.98 26.45 -51.10
N GLU B 78 -48.85 27.12 -51.86
CA GLU B 78 -50.20 26.61 -52.10
C GLU B 78 -50.15 25.19 -52.67
N GLU B 79 -49.27 24.98 -53.65
CA GLU B 79 -49.08 23.69 -54.31
C GLU B 79 -48.70 22.61 -53.31
N LYS B 80 -48.14 22.97 -52.15
CA LYS B 80 -47.65 21.95 -51.24
C LYS B 80 -48.64 21.69 -50.10
N VAL B 81 -49.71 22.49 -49.98
CA VAL B 81 -50.68 22.32 -48.90
C VAL B 81 -51.98 21.74 -49.49
N THR B 82 -52.79 21.12 -48.63
CA THR B 82 -54.04 20.50 -49.04
C THR B 82 -55.20 21.17 -48.31
N ALA B 83 -54.90 22.10 -47.41
CA ALA B 83 -55.92 22.77 -46.62
C ALA B 83 -55.27 23.94 -45.89
N LEU B 84 -56.04 25.01 -45.69
CA LEU B 84 -55.65 26.07 -44.78
C LEU B 84 -56.66 26.11 -43.65
N TYR B 85 -56.29 26.81 -42.59
CA TYR B 85 -57.16 26.97 -41.45
C TYR B 85 -56.81 28.28 -40.78
N LEU B 86 -57.77 28.77 -39.98
CA LEU B 86 -57.51 29.61 -38.83
C LEU B 86 -57.69 28.74 -37.58
N LEU B 87 -56.66 28.68 -36.73
CA LEU B 87 -56.83 28.08 -35.40
C LEU B 87 -57.01 29.21 -34.42
N VAL B 88 -57.86 29.00 -33.40
CA VAL B 88 -58.07 29.99 -32.36
C VAL B 88 -57.81 29.35 -31.01
N SER B 89 -57.01 30.02 -30.16
CA SER B 89 -56.62 29.42 -28.91
C SER B 89 -56.57 30.47 -27.83
N ASP B 90 -56.81 30.01 -26.60
CA ASP B 90 -56.56 30.82 -25.41
C ASP B 90 -55.06 30.85 -25.10
N SER B 91 -54.24 30.04 -25.78
CA SER B 91 -52.80 30.00 -25.52
C SER B 91 -52.01 30.48 -26.73
N LEU B 92 -50.91 31.19 -26.45
CA LEU B 92 -49.88 31.49 -27.44
C LEU B 92 -48.71 30.49 -27.27
N ALA B 93 -48.56 29.60 -28.25
CA ALA B 93 -47.57 28.54 -28.16
C ALA B 93 -46.43 28.76 -29.15
N VAL B 94 -45.28 28.17 -28.82
CA VAL B 94 -44.11 28.27 -29.67
C VAL B 94 -44.19 27.30 -30.86
N ARG B 95 -44.74 26.11 -30.64
CA ARG B 95 -44.69 25.07 -31.65
C ARG B 95 -46.07 24.88 -32.24
N ASP B 96 -46.13 24.09 -33.32
CA ASP B 96 -47.39 23.62 -33.90
C ASP B 96 -48.32 23.09 -32.80
N LEU B 97 -49.61 23.46 -32.87
CA LEU B 97 -50.51 23.23 -31.74
C LEU B 97 -50.70 21.73 -31.48
N PRO B 98 -50.71 20.83 -32.49
CA PRO B 98 -50.75 19.39 -32.18
C PRO B 98 -49.55 18.90 -31.36
N ASP B 99 -48.42 19.63 -31.32
CA ASP B 99 -47.25 19.13 -30.60
C ASP B 99 -47.54 19.04 -29.12
N TYR B 100 -48.54 19.80 -28.63
CA TYR B 100 -48.87 19.80 -27.21
C TYR B 100 -49.98 18.80 -26.88
N LYS B 101 -50.42 18.02 -27.88
CA LYS B 101 -51.24 16.83 -27.68
C LYS B 101 -52.48 17.12 -26.83
N GLY B 102 -53.10 18.29 -27.04
CA GLY B 102 -54.35 18.64 -26.41
C GLY B 102 -54.17 19.49 -25.16
N ARG B 103 -52.93 19.64 -24.67
CA ARG B 103 -52.68 20.52 -23.53
C ARG B 103 -52.93 21.96 -23.95
N VAL B 104 -52.71 22.26 -25.23
CA VAL B 104 -53.14 23.54 -25.77
C VAL B 104 -54.50 23.29 -26.43
N SER B 105 -55.51 23.98 -25.95
CA SER B 105 -56.84 23.83 -26.49
C SER B 105 -57.06 24.84 -27.62
N TYR B 106 -57.63 24.35 -28.74
CA TYR B 106 -57.91 25.18 -29.90
C TYR B 106 -59.08 24.66 -30.75
N ASP B 107 -59.75 25.61 -31.42
CA ASP B 107 -60.71 25.36 -32.49
C ASP B 107 -60.04 25.60 -33.84
N SER B 108 -60.49 24.87 -34.88
CA SER B 108 -60.01 25.05 -36.24
C SER B 108 -61.16 25.47 -37.15
N PHE B 109 -60.85 26.29 -38.16
CA PHE B 109 -61.85 26.81 -39.08
C PHE B 109 -61.30 26.72 -40.50
N PRO B 110 -61.75 25.73 -41.30
CA PRO B 110 -61.13 25.46 -42.59
C PRO B 110 -61.26 26.64 -43.53
N ILE B 111 -60.27 26.74 -44.42
CA ILE B 111 -60.18 27.74 -45.47
C ILE B 111 -59.72 27.00 -46.72
N SER B 112 -60.48 27.14 -47.81
CA SER B 112 -60.05 26.58 -49.08
C SER B 112 -58.72 27.20 -49.45
N LYS B 113 -57.78 26.40 -49.92
CA LYS B 113 -56.39 26.81 -49.98
C LYS B 113 -56.17 27.89 -51.04
N GLU B 114 -57.17 28.14 -51.91
CA GLU B 114 -57.09 29.22 -52.89
C GLU B 114 -57.45 30.57 -52.28
N ASP B 115 -58.19 30.58 -51.18
CA ASP B 115 -58.61 31.81 -50.53
C ASP B 115 -57.44 32.51 -49.83
N ARG B 116 -57.61 33.82 -49.66
CA ARG B 116 -56.62 34.70 -49.06
C ARG B 116 -57.26 35.61 -48.03
N THR B 117 -58.50 35.30 -47.64
CA THR B 117 -59.11 36.01 -46.54
C THR B 117 -60.07 35.04 -45.89
N THR B 118 -60.43 35.33 -44.64
CA THR B 118 -61.35 34.51 -43.89
C THR B 118 -61.89 35.33 -42.74
N ALA B 119 -63.14 35.06 -42.34
CA ALA B 119 -63.77 35.80 -41.27
C ALA B 119 -64.33 34.83 -40.26
N LEU B 120 -64.38 35.24 -38.99
CA LEU B 120 -64.94 34.47 -37.90
C LEU B 120 -65.85 35.35 -37.07
N SER B 121 -66.95 34.77 -36.56
CA SER B 121 -67.78 35.49 -35.63
C SER B 121 -67.02 35.70 -34.33
N ALA B 122 -67.33 36.82 -33.64
CA ALA B 122 -66.81 37.10 -32.33
C ALA B 122 -67.22 36.01 -31.33
N ASP B 123 -68.36 35.37 -31.58
CA ASP B 123 -68.82 34.27 -30.73
C ASP B 123 -67.94 33.03 -30.93
N SER B 124 -67.55 32.70 -32.17
CA SER B 124 -66.65 31.57 -32.42
C SER B 124 -65.32 31.79 -31.71
N VAL B 125 -64.87 33.06 -31.69
CA VAL B 125 -63.61 33.40 -31.08
C VAL B 125 -63.75 33.21 -29.57
N ALA B 126 -64.91 33.60 -29.03
CA ALA B 126 -65.27 33.32 -27.65
C ALA B 126 -64.28 33.95 -26.68
N GLY B 127 -63.81 35.17 -26.98
CA GLY B 127 -63.01 35.96 -26.05
C GLY B 127 -61.51 35.65 -26.11
N ARG B 128 -61.10 34.74 -26.99
CA ARG B 128 -59.70 34.34 -27.09
C ARG B 128 -58.92 35.34 -27.95
N ARG B 129 -57.60 35.35 -27.76
CA ARG B 129 -56.75 36.39 -28.32
C ARG B 129 -55.76 35.87 -29.35
N PHE B 130 -55.62 34.55 -29.53
CA PHE B 130 -54.48 34.04 -30.30
C PHE B 130 -55.02 33.31 -31.51
N PHE B 131 -54.52 33.67 -32.69
CA PHE B 131 -54.97 33.13 -33.96
C PHE B 131 -53.79 32.60 -34.75
N TYR B 132 -54.03 31.51 -35.47
CA TYR B 132 -52.94 30.85 -36.14
C TYR B 132 -53.39 30.57 -37.56
N LEU B 133 -52.60 31.06 -38.53
CA LEU B 133 -52.82 30.70 -39.91
C LEU B 133 -51.98 29.45 -40.14
N ALA B 134 -52.66 28.34 -40.43
CA ALA B 134 -52.08 27.02 -40.40
C ALA B 134 -52.46 26.26 -41.67
N ALA B 135 -51.73 25.18 -41.93
CA ALA B 135 -51.90 24.40 -43.15
C ALA B 135 -51.71 22.91 -42.88
N ASP B 136 -52.41 22.09 -43.67
CA ASP B 136 -52.09 20.68 -43.79
C ASP B 136 -51.14 20.54 -44.97
N ILE B 137 -50.08 19.75 -44.80
CA ILE B 137 -49.06 19.56 -45.83
C ILE B 137 -49.40 18.29 -46.59
N GLY B 138 -49.29 18.34 -47.92
CA GLY B 138 -49.52 17.19 -48.77
C GLY B 138 -48.21 16.46 -49.04
N PRO B 139 -48.18 15.55 -50.05
CA PRO B 139 -46.98 14.73 -50.28
C PRO B 139 -45.94 15.28 -51.24
N VAL B 140 -45.24 16.35 -50.86
CA VAL B 140 -44.20 16.93 -51.72
C VAL B 140 -43.13 15.89 -52.01
N ALA B 141 -42.38 16.08 -53.10
CA ALA B 141 -41.30 15.17 -53.48
C ALA B 141 -40.08 15.97 -53.95
N SER B 142 -39.96 17.21 -53.44
CA SER B 142 -38.76 18.03 -53.61
C SER B 142 -38.41 18.68 -52.26
N PHE B 143 -37.10 18.72 -51.94
CA PHE B 143 -36.59 19.15 -50.63
C PHE B 143 -35.29 19.94 -50.78
N SER B 144 -35.21 20.80 -51.80
CA SER B 144 -34.08 21.70 -52.00
C SER B 144 -34.10 22.84 -50.98
N ARG B 145 -33.00 23.62 -50.97
CA ARG B 145 -32.80 24.80 -50.14
C ARG B 145 -33.82 25.92 -50.44
N SER B 146 -34.63 25.76 -51.51
CA SER B 146 -35.65 26.73 -51.90
C SER B 146 -37.08 26.18 -51.73
N ASP B 147 -37.21 24.90 -51.33
CA ASP B 147 -38.50 24.33 -50.99
C ASP B 147 -38.81 24.65 -49.52
N THR B 148 -39.25 25.90 -49.28
CA THR B 148 -39.72 26.35 -47.98
C THR B 148 -41.16 26.85 -48.08
N LEU B 149 -41.96 26.66 -47.03
CA LEU B 149 -43.29 27.21 -47.01
C LEU B 149 -43.24 28.58 -46.34
N THR B 150 -44.17 29.46 -46.76
CA THR B 150 -44.27 30.79 -46.19
C THR B 150 -45.68 31.31 -46.37
N ALA B 151 -46.03 32.27 -45.54
CA ALA B 151 -47.24 33.05 -45.67
C ALA B 151 -47.03 34.32 -44.87
N ARG B 152 -47.85 35.34 -45.14
CA ARG B 152 -47.84 36.54 -44.31
C ARG B 152 -49.27 37.02 -44.09
N VAL B 153 -49.57 37.35 -42.83
CA VAL B 153 -50.79 38.06 -42.51
C VAL B 153 -50.56 39.53 -42.85
N GLU B 154 -51.47 40.06 -43.67
CA GLU B 154 -51.38 41.39 -44.23
C GLU B 154 -52.47 42.31 -43.67
N GLU B 155 -53.62 41.74 -43.26
CA GLU B 155 -54.71 42.56 -42.76
C GLU B 155 -55.41 41.84 -41.61
N LEU B 156 -55.84 42.63 -40.63
CA LEU B 156 -56.71 42.12 -39.59
C LEU B 156 -57.72 43.21 -39.25
N ALA B 157 -59.01 42.87 -39.25
CA ALA B 157 -60.06 43.88 -39.12
C ALA B 157 -61.17 43.36 -38.22
N VAL B 158 -61.65 44.24 -37.33
CA VAL B 158 -62.76 43.93 -36.46
C VAL B 158 -63.99 44.73 -36.92
N ASP B 159 -64.99 44.00 -37.43
CA ASP B 159 -66.18 44.63 -37.98
C ASP B 159 -65.78 45.62 -39.06
N GLY B 160 -64.89 45.17 -39.95
CA GLY B 160 -64.44 46.01 -41.05
C GLY B 160 -63.46 47.13 -40.65
N ARG B 161 -63.18 47.34 -39.36
CA ARG B 161 -62.20 48.36 -39.00
C ARG B 161 -60.79 47.75 -38.91
N PRO B 162 -59.76 48.27 -39.62
CA PRO B 162 -58.44 47.67 -39.57
C PRO B 162 -57.78 47.83 -38.22
N LEU B 163 -57.02 46.81 -37.77
CA LEU B 163 -56.16 46.99 -36.63
C LEU B 163 -54.72 47.23 -37.09
N PRO B 164 -53.90 47.95 -36.29
CA PRO B 164 -52.47 48.06 -36.56
C PRO B 164 -51.77 46.73 -36.28
N LEU B 165 -50.85 46.36 -37.17
CA LEU B 165 -50.18 45.07 -37.14
C LEU B 165 -48.69 45.28 -36.90
N LYS B 166 -48.05 44.40 -36.12
CA LYS B 166 -46.61 44.45 -35.91
C LYS B 166 -46.07 43.05 -36.13
N GLU B 167 -45.31 42.86 -37.19
CA GLU B 167 -44.71 41.58 -37.54
C GLU B 167 -43.30 41.50 -36.94
N LEU B 168 -43.05 40.53 -36.06
CA LEU B 168 -41.77 40.44 -35.42
C LEU B 168 -40.84 39.43 -36.10
N SER B 169 -41.35 38.53 -36.94
CA SER B 169 -40.50 37.59 -37.64
C SER B 169 -41.25 37.13 -38.89
N PRO B 170 -40.52 36.72 -39.97
CA PRO B 170 -41.13 36.16 -41.17
C PRO B 170 -41.28 34.64 -41.08
N ALA B 171 -42.16 34.11 -41.93
CA ALA B 171 -42.42 32.68 -41.95
C ALA B 171 -41.50 32.05 -42.99
N SER B 172 -40.85 30.94 -42.62
CA SER B 172 -39.99 30.23 -43.55
C SER B 172 -39.70 28.84 -43.02
N ARG B 173 -40.53 27.86 -43.43
CA ARG B 173 -40.50 26.51 -42.91
C ARG B 173 -39.86 25.59 -43.95
N ARG B 174 -38.65 25.06 -43.66
CA ARG B 174 -37.96 24.17 -44.58
C ARG B 174 -38.64 22.82 -44.61
N LEU B 175 -38.78 22.28 -45.83
CA LEU B 175 -39.29 20.94 -46.05
C LEU B 175 -38.18 19.92 -45.81
N TYR B 176 -38.50 18.90 -45.02
CA TYR B 176 -37.62 17.75 -44.78
C TYR B 176 -38.45 16.50 -44.97
N ARG B 177 -37.81 15.34 -45.12
CA ARG B 177 -38.57 14.12 -45.39
C ARG B 177 -39.27 13.65 -44.13
N GLU B 178 -38.64 13.94 -42.99
CA GLU B 178 -39.23 13.68 -41.69
C GLU B 178 -38.88 14.87 -40.79
N TYR B 179 -39.83 15.23 -39.93
CA TYR B 179 -39.62 16.28 -38.97
C TYR B 179 -40.68 16.08 -37.90
N GLU B 180 -40.27 15.69 -36.69
CA GLU B 180 -41.23 15.44 -35.64
C GLU B 180 -40.58 15.71 -34.27
N ALA B 181 -41.25 16.56 -33.50
CA ALA B 181 -40.93 16.79 -32.10
C ALA B 181 -41.26 15.52 -31.31
N LEU B 182 -40.22 14.74 -30.92
CA LEU B 182 -40.45 13.47 -30.24
C LEU B 182 -40.71 13.67 -28.75
N PHE B 183 -40.22 14.79 -28.19
CA PHE B 183 -40.42 15.08 -26.79
C PHE B 183 -40.62 16.58 -26.65
N VAL B 184 -41.78 16.96 -26.10
CA VAL B 184 -42.20 18.34 -26.01
C VAL B 184 -42.50 18.67 -24.54
N PRO B 185 -42.14 19.87 -24.04
CA PRO B 185 -42.46 20.27 -22.67
C PRO B 185 -43.94 20.01 -22.38
N GLY B 186 -44.20 19.23 -21.31
CA GLY B 186 -45.54 18.87 -20.86
C GLY B 186 -45.93 17.43 -21.21
N ASP B 187 -45.26 16.81 -22.20
CA ASP B 187 -45.54 15.43 -22.54
C ASP B 187 -45.38 14.52 -21.31
N GLY B 188 -46.34 13.60 -21.16
CA GLY B 188 -46.48 12.68 -20.05
C GLY B 188 -46.33 13.33 -18.67
N GLY B 189 -46.72 14.59 -18.51
CA GLY B 189 -46.61 15.25 -17.22
C GLY B 189 -45.23 15.83 -16.90
N SER B 190 -44.23 15.64 -17.78
CA SER B 190 -42.90 16.20 -17.56
C SER B 190 -42.88 17.66 -17.98
N ARG B 191 -42.41 18.57 -17.10
CA ARG B 191 -42.31 19.97 -17.44
C ARG B 191 -41.29 20.18 -18.57
N ASN B 192 -40.14 19.47 -18.54
CA ASN B 192 -39.06 19.66 -19.50
C ASN B 192 -38.50 18.35 -20.04
N TYR B 193 -37.75 18.46 -21.15
CA TYR B 193 -37.02 17.39 -21.79
C TYR B 193 -35.69 17.96 -22.29
N ARG B 194 -34.61 17.15 -22.13
CA ARG B 194 -33.31 17.53 -22.63
C ARG B 194 -32.50 16.28 -22.97
N ILE B 195 -31.38 16.54 -23.65
CA ILE B 195 -30.28 15.60 -23.77
C ILE B 195 -30.66 14.48 -24.73
N PRO B 196 -30.67 14.76 -26.05
CA PRO B 196 -31.04 13.75 -27.04
C PRO B 196 -29.94 12.74 -27.33
N ALA B 197 -30.36 11.49 -27.52
CA ALA B 197 -29.51 10.42 -28.01
C ALA B 197 -30.28 9.61 -29.04
N ILE B 198 -29.67 9.31 -30.17
CA ILE B 198 -30.33 8.51 -31.18
C ILE B 198 -29.41 7.35 -31.59
N LEU B 199 -30.02 6.24 -31.97
CA LEU B 199 -29.29 5.09 -32.49
C LEU B 199 -30.10 4.38 -33.58
N LYS B 200 -29.41 3.95 -34.64
CA LYS B 200 -29.95 3.01 -35.60
C LYS B 200 -29.30 1.63 -35.40
N THR B 201 -30.12 0.61 -35.12
CA THR B 201 -29.61 -0.77 -35.03
C THR B 201 -29.33 -1.30 -36.44
N ALA B 202 -28.54 -2.38 -36.51
CA ALA B 202 -28.18 -3.04 -37.77
C ALA B 202 -29.42 -3.56 -38.48
N ASN B 203 -30.49 -3.87 -37.73
CA ASN B 203 -31.77 -4.26 -38.29
C ASN B 203 -32.70 -3.09 -38.60
N GLY B 204 -32.28 -1.83 -38.36
CA GLY B 204 -32.97 -0.65 -38.86
C GLY B 204 -33.87 0.03 -37.85
N THR B 205 -33.96 -0.50 -36.62
CA THR B 205 -34.70 0.16 -35.57
C THR B 205 -34.02 1.47 -35.21
N LEU B 206 -34.84 2.50 -34.90
CA LEU B 206 -34.35 3.78 -34.45
C LEU B 206 -34.77 3.94 -33.00
N ILE B 207 -33.78 4.26 -32.15
CA ILE B 207 -34.04 4.48 -30.75
C ILE B 207 -33.75 5.95 -30.45
N ALA B 208 -34.65 6.61 -29.75
CA ALA B 208 -34.46 7.98 -29.37
C ALA B 208 -34.63 8.03 -27.88
N MET B 209 -33.69 8.70 -27.19
CA MET B 209 -33.75 8.75 -25.74
C MET B 209 -33.52 10.18 -25.26
N ALA B 210 -33.93 10.44 -24.02
CA ALA B 210 -33.93 11.77 -23.47
C ALA B 210 -33.98 11.70 -21.95
N ASP B 211 -33.51 12.78 -21.32
CA ASP B 211 -33.83 13.11 -19.96
C ASP B 211 -35.26 13.64 -19.88
N ARG B 212 -36.03 13.00 -18.99
CA ARG B 212 -37.34 13.46 -18.61
C ARG B 212 -37.19 14.35 -17.39
N ARG B 213 -37.01 15.66 -17.64
CA ARG B 213 -36.73 16.63 -16.60
C ARG B 213 -38.05 17.11 -15.99
N LYS B 214 -38.49 16.37 -14.96
CA LYS B 214 -39.88 16.35 -14.53
C LYS B 214 -40.32 17.71 -13.99
N TYR B 215 -39.51 18.39 -13.18
CA TYR B 215 -39.99 19.52 -12.39
C TYR B 215 -39.35 20.84 -12.80
N ASN B 216 -38.25 20.77 -13.54
CA ASN B 216 -37.58 21.98 -13.99
C ASN B 216 -36.58 21.56 -15.07
N GLN B 217 -35.82 22.54 -15.57
CA GLN B 217 -34.95 22.38 -16.72
C GLN B 217 -33.55 21.91 -16.30
N THR B 218 -33.31 21.76 -15.00
CA THR B 218 -31.95 21.64 -14.44
C THR B 218 -31.51 20.18 -14.40
N ASP B 219 -30.21 19.94 -14.58
CA ASP B 219 -29.63 18.60 -14.59
C ASP B 219 -29.59 18.04 -13.16
N LEU B 220 -29.10 16.80 -13.00
CA LEU B 220 -28.74 16.22 -11.71
C LEU B 220 -28.07 17.31 -10.87
N PRO B 221 -28.38 17.49 -9.57
CA PRO B 221 -29.09 16.51 -8.77
C PRO B 221 -30.62 16.52 -8.79
N GLU B 222 -31.23 17.13 -9.83
CA GLU B 222 -32.67 17.14 -9.96
C GLU B 222 -33.15 15.71 -10.18
N ASP B 223 -34.47 15.52 -10.00
CA ASP B 223 -35.16 14.26 -10.19
C ASP B 223 -35.54 14.12 -11.67
N ILE B 224 -34.86 13.19 -12.34
CA ILE B 224 -34.94 13.04 -13.78
C ILE B 224 -35.07 11.55 -14.11
N ASP B 225 -35.91 11.22 -15.11
CA ASP B 225 -36.06 9.87 -15.63
C ASP B 225 -35.38 9.78 -16.98
N ILE B 226 -35.04 8.55 -17.42
CA ILE B 226 -34.66 8.33 -18.81
C ILE B 226 -35.84 7.72 -19.54
N VAL B 227 -36.16 8.32 -20.69
CA VAL B 227 -37.36 8.01 -21.43
C VAL B 227 -36.93 7.66 -22.84
N MET B 228 -37.68 6.81 -23.50
CA MET B 228 -37.34 6.47 -24.86
C MET B 228 -38.57 6.47 -25.75
N ARG B 229 -38.31 6.50 -27.06
CA ARG B 229 -39.28 6.12 -28.08
C ARG B 229 -38.51 5.35 -29.13
N ARG B 230 -39.18 4.46 -29.85
CA ARG B 230 -38.51 3.84 -31.00
C ARG B 230 -39.42 3.81 -32.22
N SER B 231 -38.77 3.74 -33.37
CA SER B 231 -39.38 3.64 -34.67
C SER B 231 -38.91 2.37 -35.36
N THR B 232 -39.87 1.52 -35.78
CA THR B 232 -39.56 0.32 -36.53
C THR B 232 -39.97 0.49 -37.99
N ASP B 233 -40.15 1.73 -38.48
CA ASP B 233 -40.50 1.99 -39.87
C ASP B 233 -39.62 3.07 -40.53
N GLY B 234 -38.45 3.38 -39.97
CA GLY B 234 -37.50 4.28 -40.64
C GLY B 234 -37.65 5.74 -40.21
N GLY B 235 -38.44 5.98 -39.16
CA GLY B 235 -38.64 7.33 -38.66
C GLY B 235 -39.98 7.93 -39.06
N LYS B 236 -40.92 7.11 -39.57
CA LYS B 236 -42.21 7.60 -40.03
C LYS B 236 -43.13 7.71 -38.82
N SER B 237 -43.06 6.76 -37.90
CA SER B 237 -43.87 6.82 -36.70
C SER B 237 -43.09 6.27 -35.51
N TRP B 238 -43.56 6.62 -34.31
CA TRP B 238 -42.81 6.41 -33.08
C TRP B 238 -43.75 5.90 -31.99
N SER B 239 -43.25 4.92 -31.25
CA SER B 239 -43.94 4.37 -30.10
C SER B 239 -44.23 5.45 -29.07
N ASP B 240 -45.19 5.16 -28.19
CA ASP B 240 -45.46 6.04 -27.07
C ASP B 240 -44.19 6.10 -26.21
N PRO B 241 -43.92 7.28 -25.61
CA PRO B 241 -42.79 7.43 -24.69
C PRO B 241 -42.88 6.39 -23.57
N ARG B 242 -41.74 5.77 -23.22
CA ARG B 242 -41.69 4.86 -22.09
C ARG B 242 -40.51 5.20 -21.18
N ILE B 243 -40.78 5.38 -19.90
CA ILE B 243 -39.71 5.51 -18.93
C ILE B 243 -39.00 4.17 -18.84
N ILE B 244 -37.69 4.15 -19.09
CA ILE B 244 -36.96 2.91 -18.89
C ILE B 244 -35.98 3.01 -17.72
N VAL B 245 -35.62 4.23 -17.25
CA VAL B 245 -34.95 4.38 -15.98
C VAL B 245 -35.65 5.48 -15.15
N GLN B 246 -36.21 5.03 -14.02
CA GLN B 246 -37.08 5.84 -13.18
C GLN B 246 -36.23 6.58 -12.15
N GLY B 247 -36.36 7.90 -12.15
CA GLY B 247 -35.79 8.71 -11.10
C GLY B 247 -36.65 8.58 -9.84
N GLU B 248 -36.01 8.64 -8.66
CA GLU B 248 -36.69 8.41 -7.40
C GLU B 248 -36.51 9.60 -6.47
N GLY B 249 -36.46 10.79 -7.03
CA GLY B 249 -36.38 12.00 -6.22
C GLY B 249 -35.07 12.73 -6.43
N ARG B 250 -34.98 13.93 -5.87
CA ARG B 250 -33.78 14.74 -5.96
C ARG B 250 -32.59 13.94 -5.38
N ASN B 251 -31.46 13.93 -6.09
CA ASN B 251 -30.30 13.12 -5.75
C ASN B 251 -30.49 11.65 -6.10
N HIS B 252 -31.65 11.28 -6.67
CA HIS B 252 -31.90 9.90 -7.07
C HIS B 252 -32.37 9.84 -8.52
N GLY B 253 -32.02 10.89 -9.29
CA GLY B 253 -32.34 10.94 -10.70
C GLY B 253 -31.33 10.20 -11.56
N PHE B 254 -31.68 10.05 -12.87
CA PHE B 254 -30.82 9.48 -13.90
C PHE B 254 -30.90 10.31 -15.18
N GLY B 255 -29.80 10.40 -15.94
CA GLY B 255 -29.78 11.06 -17.24
C GLY B 255 -28.43 10.97 -17.97
N ASP B 256 -28.32 11.72 -19.06
CA ASP B 256 -27.13 11.79 -19.92
C ASP B 256 -26.81 10.45 -20.57
N VAL B 257 -27.71 10.05 -21.47
CA VAL B 257 -27.65 8.78 -22.17
C VAL B 257 -26.73 8.86 -23.38
N ALA B 258 -25.90 7.81 -23.54
CA ALA B 258 -25.20 7.55 -24.78
C ALA B 258 -25.45 6.09 -25.18
N LEU B 259 -25.46 5.83 -26.49
CA LEU B 259 -25.97 4.60 -27.08
C LEU B 259 -24.96 4.03 -28.08
N VAL B 260 -24.90 2.70 -28.13
CA VAL B 260 -24.21 1.97 -29.17
C VAL B 260 -24.97 0.67 -29.38
N GLN B 261 -24.70 0.01 -30.50
CA GLN B 261 -24.98 -1.41 -30.62
C GLN B 261 -23.63 -2.15 -30.76
N THR B 262 -23.42 -3.19 -29.93
CA THR B 262 -22.14 -3.89 -29.91
C THR B 262 -21.97 -4.73 -31.18
N GLN B 263 -20.76 -5.26 -31.41
CA GLN B 263 -20.49 -6.16 -32.52
C GLN B 263 -21.39 -7.39 -32.47
N ALA B 264 -21.72 -7.90 -31.26
CA ALA B 264 -22.60 -9.04 -31.10
C ALA B 264 -24.08 -8.67 -31.24
N GLY B 265 -24.42 -7.39 -31.39
CA GLY B 265 -25.79 -6.99 -31.67
C GLY B 265 -26.53 -6.44 -30.45
N LYS B 266 -25.89 -6.51 -29.27
CA LYS B 266 -26.51 -5.98 -28.08
C LYS B 266 -26.59 -4.45 -28.16
N LEU B 267 -27.75 -3.90 -27.81
CA LEU B 267 -27.90 -2.46 -27.69
C LEU B 267 -27.41 -2.10 -26.30
N LEU B 268 -26.51 -1.10 -26.20
CA LEU B 268 -26.03 -0.72 -24.89
C LEU B 268 -26.26 0.77 -24.69
N MET B 269 -26.79 1.13 -23.52
CA MET B 269 -26.93 2.51 -23.11
C MET B 269 -26.06 2.73 -21.88
N ILE B 270 -25.40 3.89 -21.84
CA ILE B 270 -24.62 4.33 -20.68
C ILE B 270 -25.19 5.64 -20.19
N PHE B 271 -25.23 5.81 -18.87
CA PHE B 271 -25.79 7.00 -18.27
C PHE B 271 -25.24 7.18 -16.86
N VAL B 272 -25.59 8.30 -16.26
CA VAL B 272 -25.22 8.60 -14.90
C VAL B 272 -26.46 8.83 -14.03
N GLY B 273 -26.27 8.78 -12.71
CA GLY B 273 -27.33 8.98 -11.73
C GLY B 273 -26.78 9.66 -10.49
N GLY B 274 -27.66 10.36 -9.75
CA GLY B 274 -27.38 10.80 -8.40
C GLY B 274 -27.16 12.31 -8.29
N VAL B 275 -26.16 12.68 -7.50
CA VAL B 275 -25.83 14.07 -7.23
C VAL B 275 -25.27 14.71 -8.50
N GLY B 276 -25.06 16.03 -8.43
CA GLY B 276 -24.55 16.82 -9.53
C GLY B 276 -23.07 16.57 -9.76
N LEU B 277 -22.60 16.87 -10.98
CA LEU B 277 -21.24 16.55 -11.37
C LEU B 277 -20.23 17.18 -10.43
N TRP B 278 -20.48 18.43 -10.02
CA TRP B 278 -19.53 19.16 -9.21
C TRP B 278 -19.70 18.83 -7.73
N GLN B 279 -20.70 18.01 -7.39
CA GLN B 279 -20.95 17.54 -6.03
C GLN B 279 -20.39 16.13 -5.82
N SER B 280 -20.12 15.41 -6.91
CA SER B 280 -19.56 14.09 -6.83
C SER B 280 -18.25 14.09 -6.03
N THR B 281 -18.08 13.06 -5.21
CA THR B 281 -16.86 12.81 -4.48
C THR B 281 -16.49 11.34 -4.65
N PRO B 282 -15.22 10.96 -4.39
CA PRO B 282 -14.80 9.55 -4.51
C PRO B 282 -15.57 8.58 -3.61
N ASP B 283 -16.13 9.10 -2.51
CA ASP B 283 -16.89 8.33 -1.52
C ASP B 283 -18.39 8.34 -1.83
N ARG B 284 -18.90 9.50 -2.27
CA ARG B 284 -20.29 9.71 -2.66
C ARG B 284 -20.35 10.13 -4.14
N PRO B 285 -20.07 9.21 -5.09
CA PRO B 285 -19.99 9.58 -6.50
C PRO B 285 -21.35 9.78 -7.18
N GLN B 286 -21.38 10.64 -8.20
CA GLN B 286 -22.36 10.51 -9.27
C GLN B 286 -21.93 9.32 -10.12
N ARG B 287 -22.82 8.30 -10.17
CA ARG B 287 -22.49 6.98 -10.65
C ARG B 287 -22.76 6.84 -12.14
N THR B 288 -21.97 5.99 -12.80
CA THR B 288 -22.19 5.59 -14.18
C THR B 288 -22.78 4.20 -14.19
N TYR B 289 -23.80 4.01 -15.05
CA TYR B 289 -24.50 2.75 -15.20
C TYR B 289 -24.54 2.37 -16.66
N ILE B 290 -24.70 1.08 -16.90
CA ILE B 290 -24.98 0.59 -18.24
C ILE B 290 -26.19 -0.37 -18.16
N SER B 291 -26.77 -0.63 -19.31
CA SER B 291 -27.93 -1.48 -19.43
C SER B 291 -28.02 -1.91 -20.89
N GLY B 292 -28.40 -3.18 -21.10
CA GLY B 292 -28.40 -3.78 -22.43
C GLY B 292 -29.80 -4.23 -22.83
N SER B 293 -29.99 -4.36 -24.14
CA SER B 293 -31.24 -4.79 -24.74
C SER B 293 -30.92 -5.67 -25.93
N ARG B 294 -31.65 -6.79 -26.02
CA ARG B 294 -31.46 -7.76 -27.09
C ARG B 294 -32.71 -7.84 -27.97
N ASP B 295 -33.71 -6.99 -27.70
CA ASP B 295 -34.97 -7.01 -28.44
C ASP B 295 -35.20 -5.63 -29.08
N GLU B 296 -34.14 -5.11 -29.74
CA GLU B 296 -34.21 -3.84 -30.46
C GLU B 296 -34.78 -2.71 -29.59
N GLY B 297 -34.48 -2.77 -28.29
CA GLY B 297 -34.76 -1.68 -27.37
C GLY B 297 -36.11 -1.76 -26.68
N LEU B 298 -36.80 -2.92 -26.73
CA LEU B 298 -38.12 -3.04 -26.09
C LEU B 298 -37.95 -3.17 -24.59
N THR B 299 -37.03 -4.07 -24.19
CA THR B 299 -36.70 -4.32 -22.78
C THR B 299 -35.20 -4.14 -22.58
N TRP B 300 -34.86 -3.67 -21.36
CA TRP B 300 -33.51 -3.31 -20.96
C TRP B 300 -33.20 -4.02 -19.65
N SER B 301 -31.93 -4.45 -19.50
CA SER B 301 -31.53 -5.16 -18.29
C SER B 301 -31.45 -4.17 -17.13
N PRO B 302 -31.57 -4.65 -15.87
CA PRO B 302 -31.42 -3.77 -14.70
C PRO B 302 -30.12 -2.96 -14.74
N PRO B 303 -30.15 -1.64 -14.46
CA PRO B 303 -28.96 -0.82 -14.60
C PRO B 303 -27.81 -1.43 -13.79
N ARG B 304 -26.63 -1.57 -14.41
CA ARG B 304 -25.42 -2.03 -13.72
C ARG B 304 -24.46 -0.86 -13.45
N ASP B 305 -24.20 -0.57 -12.15
CA ASP B 305 -23.19 0.37 -11.70
C ASP B 305 -21.79 -0.07 -12.12
N ILE B 306 -21.12 0.72 -12.97
CA ILE B 306 -19.77 0.42 -13.42
C ILE B 306 -18.77 1.49 -12.96
N THR B 307 -19.22 2.37 -12.04
CA THR B 307 -18.41 3.44 -11.47
C THR B 307 -17.05 2.89 -10.98
N HIS B 308 -17.04 1.68 -10.42
CA HIS B 308 -15.86 1.08 -9.82
C HIS B 308 -14.71 0.94 -10.82
N PHE B 309 -15.02 0.76 -12.11
CA PHE B 309 -13.99 0.60 -13.13
C PHE B 309 -13.32 1.94 -13.45
N ILE B 310 -13.94 3.04 -13.00
CA ILE B 310 -13.61 4.36 -13.50
C ILE B 310 -12.89 5.18 -12.44
N PHE B 311 -13.54 5.38 -11.29
CA PHE B 311 -13.03 6.31 -10.29
C PHE B 311 -13.70 6.00 -8.95
N GLY B 312 -13.14 6.56 -7.87
CA GLY B 312 -13.76 6.52 -6.54
C GLY B 312 -13.26 5.37 -5.66
N LYS B 313 -13.89 5.27 -4.47
CA LYS B 313 -13.49 4.37 -3.39
C LYS B 313 -13.44 2.90 -3.85
N ASP B 314 -14.31 2.49 -4.79
CA ASP B 314 -14.34 1.10 -5.20
C ASP B 314 -13.39 0.84 -6.37
N CYS B 315 -12.65 1.87 -6.83
CA CYS B 315 -11.75 1.69 -7.96
C CYS B 315 -10.38 1.22 -7.44
N ALA B 316 -9.78 0.21 -8.08
CA ALA B 316 -8.55 -0.44 -7.61
C ALA B 316 -7.33 0.36 -8.04
N ASP B 317 -7.50 1.32 -8.97
CA ASP B 317 -6.39 2.15 -9.37
C ASP B 317 -6.17 3.21 -8.30
N PRO B 318 -4.98 3.26 -7.67
CA PRO B 318 -4.69 4.24 -6.63
C PRO B 318 -5.04 5.66 -7.02
N GLY B 319 -4.53 6.11 -8.18
CA GLY B 319 -4.81 7.45 -8.66
C GLY B 319 -6.30 7.74 -8.86
N ARG B 320 -6.98 6.91 -9.66
CA ARG B 320 -8.37 7.16 -10.01
C ARG B 320 -9.31 7.02 -8.80
N SER B 321 -8.88 6.28 -7.75
CA SER B 321 -9.72 6.08 -6.56
C SER B 321 -9.96 7.39 -5.82
N ARG B 322 -9.09 8.39 -6.05
CA ARG B 322 -9.24 9.71 -5.46
C ARG B 322 -9.86 10.73 -6.42
N TRP B 323 -10.13 10.38 -7.69
CA TRP B 323 -10.81 11.31 -8.60
C TRP B 323 -12.26 11.51 -8.17
N LEU B 324 -12.89 12.58 -8.66
CA LEU B 324 -14.13 13.11 -8.10
C LEU B 324 -15.40 12.75 -8.88
N ALA B 325 -15.32 12.73 -10.21
CA ALA B 325 -16.50 12.65 -11.06
C ALA B 325 -16.10 12.19 -12.46
N SER B 326 -17.03 11.53 -13.14
CA SER B 326 -16.92 11.10 -14.53
C SER B 326 -18.33 11.07 -15.14
N PHE B 327 -18.47 11.55 -16.38
CA PHE B 327 -19.66 11.29 -17.17
C PHE B 327 -19.29 11.12 -18.64
N CYS B 328 -19.82 10.08 -19.29
CA CYS B 328 -19.69 9.95 -20.74
C CYS B 328 -20.64 10.91 -21.47
N ALA B 329 -20.18 11.41 -22.61
CA ALA B 329 -20.90 12.43 -23.36
C ALA B 329 -22.16 11.79 -23.93
N SER B 330 -23.28 12.47 -23.71
CA SER B 330 -24.57 12.04 -24.21
C SER B 330 -24.58 12.09 -25.75
N GLY B 331 -25.38 11.19 -26.32
CA GLY B 331 -25.37 10.95 -27.75
C GLY B 331 -25.09 9.48 -28.04
N GLN B 332 -24.01 9.26 -28.78
CA GLN B 332 -23.58 7.91 -29.10
C GLN B 332 -22.09 7.73 -28.76
N GLY B 333 -21.73 6.47 -28.54
CA GLY B 333 -20.33 6.04 -28.51
C GLY B 333 -19.91 5.60 -29.90
N LEU B 334 -18.89 4.75 -29.93
CA LEU B 334 -18.38 4.18 -31.16
C LEU B 334 -17.94 2.74 -30.89
N VAL B 335 -18.34 1.83 -31.76
CA VAL B 335 -17.85 0.47 -31.70
C VAL B 335 -16.95 0.25 -32.93
N LEU B 336 -15.70 -0.12 -32.69
CA LEU B 336 -14.73 -0.36 -33.76
C LEU B 336 -14.99 -1.70 -34.45
N PRO B 337 -14.52 -1.89 -35.70
CA PRO B 337 -14.56 -3.20 -36.37
C PRO B 337 -14.01 -4.37 -35.54
N SER B 338 -13.04 -4.07 -34.66
CA SER B 338 -12.48 -5.05 -33.72
C SER B 338 -13.50 -5.51 -32.68
N GLY B 339 -14.51 -4.72 -32.35
CA GLY B 339 -15.43 -5.09 -31.28
C GLY B 339 -15.29 -4.21 -30.04
N ARG B 340 -14.28 -3.32 -30.05
CA ARG B 340 -14.01 -2.43 -28.94
C ARG B 340 -15.12 -1.37 -28.84
N ILE B 341 -15.84 -1.38 -27.73
CA ILE B 341 -16.85 -0.39 -27.41
C ILE B 341 -16.19 0.82 -26.73
N MET B 342 -16.53 2.04 -27.22
CA MET B 342 -15.90 3.27 -26.74
C MET B 342 -16.94 4.36 -26.47
N PHE B 343 -16.81 5.00 -25.30
CA PHE B 343 -17.43 6.27 -24.96
C PHE B 343 -16.34 7.19 -24.40
N VAL B 344 -16.40 8.49 -24.68
CA VAL B 344 -15.46 9.39 -24.04
C VAL B 344 -16.05 9.88 -22.74
N ALA B 345 -15.31 9.70 -21.63
CA ALA B 345 -15.68 10.27 -20.36
C ALA B 345 -14.98 11.62 -20.22
N ALA B 346 -15.67 12.53 -19.55
CA ALA B 346 -15.07 13.77 -19.08
C ALA B 346 -14.96 13.66 -17.57
N ILE B 347 -13.73 13.80 -17.05
CA ILE B 347 -13.45 13.41 -15.68
C ILE B 347 -12.91 14.60 -14.89
N ARG B 348 -13.43 14.76 -13.68
CA ARG B 348 -12.92 15.71 -12.69
C ARG B 348 -11.92 14.99 -11.77
N GLU B 349 -10.64 15.35 -11.83
CA GLU B 349 -9.58 14.63 -11.13
C GLU B 349 -9.30 15.26 -9.78
N SER B 350 -9.60 16.54 -9.63
CA SER B 350 -9.17 17.30 -8.47
C SER B 350 -10.28 18.22 -8.01
N GLY B 351 -10.42 18.33 -6.68
CA GLY B 351 -11.44 19.12 -6.02
C GLY B 351 -11.05 20.57 -5.79
N GLN B 352 -9.90 21.00 -6.34
CA GLN B 352 -9.46 22.39 -6.23
C GLN B 352 -9.92 23.20 -7.45
N GLU B 353 -10.42 22.53 -8.50
CA GLU B 353 -10.80 23.26 -9.70
C GLU B 353 -11.97 22.56 -10.38
N TYR B 354 -12.51 23.25 -11.39
CA TYR B 354 -13.66 22.82 -12.16
C TYR B 354 -13.20 22.57 -13.59
N VAL B 355 -12.11 21.81 -13.71
CA VAL B 355 -11.49 21.44 -14.97
C VAL B 355 -11.82 19.98 -15.18
N LEU B 356 -12.06 19.59 -16.44
CA LEU B 356 -12.30 18.20 -16.77
C LEU B 356 -11.25 17.77 -17.76
N ASN B 357 -10.86 16.49 -17.69
CA ASN B 357 -9.99 15.92 -18.68
C ASN B 357 -10.72 14.73 -19.30
N ASN B 358 -10.47 14.48 -20.58
CA ASN B 358 -11.16 13.45 -21.34
C ASN B 358 -10.33 12.17 -21.32
N TYR B 359 -11.01 11.04 -21.12
CA TYR B 359 -10.44 9.71 -21.24
C TYR B 359 -11.44 8.88 -22.02
N VAL B 360 -10.97 7.98 -22.91
CA VAL B 360 -11.85 6.98 -23.49
C VAL B 360 -12.11 5.87 -22.49
N LEU B 361 -13.40 5.63 -22.19
CA LEU B 361 -13.87 4.46 -21.47
C LEU B 361 -14.21 3.38 -22.51
N TYR B 362 -13.56 2.21 -22.41
CA TYR B 362 -13.73 1.21 -23.44
C TYR B 362 -13.90 -0.19 -22.84
N SER B 363 -14.51 -1.08 -23.63
CA SER B 363 -14.67 -2.49 -23.28
C SER B 363 -14.29 -3.35 -24.48
N ASP B 364 -13.50 -4.41 -24.23
CA ASP B 364 -13.17 -5.41 -25.23
C ASP B 364 -13.88 -6.75 -25.00
N ASP B 365 -14.85 -6.78 -24.09
CA ASP B 365 -15.54 -8.01 -23.76
C ASP B 365 -17.04 -7.74 -23.65
N GLU B 366 -17.58 -6.99 -24.61
CA GLU B 366 -19.03 -6.80 -24.72
C GLU B 366 -19.62 -6.13 -23.49
N GLY B 367 -18.82 -5.32 -22.75
CA GLY B 367 -19.30 -4.59 -21.59
C GLY B 367 -19.16 -5.31 -20.25
N ASP B 368 -18.58 -6.52 -20.25
CA ASP B 368 -18.29 -7.22 -19.00
C ASP B 368 -17.33 -6.39 -18.13
N THR B 369 -16.24 -5.87 -18.71
CA THR B 369 -15.30 -5.01 -17.97
C THR B 369 -14.88 -3.79 -18.81
N TRP B 370 -14.51 -2.71 -18.12
CA TRP B 370 -14.18 -1.43 -18.74
C TRP B 370 -12.80 -0.96 -18.29
N GLN B 371 -12.05 -0.37 -19.23
CA GLN B 371 -10.70 0.14 -19.02
C GLN B 371 -10.71 1.60 -19.50
N LEU B 372 -9.76 2.41 -19.01
CA LEU B 372 -9.61 3.80 -19.45
C LEU B 372 -8.35 3.92 -20.30
N SER B 373 -8.43 4.73 -21.34
CA SER B 373 -7.29 5.10 -22.15
C SER B 373 -6.35 6.00 -21.34
N ASP B 374 -5.25 6.41 -21.95
CA ASP B 374 -4.52 7.56 -21.46
C ASP B 374 -5.36 8.81 -21.73
N CYS B 375 -4.96 9.92 -21.08
CA CYS B 375 -5.69 11.18 -21.21
C CYS B 375 -5.71 11.61 -22.67
N ALA B 376 -6.92 11.90 -23.19
CA ALA B 376 -7.09 12.21 -24.59
C ALA B 376 -7.07 13.73 -24.81
N TYR B 377 -7.49 14.50 -23.79
CA TYR B 377 -7.55 15.94 -23.88
C TYR B 377 -7.56 16.54 -22.48
N ARG B 378 -6.84 17.64 -22.30
CA ARG B 378 -6.82 18.37 -21.04
C ARG B 378 -7.75 19.57 -21.16
N ARG B 379 -8.43 19.94 -20.07
CA ARG B 379 -9.38 21.02 -20.08
C ARG B 379 -10.39 20.75 -21.20
N GLY B 380 -10.87 19.50 -21.27
CA GLY B 380 -11.89 19.08 -22.19
C GLY B 380 -13.29 19.24 -21.61
N ASP B 381 -14.21 18.51 -22.26
CA ASP B 381 -15.63 18.49 -21.98
C ASP B 381 -16.23 17.36 -22.84
N GLU B 382 -17.55 17.37 -23.04
CA GLU B 382 -18.21 16.33 -23.81
C GLU B 382 -17.48 16.10 -25.14
N ALA B 383 -17.09 14.84 -25.40
CA ALA B 383 -16.35 14.51 -26.59
C ALA B 383 -16.94 13.30 -27.29
N LYS B 384 -16.74 13.28 -28.62
CA LYS B 384 -17.29 12.26 -29.50
C LYS B 384 -16.17 11.62 -30.33
N LEU B 385 -16.43 10.38 -30.76
CA LEU B 385 -15.46 9.61 -31.53
C LEU B 385 -16.06 9.23 -32.88
N SER B 386 -15.19 9.07 -33.90
CA SER B 386 -15.58 8.53 -35.18
C SER B 386 -14.36 7.88 -35.83
N LEU B 387 -14.58 6.90 -36.71
CA LEU B 387 -13.51 6.09 -37.28
C LEU B 387 -13.10 6.69 -38.62
N MET B 388 -11.83 7.08 -38.72
CA MET B 388 -11.28 7.62 -39.96
C MET B 388 -11.19 6.51 -41.00
N PRO B 389 -11.14 6.86 -42.31
CA PRO B 389 -10.97 5.87 -43.38
C PRO B 389 -9.75 4.98 -43.21
N ASP B 390 -8.62 5.57 -42.78
CA ASP B 390 -7.37 4.85 -42.64
C ASP B 390 -7.28 4.07 -41.31
N GLY B 391 -8.26 4.21 -40.41
CA GLY B 391 -8.29 3.38 -39.20
C GLY B 391 -7.89 4.11 -37.93
N ARG B 392 -7.35 5.33 -38.05
CA ARG B 392 -7.25 6.22 -36.90
C ARG B 392 -8.64 6.53 -36.30
N VAL B 393 -8.66 6.95 -35.04
CA VAL B 393 -9.90 7.37 -34.39
C VAL B 393 -9.87 8.88 -34.20
N LEU B 394 -10.95 9.55 -34.61
CA LEU B 394 -11.02 10.99 -34.49
C LEU B 394 -11.85 11.34 -33.26
N MET B 395 -11.39 12.33 -32.50
CA MET B 395 -12.13 12.80 -31.35
C MET B 395 -12.44 14.28 -31.57
N SER B 396 -13.69 14.64 -31.25
CA SER B 396 -14.19 16.00 -31.26
C SER B 396 -14.56 16.40 -29.83
N ILE B 397 -13.97 17.48 -29.33
CA ILE B 397 -14.10 17.86 -27.92
C ILE B 397 -14.77 19.22 -27.85
N ARG B 398 -15.85 19.29 -27.06
CA ARG B 398 -16.50 20.54 -26.71
C ARG B 398 -15.50 21.50 -26.07
N ASN B 399 -15.62 22.76 -26.49
CA ASN B 399 -14.77 23.83 -26.01
C ASN B 399 -15.41 24.34 -24.72
N GLN B 400 -14.77 24.07 -23.59
CA GLN B 400 -15.26 24.50 -22.29
C GLN B 400 -14.59 25.81 -21.90
N GLY B 401 -15.37 26.81 -21.49
CA GLY B 401 -14.82 28.05 -20.94
C GLY B 401 -14.20 29.00 -21.99
N ARG B 402 -14.61 28.88 -23.25
CA ARG B 402 -14.20 29.78 -24.33
C ARG B 402 -12.68 29.79 -24.49
N GLN B 403 -12.07 28.63 -24.63
CA GLN B 403 -10.63 28.56 -24.76
C GLN B 403 -10.21 28.95 -26.17
N GLU B 404 -8.98 29.49 -26.30
CA GLU B 404 -8.31 29.81 -27.56
C GLU B 404 -9.21 30.71 -28.42
N SER B 405 -9.52 30.29 -29.64
CA SER B 405 -10.36 31.08 -30.54
C SER B 405 -11.82 30.63 -30.53
N ARG B 406 -12.26 29.92 -29.48
CA ARG B 406 -13.63 29.44 -29.35
C ARG B 406 -13.99 28.44 -30.46
N GLN B 407 -13.00 27.66 -30.87
CA GLN B 407 -13.21 26.67 -31.90
C GLN B 407 -13.44 25.31 -31.22
N ARG B 408 -14.09 24.41 -31.97
CA ARG B 408 -14.15 23.00 -31.63
C ARG B 408 -12.74 22.44 -31.63
N PHE B 409 -12.48 21.54 -30.67
CA PHE B 409 -11.18 20.90 -30.57
C PHE B 409 -11.26 19.49 -31.13
N PHE B 410 -10.13 19.01 -31.64
CA PHE B 410 -10.02 17.68 -32.20
C PHE B 410 -8.69 17.03 -31.78
N ALA B 411 -8.68 15.69 -31.79
CA ALA B 411 -7.52 14.88 -31.44
C ALA B 411 -7.61 13.59 -32.25
N LEU B 412 -6.47 12.95 -32.49
CA LEU B 412 -6.40 11.68 -33.21
C LEU B 412 -5.66 10.63 -32.39
N SER B 413 -6.00 9.37 -32.68
CA SER B 413 -5.42 8.17 -32.09
C SER B 413 -5.12 7.20 -33.21
N SER B 414 -3.92 6.61 -33.20
CA SER B 414 -3.55 5.59 -34.16
C SER B 414 -3.54 4.20 -33.52
N ASP B 415 -3.90 4.08 -32.23
CA ASP B 415 -3.83 2.80 -31.53
C ASP B 415 -5.22 2.42 -31.01
N ASP B 416 -6.25 2.63 -31.84
CA ASP B 416 -7.62 2.30 -31.48
C ASP B 416 -8.03 2.95 -30.15
N GLY B 417 -7.56 4.18 -29.91
CA GLY B 417 -8.14 4.99 -28.85
C GLY B 417 -7.37 4.96 -27.53
N LEU B 418 -6.22 4.26 -27.47
CA LEU B 418 -5.49 4.20 -26.21
C LEU B 418 -4.69 5.48 -25.97
N THR B 419 -4.08 6.05 -27.01
CA THR B 419 -3.29 7.27 -26.88
C THR B 419 -3.69 8.23 -28.00
N TRP B 420 -3.45 9.52 -27.73
CA TRP B 420 -4.08 10.61 -28.45
C TRP B 420 -3.06 11.71 -28.70
N GLU B 421 -3.21 12.42 -29.82
CA GLU B 421 -2.53 13.70 -29.94
C GLU B 421 -3.48 14.74 -30.53
N ARG B 422 -3.30 15.99 -30.13
CA ARG B 422 -4.08 17.06 -30.71
C ARG B 422 -3.98 17.07 -32.23
N ALA B 423 -5.09 17.43 -32.90
CA ALA B 423 -5.13 17.48 -34.35
C ALA B 423 -5.76 18.81 -34.79
N LYS B 424 -4.92 19.85 -34.81
CA LYS B 424 -5.31 21.19 -35.21
C LYS B 424 -5.72 21.26 -36.67
N GLN B 425 -5.45 20.22 -37.46
CA GLN B 425 -5.79 20.23 -38.87
C GLN B 425 -7.30 20.08 -39.07
N PHE B 426 -8.02 19.58 -38.05
CA PHE B 426 -9.48 19.44 -38.16
C PHE B 426 -10.16 20.70 -37.64
N GLU B 427 -9.41 21.65 -37.10
CA GLU B 427 -10.01 22.77 -36.42
C GLU B 427 -10.36 23.86 -37.44
N GLY B 428 -11.29 24.74 -37.04
CA GLY B 428 -11.75 25.82 -37.91
C GLY B 428 -13.27 26.01 -37.92
N ILE B 429 -14.04 25.15 -37.23
CA ILE B 429 -15.43 25.47 -36.94
C ILE B 429 -15.56 25.98 -35.50
N HIS B 430 -16.47 26.96 -35.31
CA HIS B 430 -16.80 27.54 -34.04
C HIS B 430 -17.55 26.54 -33.15
N ASP B 431 -17.26 26.58 -31.85
CA ASP B 431 -18.04 25.89 -30.84
C ASP B 431 -18.43 26.88 -29.74
N PRO B 432 -19.70 27.30 -29.66
CA PRO B 432 -20.10 28.23 -28.62
C PRO B 432 -20.12 27.53 -27.27
N GLY B 433 -19.77 26.24 -27.20
CA GLY B 433 -19.76 25.50 -25.94
C GLY B 433 -20.95 24.57 -25.80
N CYS B 434 -21.02 23.56 -26.67
CA CYS B 434 -22.22 22.77 -26.78
C CYS B 434 -21.87 21.37 -27.27
N ASN B 435 -22.64 20.38 -26.80
CA ASN B 435 -22.53 19.02 -27.31
C ASN B 435 -23.00 18.97 -28.76
N GLY B 436 -22.35 18.10 -29.54
CA GLY B 436 -22.68 17.90 -30.94
C GLY B 436 -22.27 16.51 -31.40
N ALA B 437 -22.39 16.26 -32.72
CA ALA B 437 -22.19 14.93 -33.25
C ALA B 437 -21.38 14.95 -34.54
N MET B 438 -20.80 13.80 -34.88
CA MET B 438 -20.11 13.68 -36.15
C MET B 438 -20.37 12.31 -36.77
N LEU B 439 -20.19 12.26 -38.10
CA LEU B 439 -20.44 11.10 -38.93
C LEU B 439 -19.40 11.08 -40.06
N GLN B 440 -18.74 9.94 -40.23
CA GLN B 440 -17.89 9.72 -41.38
C GLN B 440 -18.80 9.33 -42.54
N VAL B 441 -18.75 10.11 -43.63
CA VAL B 441 -19.62 9.92 -44.78
C VAL B 441 -18.77 9.92 -46.04
N LYS B 442 -19.26 9.23 -47.09
CA LYS B 442 -18.72 9.36 -48.45
C LYS B 442 -19.67 10.23 -49.26
N ARG B 443 -19.15 11.31 -49.82
CA ARG B 443 -19.95 12.20 -50.63
C ARG B 443 -19.17 12.56 -51.91
N ASN B 444 -19.77 12.26 -53.08
CA ASN B 444 -19.16 12.53 -54.37
C ASN B 444 -17.85 11.77 -54.51
N GLY B 445 -17.83 10.53 -53.99
CA GLY B 445 -16.65 9.69 -53.98
C GLY B 445 -15.53 10.16 -53.04
N ARG B 446 -15.78 11.11 -52.13
CA ARG B 446 -14.77 11.59 -51.19
C ARG B 446 -15.18 11.26 -49.76
N ASP B 447 -14.20 10.91 -48.91
CA ASP B 447 -14.46 10.58 -47.51
C ASP B 447 -14.52 11.89 -46.73
N GLN B 448 -15.63 12.17 -46.05
CA GLN B 448 -15.74 13.45 -45.36
C GLN B 448 -16.32 13.24 -43.97
N VAL B 449 -16.28 14.31 -43.15
CA VAL B 449 -16.90 14.30 -41.83
C VAL B 449 -18.04 15.33 -41.79
N LEU B 450 -19.22 14.85 -41.40
CA LEU B 450 -20.34 15.72 -41.11
C LEU B 450 -20.35 15.98 -39.61
N HIS B 451 -20.34 17.26 -39.23
CA HIS B 451 -20.35 17.65 -37.83
C HIS B 451 -21.54 18.58 -37.59
N SER B 452 -22.25 18.35 -36.48
CA SER B 452 -23.36 19.19 -36.06
C SER B 452 -22.94 19.99 -34.83
N LEU B 453 -23.24 21.30 -34.86
CA LEU B 453 -23.06 22.25 -33.77
C LEU B 453 -24.04 23.41 -33.93
N PRO B 454 -24.37 24.17 -32.88
CA PRO B 454 -24.95 25.48 -33.07
C PRO B 454 -23.96 26.41 -33.79
N LEU B 455 -24.48 27.24 -34.70
CA LEU B 455 -23.64 28.20 -35.42
C LEU B 455 -23.18 29.33 -34.51
N GLY B 456 -24.02 29.68 -33.54
CA GLY B 456 -23.78 30.86 -32.76
C GLY B 456 -23.96 32.10 -33.63
N PRO B 457 -23.08 33.12 -33.52
CA PRO B 457 -21.86 33.04 -32.69
C PRO B 457 -22.09 33.17 -31.17
N ASP B 458 -21.37 32.39 -30.36
CA ASP B 458 -21.31 32.64 -28.92
C ASP B 458 -22.70 32.54 -28.29
N GLY B 459 -23.46 31.54 -28.73
CA GLY B 459 -24.82 31.32 -28.27
C GLY B 459 -25.36 30.05 -28.93
N ARG B 460 -26.34 29.46 -28.29
CA ARG B 460 -26.97 28.23 -28.76
C ARG B 460 -28.13 28.60 -29.68
N ARG B 461 -27.78 28.84 -30.94
CA ARG B 461 -28.74 29.24 -31.96
C ARG B 461 -28.23 28.76 -33.31
N ASP B 462 -29.21 28.54 -34.18
CA ASP B 462 -29.04 28.13 -35.55
C ASP B 462 -28.29 26.81 -35.60
N GLY B 463 -29.03 25.73 -35.40
CA GLY B 463 -28.49 24.40 -35.59
C GLY B 463 -27.94 24.20 -37.01
N ALA B 464 -26.66 23.83 -37.08
CA ALA B 464 -25.91 23.82 -38.32
C ALA B 464 -25.22 22.48 -38.47
N VAL B 465 -24.91 22.15 -39.73
CA VAL B 465 -23.99 21.08 -40.06
C VAL B 465 -22.89 21.65 -40.96
N TYR B 466 -21.72 21.02 -40.86
CA TYR B 466 -20.56 21.31 -41.70
C TYR B 466 -20.02 19.97 -42.22
N LEU B 467 -19.34 20.06 -43.37
CA LEU B 467 -18.67 18.92 -43.97
C LEU B 467 -17.19 19.22 -44.01
N PHE B 468 -16.39 18.35 -43.37
CA PHE B 468 -14.93 18.43 -43.50
C PHE B 468 -14.46 17.42 -44.54
N ASP B 469 -13.79 17.94 -45.58
CA ASP B 469 -13.27 17.10 -46.66
C ASP B 469 -11.90 16.59 -46.23
N HIS B 470 -11.75 15.27 -46.14
CA HIS B 470 -10.49 14.66 -45.68
C HIS B 470 -9.33 14.99 -46.62
N THR B 471 -9.50 14.74 -47.92
CA THR B 471 -8.41 14.89 -48.88
C THR B 471 -7.96 16.35 -48.97
N SER B 472 -8.91 17.32 -48.99
CA SER B 472 -8.58 18.74 -49.10
C SER B 472 -8.26 19.37 -47.75
N GLY B 473 -8.75 18.76 -46.66
CA GLY B 473 -8.47 19.26 -45.33
C GLY B 473 -9.13 20.60 -45.02
N ARG B 474 -10.35 20.86 -45.53
CA ARG B 474 -11.05 22.05 -45.07
C ARG B 474 -12.56 21.83 -44.96
N TRP B 475 -13.14 22.76 -44.20
CA TRP B 475 -14.55 22.74 -43.83
C TRP B 475 -15.36 23.47 -44.88
N SER B 476 -16.54 22.92 -45.18
CA SER B 476 -17.58 23.63 -45.89
C SER B 476 -18.01 24.83 -45.06
N ALA B 477 -18.73 25.76 -45.70
CA ALA B 477 -19.52 26.74 -44.99
C ALA B 477 -20.58 25.99 -44.18
N PRO B 478 -21.12 26.61 -43.11
CA PRO B 478 -22.21 26.03 -42.34
C PRO B 478 -23.49 25.98 -43.17
N VAL B 479 -24.31 24.94 -42.96
CA VAL B 479 -25.68 24.93 -43.42
C VAL B 479 -26.59 24.85 -42.20
N VAL B 480 -27.47 25.83 -42.06
CA VAL B 480 -28.43 25.87 -40.96
C VAL B 480 -29.57 24.91 -41.25
N VAL B 481 -29.72 23.88 -40.39
CA VAL B 481 -30.80 22.92 -40.46
C VAL B 481 -32.04 23.49 -39.80
N ASN B 482 -31.86 24.12 -38.64
CA ASN B 482 -32.97 24.64 -37.84
C ASN B 482 -32.56 25.98 -37.25
N SER B 483 -33.12 27.05 -37.84
CA SER B 483 -32.88 28.40 -37.33
C SER B 483 -33.46 28.53 -35.94
N GLY B 484 -33.02 29.53 -35.17
CA GLY B 484 -33.57 29.77 -33.83
C GLY B 484 -32.76 29.04 -32.73
N SER B 485 -33.28 29.11 -31.50
CA SER B 485 -32.66 28.41 -30.39
C SER B 485 -32.44 26.95 -30.77
N SER B 486 -31.18 26.52 -30.67
CA SER B 486 -30.76 25.17 -30.98
C SER B 486 -29.58 24.83 -30.06
N ALA B 487 -29.56 23.64 -29.47
CA ALA B 487 -28.51 23.29 -28.52
C ALA B 487 -27.92 21.95 -28.92
N TYR B 488 -28.04 20.94 -28.05
CA TYR B 488 -27.44 19.64 -28.31
C TYR B 488 -28.02 18.97 -29.55
N SER B 489 -27.17 18.24 -30.25
CA SER B 489 -27.56 17.46 -31.40
C SER B 489 -26.84 16.11 -31.35
N ASP B 490 -27.55 15.09 -31.84
CA ASP B 490 -26.99 13.80 -32.18
C ASP B 490 -27.38 13.52 -33.62
N MET B 491 -26.61 12.67 -34.29
CA MET B 491 -26.87 12.31 -35.67
C MET B 491 -26.58 10.82 -35.87
N THR B 492 -27.43 10.16 -36.67
CA THR B 492 -27.21 8.79 -37.11
C THR B 492 -27.26 8.75 -38.64
N LEU B 493 -26.44 7.87 -39.21
CA LEU B 493 -26.41 7.66 -40.64
C LEU B 493 -27.37 6.52 -40.95
N LEU B 494 -28.47 6.81 -41.67
CA LEU B 494 -29.50 5.81 -41.93
C LEU B 494 -29.09 4.94 -43.11
N ALA B 495 -29.79 3.80 -43.29
CA ALA B 495 -29.41 2.72 -44.21
C ALA B 495 -29.23 3.22 -45.65
N ASP B 496 -30.06 4.21 -46.06
CA ASP B 496 -30.04 4.77 -47.40
C ASP B 496 -28.99 5.87 -47.54
N GLY B 497 -28.18 6.09 -46.49
CA GLY B 497 -27.22 7.19 -46.46
C GLY B 497 -27.87 8.56 -46.18
N THR B 498 -29.14 8.61 -45.75
CA THR B 498 -29.73 9.87 -45.29
C THR B 498 -29.37 10.07 -43.81
N ILE B 499 -29.56 11.29 -43.30
CA ILE B 499 -29.15 11.65 -41.94
C ILE B 499 -30.35 11.74 -41.03
N GLY B 500 -30.30 10.99 -39.93
CA GLY B 500 -31.18 11.21 -38.80
C GLY B 500 -30.56 12.19 -37.80
N TYR B 501 -31.16 13.38 -37.68
CA TYR B 501 -30.69 14.49 -36.88
C TYR B 501 -31.66 14.71 -35.73
N PHE B 502 -31.14 14.65 -34.51
CA PHE B 502 -31.96 14.73 -33.32
C PHE B 502 -31.45 15.90 -32.48
N VAL B 503 -32.21 17.02 -32.43
CA VAL B 503 -31.70 18.31 -31.99
C VAL B 503 -32.62 18.90 -30.93
N GLU B 504 -32.05 19.77 -30.08
CA GLU B 504 -32.79 20.53 -29.08
C GLU B 504 -33.22 21.87 -29.69
N GLU B 505 -34.52 22.01 -29.97
CA GLU B 505 -35.07 23.25 -30.53
C GLU B 505 -35.81 24.05 -29.46
N ASP B 506 -35.78 25.40 -29.61
CA ASP B 506 -36.63 26.29 -28.82
C ASP B 506 -35.98 26.66 -27.48
N ASP B 507 -36.50 27.74 -26.89
CA ASP B 507 -36.04 28.20 -25.59
C ASP B 507 -36.45 27.22 -24.50
N GLU B 508 -37.70 26.79 -24.52
CA GLU B 508 -38.14 25.64 -23.75
C GLU B 508 -38.08 24.42 -24.67
N ILE B 509 -37.14 23.53 -24.35
CA ILE B 509 -36.56 22.68 -25.36
C ILE B 509 -37.54 21.55 -25.66
N SER B 510 -37.72 21.31 -26.97
CA SER B 510 -38.22 20.08 -27.55
C SER B 510 -37.08 19.35 -28.26
N LEU B 511 -37.16 18.03 -28.29
CA LEU B 511 -36.19 17.20 -28.98
C LEU B 511 -36.80 16.77 -30.30
N VAL B 512 -36.11 17.04 -31.40
CA VAL B 512 -36.79 17.00 -32.68
C VAL B 512 -36.00 16.14 -33.63
N PHE B 513 -36.68 15.14 -34.19
CA PHE B 513 -36.09 14.23 -35.18
C PHE B 513 -36.29 14.84 -36.56
N ILE B 514 -35.20 14.99 -37.31
CA ILE B 514 -35.23 15.51 -38.66
C ILE B 514 -34.46 14.52 -39.54
N ARG B 515 -35.08 14.06 -40.65
CA ARG B 515 -34.37 13.27 -41.66
C ARG B 515 -34.11 14.14 -42.88
N PHE B 516 -32.84 14.22 -43.28
CA PHE B 516 -32.47 15.03 -44.42
C PHE B 516 -31.43 14.29 -45.26
N VAL B 517 -31.19 14.83 -46.46
CA VAL B 517 -30.33 14.24 -47.47
C VAL B 517 -29.26 15.28 -47.77
N LEU B 518 -27.99 14.86 -47.80
CA LEU B 518 -26.87 15.79 -47.88
C LEU B 518 -26.88 16.57 -49.21
N ASP B 519 -27.36 15.95 -50.28
CA ASP B 519 -27.47 16.61 -51.58
C ASP B 519 -28.50 17.74 -51.55
N ASP B 520 -29.54 17.62 -50.72
CA ASP B 520 -30.52 18.70 -50.51
C ASP B 520 -29.87 19.91 -49.83
N LEU B 521 -29.06 19.67 -48.79
CA LEU B 521 -28.52 20.74 -47.95
C LEU B 521 -27.33 21.45 -48.60
N PHE B 522 -26.43 20.66 -49.20
CA PHE B 522 -25.20 21.21 -49.76
C PHE B 522 -25.25 21.20 -51.29
N ASP B 523 -24.49 22.11 -51.91
CA ASP B 523 -24.13 22.04 -53.32
C ASP B 523 -22.76 22.70 -53.50
N ALA B 524 -22.34 22.98 -54.74
CA ALA B 524 -20.98 23.47 -55.05
C ALA B 524 -20.68 24.83 -54.40
N ARG B 525 -21.52 25.24 -53.42
CA ARG B 525 -21.49 26.53 -52.76
C ARG B 525 -20.92 26.41 -51.32
N GLN B 526 -21.00 25.19 -50.76
CA GLN B 526 -20.32 24.81 -49.52
C GLN B 526 -19.58 23.47 -49.72
N GLN C 31 20.99 -16.50 -12.46
CA GLN C 31 20.58 -17.93 -12.44
C GLN C 31 21.29 -18.74 -11.33
N GLU C 32 22.04 -18.08 -10.43
CA GLU C 32 22.55 -18.71 -9.21
C GLU C 32 21.39 -19.11 -8.29
N VAL C 33 21.61 -20.16 -7.48
CA VAL C 33 20.63 -20.74 -6.58
C VAL C 33 21.08 -20.42 -5.16
N THR C 34 20.18 -19.90 -4.30
CA THR C 34 20.48 -19.60 -2.90
C THR C 34 19.94 -20.70 -1.99
N MET C 35 20.74 -21.10 -1.00
CA MET C 35 20.41 -22.25 -0.17
C MET C 35 20.53 -21.87 1.29
N TRP C 36 19.63 -22.43 2.13
CA TRP C 36 19.66 -22.26 3.56
C TRP C 36 19.50 -23.60 4.25
N GLY C 37 20.46 -23.91 5.13
CA GLY C 37 20.35 -25.06 6.01
C GLY C 37 19.56 -24.67 7.25
N ASP C 38 18.75 -25.60 7.75
CA ASP C 38 17.86 -25.30 8.86
C ASP C 38 18.50 -25.77 10.17
N SER C 39 18.24 -25.02 11.25
CA SER C 39 18.80 -25.27 12.57
C SER C 39 17.74 -25.22 13.66
N HIS C 40 16.46 -25.35 13.31
CA HIS C 40 15.40 -25.49 14.31
C HIS C 40 15.48 -26.87 14.94
N GLY C 41 14.99 -26.94 16.18
CA GLY C 41 14.86 -28.22 16.86
C GLY C 41 13.88 -29.17 16.16
N VAL C 42 14.01 -30.44 16.53
CA VAL C 42 13.19 -31.54 16.06
C VAL C 42 12.96 -32.50 17.22
N ALA C 43 11.96 -33.36 17.03
CA ALA C 43 11.61 -34.37 18.01
C ALA C 43 11.25 -35.66 17.28
N PRO C 44 11.18 -36.83 17.97
CA PRO C 44 10.78 -38.10 17.33
C PRO C 44 9.41 -37.99 16.66
N ASN C 45 9.23 -38.70 15.55
CA ASN C 45 7.91 -38.88 14.93
C ASN C 45 7.33 -37.56 14.45
N GLN C 46 8.07 -36.80 13.62
CA GLN C 46 7.60 -35.57 13.04
C GLN C 46 7.69 -35.69 11.51
N MET C 47 6.75 -35.04 10.83
CA MET C 47 6.60 -35.14 9.39
C MET C 47 7.17 -33.89 8.72
N TYR C 48 7.83 -34.07 7.57
CA TYR C 48 8.22 -32.97 6.69
C TYR C 48 9.07 -31.92 7.42
N ARG C 49 10.12 -32.37 8.12
CA ARG C 49 11.09 -31.50 8.73
C ARG C 49 12.09 -31.04 7.67
N THR C 50 12.12 -29.74 7.40
CA THR C 50 13.06 -29.16 6.45
C THR C 50 14.51 -29.36 6.91
N LEU C 51 15.38 -29.80 5.99
CA LEU C 51 16.80 -29.86 6.31
C LEU C 51 17.54 -28.76 5.54
N VAL C 52 17.22 -28.61 4.25
CA VAL C 52 17.82 -27.59 3.42
C VAL C 52 16.72 -27.02 2.54
N LYS C 53 16.74 -25.71 2.32
CA LYS C 53 15.80 -25.11 1.39
C LYS C 53 16.58 -24.34 0.34
N VAL C 54 15.95 -24.24 -0.83
CA VAL C 54 16.63 -23.86 -2.04
C VAL C 54 15.71 -22.89 -2.77
N ALA C 55 16.30 -21.79 -3.24
CA ALA C 55 15.57 -20.77 -3.95
C ALA C 55 16.21 -20.56 -5.31
N LEU C 56 15.49 -20.89 -6.37
CA LEU C 56 15.90 -20.46 -7.69
C LEU C 56 15.70 -18.96 -7.76
N SER C 57 16.58 -18.28 -8.52
CA SER C 57 16.49 -16.85 -8.70
C SER C 57 15.27 -16.48 -9.55
N GLU C 58 14.68 -17.49 -10.20
CA GLU C 58 13.63 -17.28 -11.20
C GLU C 58 12.99 -18.63 -11.51
N SER C 59 11.74 -18.61 -12.00
CA SER C 59 11.12 -19.81 -12.57
C SER C 59 12.08 -20.54 -13.49
N LEU C 60 11.97 -21.87 -13.56
CA LEU C 60 12.61 -22.63 -14.63
C LEU C 60 12.08 -22.13 -15.97
N PRO C 61 12.93 -21.89 -17.00
CA PRO C 61 12.47 -21.36 -18.29
C PRO C 61 11.56 -22.35 -19.02
N PRO C 62 10.55 -21.89 -19.81
CA PRO C 62 9.49 -22.78 -20.31
C PRO C 62 9.95 -23.97 -21.15
N ASP C 63 11.12 -23.88 -21.78
CA ASP C 63 11.70 -24.99 -22.53
C ASP C 63 12.10 -26.14 -21.59
N ALA C 64 12.52 -25.81 -20.35
CA ALA C 64 13.17 -26.76 -19.45
C ALA C 64 12.27 -27.98 -19.20
N LYS C 65 12.88 -29.13 -19.01
CA LYS C 65 12.15 -30.39 -18.88
C LYS C 65 12.31 -31.01 -17.49
N GLN C 66 13.52 -30.93 -16.92
CA GLN C 66 13.83 -31.70 -15.73
C GLN C 66 14.80 -30.95 -14.82
N ILE C 67 14.60 -31.08 -13.50
CA ILE C 67 15.55 -30.57 -12.50
C ILE C 67 16.02 -31.72 -11.63
N ARG C 68 17.34 -31.88 -11.48
CA ARG C 68 17.91 -32.94 -10.65
C ARG C 68 18.70 -32.30 -9.51
N ILE C 69 18.47 -32.81 -8.28
CA ILE C 69 19.13 -32.29 -7.09
C ILE C 69 19.90 -33.44 -6.48
N GLY C 70 21.20 -33.20 -6.29
CA GLY C 70 22.07 -34.13 -5.59
C GLY C 70 22.32 -33.63 -4.18
N PHE C 71 22.45 -34.55 -3.22
CA PHE C 71 22.62 -34.09 -1.86
C PHE C 71 23.39 -35.13 -1.06
N SER C 72 23.89 -34.70 0.10
CA SER C 72 24.60 -35.55 1.03
C SER C 72 23.87 -35.54 2.37
N LEU C 73 24.17 -36.55 3.17
CA LEU C 73 23.44 -36.80 4.38
C LEU C 73 24.23 -37.88 5.09
N PRO C 74 24.71 -37.63 6.32
CA PRO C 74 25.53 -38.62 7.03
C PRO C 74 24.67 -39.77 7.55
N LYS C 75 25.31 -40.91 7.82
CA LYS C 75 24.61 -42.13 8.23
C LYS C 75 23.82 -41.88 9.51
N GLU C 76 24.38 -41.08 10.41
CA GLU C 76 23.77 -40.82 11.71
C GLU C 76 22.46 -40.03 11.54
N THR C 77 22.34 -39.22 10.47
CA THR C 77 21.06 -38.62 10.13
C THR C 77 20.16 -39.66 9.44
N GLU C 78 20.71 -40.42 8.49
CA GLU C 78 19.95 -41.47 7.83
C GLU C 78 19.28 -42.42 8.84
N GLU C 79 20.03 -42.83 9.87
CA GLU C 79 19.56 -43.78 10.88
C GLU C 79 18.32 -43.26 11.61
N LYS C 80 18.12 -41.93 11.64
CA LYS C 80 17.12 -41.33 12.49
C LYS C 80 15.89 -40.88 11.71
N VAL C 81 15.93 -40.98 10.38
CA VAL C 81 14.80 -40.60 9.56
C VAL C 81 14.15 -41.86 8.95
N THR C 82 12.95 -41.70 8.41
CA THR C 82 12.19 -42.81 7.86
C THR C 82 11.78 -42.47 6.43
N ALA C 83 12.07 -41.25 5.99
CA ALA C 83 11.76 -40.83 4.64
C ALA C 83 12.48 -39.52 4.36
N LEU C 84 12.75 -39.24 3.08
CA LEU C 84 13.11 -37.92 2.64
C LEU C 84 12.10 -37.51 1.58
N TYR C 85 12.05 -36.21 1.28
CA TYR C 85 11.17 -35.62 0.30
C TYR C 85 11.86 -34.40 -0.31
N LEU C 86 11.47 -34.06 -1.53
CA LEU C 86 11.52 -32.70 -2.02
C LEU C 86 10.13 -32.15 -1.83
N LEU C 87 10.05 -30.98 -1.17
CA LEU C 87 8.81 -30.23 -1.16
C LEU C 87 9.00 -29.09 -2.14
N VAL C 88 7.94 -28.76 -2.88
CA VAL C 88 7.98 -27.64 -3.78
C VAL C 88 6.85 -26.69 -3.40
N SER C 89 7.17 -25.38 -3.31
CA SER C 89 6.21 -24.37 -2.89
C SER C 89 6.45 -23.10 -3.71
N ASP C 90 5.39 -22.31 -3.85
CA ASP C 90 5.46 -20.95 -4.35
C ASP C 90 6.06 -20.02 -3.29
N SER C 91 6.12 -20.46 -2.02
CA SER C 91 6.54 -19.62 -0.92
C SER C 91 7.86 -20.11 -0.31
N LEU C 92 8.66 -19.13 0.15
CA LEU C 92 9.85 -19.42 0.94
C LEU C 92 9.55 -19.10 2.41
N ALA C 93 9.59 -20.14 3.26
CA ALA C 93 9.13 -20.03 4.63
C ALA C 93 10.29 -20.24 5.58
N VAL C 94 10.15 -19.71 6.79
CA VAL C 94 11.20 -19.78 7.79
C VAL C 94 11.17 -21.14 8.47
N ARG C 95 9.97 -21.60 8.80
CA ARG C 95 9.84 -22.79 9.63
C ARG C 95 9.41 -23.98 8.77
N ASP C 96 9.29 -25.16 9.41
CA ASP C 96 8.77 -26.33 8.74
C ASP C 96 7.40 -26.02 8.12
N LEU C 97 7.15 -26.49 6.89
CA LEU C 97 5.95 -26.08 6.17
C LEU C 97 4.66 -26.51 6.89
N PRO C 98 4.56 -27.67 7.56
CA PRO C 98 3.36 -27.99 8.35
C PRO C 98 3.06 -27.01 9.49
N ASP C 99 4.05 -26.22 9.93
CA ASP C 99 3.79 -25.18 10.94
C ASP C 99 2.78 -24.11 10.46
N TYR C 100 2.63 -23.91 9.15
CA TYR C 100 1.73 -22.89 8.64
C TYR C 100 0.35 -23.44 8.32
N LYS C 101 0.11 -24.73 8.62
CA LYS C 101 -1.22 -25.31 8.71
C LYS C 101 -1.98 -25.10 7.40
N GLY C 102 -1.28 -25.17 6.27
CA GLY C 102 -1.92 -25.09 4.96
C GLY C 102 -1.92 -23.68 4.39
N ARG C 103 -1.45 -22.70 5.16
CA ARG C 103 -1.32 -21.34 4.66
C ARG C 103 -0.19 -21.28 3.64
N VAL C 104 0.77 -22.21 3.73
CA VAL C 104 1.77 -22.39 2.69
C VAL C 104 1.43 -23.69 1.97
N SER C 105 1.12 -23.61 0.67
CA SER C 105 0.87 -24.82 -0.11
C SER C 105 2.19 -25.37 -0.65
N TYR C 106 2.22 -26.71 -0.75
CA TYR C 106 3.39 -27.40 -1.24
C TYR C 106 2.97 -28.78 -1.74
N ASP C 107 3.73 -29.30 -2.72
CA ASP C 107 3.67 -30.67 -3.17
C ASP C 107 4.86 -31.41 -2.59
N SER C 108 4.68 -32.71 -2.30
CA SER C 108 5.74 -33.55 -1.78
C SER C 108 6.12 -34.63 -2.80
N PHE C 109 7.42 -34.93 -2.87
CA PHE C 109 7.99 -35.93 -3.78
C PHE C 109 8.94 -36.84 -3.03
N PRO C 110 8.50 -38.07 -2.67
CA PRO C 110 9.27 -38.91 -1.75
C PRO C 110 10.61 -39.30 -2.34
N ILE C 111 11.56 -39.57 -1.45
CA ILE C 111 12.87 -40.10 -1.79
C ILE C 111 13.21 -41.13 -0.74
N SER C 112 13.56 -42.36 -1.19
CA SER C 112 14.11 -43.35 -0.28
C SER C 112 15.27 -42.72 0.46
N LYS C 113 15.37 -43.01 1.76
CA LYS C 113 16.31 -42.32 2.62
C LYS C 113 17.75 -42.67 2.25
N GLU C 114 17.93 -43.71 1.41
CA GLU C 114 19.24 -44.19 0.98
C GLU C 114 19.72 -43.42 -0.25
N ASP C 115 18.79 -42.89 -1.06
CA ASP C 115 19.17 -42.18 -2.26
C ASP C 115 19.75 -40.81 -1.92
N ARG C 116 20.53 -40.29 -2.90
CA ARG C 116 21.30 -39.06 -2.75
C ARG C 116 21.11 -38.18 -3.97
N THR C 117 20.03 -38.44 -4.70
CA THR C 117 19.70 -37.64 -5.85
C THR C 117 18.23 -37.88 -6.07
N THR C 118 17.59 -36.96 -6.78
CA THR C 118 16.21 -37.09 -7.16
C THR C 118 15.98 -36.13 -8.31
N ALA C 119 14.89 -36.31 -9.07
CA ALA C 119 14.60 -35.43 -10.19
C ALA C 119 13.10 -35.20 -10.28
N LEU C 120 12.71 -34.01 -10.76
CA LEU C 120 11.31 -33.63 -10.93
C LEU C 120 11.15 -33.03 -12.32
N SER C 121 10.06 -33.35 -12.99
CA SER C 121 9.77 -32.69 -14.25
C SER C 121 9.53 -31.22 -13.97
N ALA C 122 9.91 -30.39 -14.94
CA ALA C 122 9.64 -28.96 -14.87
C ALA C 122 8.14 -28.69 -14.78
N ASP C 123 7.32 -29.63 -15.30
CA ASP C 123 5.87 -29.53 -15.22
C ASP C 123 5.39 -29.82 -13.79
N SER C 124 6.01 -30.77 -13.10
CA SER C 124 5.77 -30.99 -11.67
C SER C 124 6.04 -29.72 -10.87
N VAL C 125 7.05 -28.94 -11.29
CA VAL C 125 7.49 -27.79 -10.52
C VAL C 125 6.51 -26.65 -10.75
N ALA C 126 5.99 -26.59 -11.97
CA ALA C 126 4.92 -25.68 -12.33
C ALA C 126 5.29 -24.23 -12.05
N GLY C 127 6.53 -23.85 -12.34
CA GLY C 127 6.94 -22.45 -12.27
C GLY C 127 7.31 -22.01 -10.85
N ARG C 128 7.41 -22.95 -9.91
CA ARG C 128 7.66 -22.59 -8.52
C ARG C 128 9.17 -22.52 -8.32
N ARG C 129 9.59 -21.70 -7.34
CA ARG C 129 11.02 -21.41 -7.18
C ARG C 129 11.64 -22.04 -5.94
N PHE C 130 10.83 -22.63 -5.04
CA PHE C 130 11.34 -23.00 -3.72
C PHE C 130 11.25 -24.50 -3.49
N PHE C 131 12.41 -25.08 -3.19
CA PHE C 131 12.58 -26.52 -3.03
C PHE C 131 13.08 -26.81 -1.62
N TYR C 132 12.43 -27.73 -0.92
CA TYR C 132 12.85 -28.10 0.44
C TYR C 132 13.26 -29.56 0.43
N LEU C 133 14.47 -29.84 0.89
CA LEU C 133 14.87 -31.19 1.21
C LEU C 133 14.46 -31.44 2.66
N ALA C 134 13.49 -32.34 2.84
CA ALA C 134 12.79 -32.53 4.09
C ALA C 134 12.82 -34.01 4.47
N ALA C 135 12.61 -34.32 5.77
CA ALA C 135 12.59 -35.67 6.30
C ALA C 135 11.45 -35.88 7.29
N ASP C 136 10.95 -37.13 7.33
CA ASP C 136 10.18 -37.63 8.46
C ASP C 136 11.13 -38.23 9.47
N ILE C 137 10.92 -37.93 10.73
CA ILE C 137 11.79 -38.42 11.78
C ILE C 137 11.09 -39.64 12.36
N GLY C 138 11.83 -40.75 12.54
CA GLY C 138 11.32 -41.94 13.19
C GLY C 138 11.30 -41.81 14.71
N PRO C 139 11.14 -42.94 15.44
CA PRO C 139 11.07 -42.91 16.91
C PRO C 139 12.45 -43.06 17.54
N VAL C 140 13.30 -42.08 17.35
CA VAL C 140 14.65 -42.05 17.93
C VAL C 140 14.59 -42.06 19.46
N ALA C 141 15.62 -42.63 20.10
CA ALA C 141 15.68 -42.75 21.54
C ALA C 141 17.05 -42.32 22.09
N SER C 142 17.74 -41.37 21.44
CA SER C 142 18.91 -40.75 22.03
C SER C 142 18.96 -39.25 21.72
N PHE C 143 19.23 -38.41 22.74
CA PHE C 143 18.93 -36.98 22.65
C PHE C 143 20.09 -36.09 23.11
N SER C 144 21.32 -36.62 23.07
CA SER C 144 22.51 -35.90 23.53
C SER C 144 22.86 -34.71 22.61
N ARG C 145 24.00 -34.07 22.89
CA ARG C 145 24.46 -32.89 22.16
C ARG C 145 24.92 -33.27 20.74
N SER C 146 25.28 -34.53 20.52
CA SER C 146 25.75 -35.03 19.23
C SER C 146 24.58 -35.53 18.37
N ASP C 147 23.38 -35.63 18.96
CA ASP C 147 22.23 -36.08 18.20
C ASP C 147 21.61 -34.87 17.51
N THR C 148 22.19 -34.57 16.34
CA THR C 148 21.85 -33.47 15.44
C THR C 148 21.59 -34.06 14.06
N LEU C 149 20.58 -33.53 13.34
CA LEU C 149 20.37 -33.96 11.96
C LEU C 149 20.97 -32.92 11.03
N THR C 150 21.51 -33.39 9.90
CA THR C 150 22.05 -32.50 8.89
C THR C 150 21.86 -33.09 7.49
N ALA C 151 21.98 -32.20 6.50
CA ALA C 151 22.12 -32.56 5.10
C ALA C 151 22.71 -31.36 4.36
N ARG C 152 23.15 -31.59 3.11
CA ARG C 152 23.67 -30.54 2.25
C ARG C 152 23.26 -30.82 0.81
N VAL C 153 22.73 -29.81 0.14
CA VAL C 153 22.52 -29.84 -1.29
C VAL C 153 23.86 -29.56 -1.97
N GLU C 154 24.35 -30.57 -2.72
CA GLU C 154 25.64 -30.59 -3.38
C GLU C 154 25.50 -30.11 -4.83
N GLU C 155 24.43 -30.51 -5.54
CA GLU C 155 24.26 -30.11 -6.93
C GLU C 155 22.80 -29.89 -7.25
N LEU C 156 22.53 -28.90 -8.09
CA LEU C 156 21.22 -28.74 -8.67
C LEU C 156 21.38 -28.43 -10.16
N ALA C 157 20.86 -29.33 -11.01
CA ALA C 157 21.10 -29.32 -12.44
C ALA C 157 19.77 -29.28 -13.20
N VAL C 158 19.67 -28.37 -14.17
CA VAL C 158 18.52 -28.31 -15.06
C VAL C 158 18.93 -28.94 -16.41
N ASP C 159 18.28 -30.06 -16.73
CA ASP C 159 18.49 -30.76 -17.99
C ASP C 159 19.98 -30.99 -18.18
N GLY C 160 20.63 -31.53 -17.13
CA GLY C 160 22.04 -31.92 -17.12
C GLY C 160 23.01 -30.79 -16.79
N ARG C 161 22.55 -29.54 -16.88
CA ARG C 161 23.41 -28.36 -16.73
C ARG C 161 23.45 -27.92 -15.27
N PRO C 162 24.52 -28.22 -14.48
CA PRO C 162 24.58 -27.78 -13.09
C PRO C 162 24.41 -26.27 -12.99
N LEU C 163 23.73 -25.82 -11.93
CA LEU C 163 23.56 -24.40 -11.64
C LEU C 163 24.57 -23.98 -10.57
N PRO C 164 24.99 -22.70 -10.51
CA PRO C 164 25.84 -22.25 -9.42
C PRO C 164 25.01 -22.14 -8.14
N LEU C 165 25.61 -22.59 -7.02
CA LEU C 165 24.97 -22.61 -5.69
C LEU C 165 25.64 -21.62 -4.73
N LYS C 166 24.88 -20.99 -3.84
CA LYS C 166 25.50 -20.40 -2.66
C LYS C 166 24.73 -20.81 -1.41
N GLU C 167 25.47 -21.42 -0.51
CA GLU C 167 24.95 -21.90 0.75
C GLU C 167 25.17 -20.80 1.78
N LEU C 168 24.10 -20.24 2.31
CA LEU C 168 24.19 -19.21 3.32
C LEU C 168 24.27 -19.79 4.74
N SER C 169 23.85 -21.03 4.96
CA SER C 169 23.96 -21.55 6.32
C SER C 169 23.95 -23.08 6.30
N PRO C 170 24.58 -23.74 7.28
CA PRO C 170 24.53 -25.21 7.35
C PRO C 170 23.29 -25.67 8.11
N ALA C 171 22.92 -26.92 7.87
CA ALA C 171 21.79 -27.54 8.52
C ALA C 171 22.30 -28.16 9.82
N SER C 172 21.57 -27.96 10.93
CA SER C 172 21.95 -28.59 12.18
C SER C 172 20.76 -28.56 13.14
N ARG C 173 19.99 -29.64 13.17
CA ARG C 173 18.75 -29.66 13.93
C ARG C 173 18.96 -30.57 15.14
N ARG C 174 18.97 -29.97 16.33
CA ARG C 174 19.10 -30.75 17.55
C ARG C 174 17.80 -31.48 17.88
N LEU C 175 17.96 -32.75 18.28
CA LEU C 175 16.86 -33.61 18.72
C LEU C 175 16.53 -33.35 20.20
N TYR C 176 15.24 -33.15 20.46
CA TYR C 176 14.70 -33.07 21.81
C TYR C 176 13.58 -34.09 21.97
N ARG C 177 13.07 -34.28 23.20
CA ARG C 177 11.94 -35.18 23.45
C ARG C 177 10.67 -34.65 22.81
N GLU C 178 10.42 -33.34 22.97
CA GLU C 178 9.30 -32.69 22.33
C GLU C 178 9.80 -31.38 21.74
N TYR C 179 9.25 -31.01 20.57
CA TYR C 179 9.52 -29.72 19.96
C TYR C 179 8.32 -29.34 19.10
N GLU C 180 7.59 -28.27 19.46
CA GLU C 180 6.42 -27.88 18.69
C GLU C 180 6.15 -26.39 18.81
N ALA C 181 6.02 -25.72 17.66
CA ALA C 181 5.59 -24.35 17.64
C ALA C 181 4.10 -24.32 18.00
N LEU C 182 3.77 -23.71 19.15
CA LEU C 182 2.41 -23.70 19.65
C LEU C 182 1.61 -22.57 19.03
N PHE C 183 2.30 -21.48 18.68
CA PHE C 183 1.67 -20.30 18.11
C PHE C 183 2.58 -19.77 17.02
N VAL C 184 2.04 -19.69 15.81
CA VAL C 184 2.81 -19.31 14.63
C VAL C 184 2.08 -18.13 13.99
N PRO C 185 2.80 -17.09 13.52
CA PRO C 185 2.18 -15.99 12.77
C PRO C 185 1.22 -16.50 11.70
N GLY C 186 -0.02 -16.01 11.77
CA GLY C 186 -1.10 -16.37 10.85
C GLY C 186 -2.08 -17.32 11.52
N ASP C 187 -1.65 -18.10 12.54
CA ASP C 187 -2.56 -19.07 13.11
C ASP C 187 -3.79 -18.36 13.64
N GLY C 188 -4.96 -18.99 13.42
CA GLY C 188 -6.23 -18.51 13.91
C GLY C 188 -6.58 -17.11 13.41
N GLY C 189 -5.93 -16.62 12.36
CA GLY C 189 -6.23 -15.28 11.87
C GLY C 189 -5.37 -14.17 12.50
N SER C 190 -4.49 -14.50 13.46
CA SER C 190 -3.66 -13.50 14.10
C SER C 190 -2.34 -13.35 13.36
N ARG C 191 -1.98 -12.10 13.06
CA ARG C 191 -0.75 -11.86 12.32
C ARG C 191 0.48 -12.09 13.21
N ASN C 192 0.35 -11.96 14.54
CA ASN C 192 1.50 -12.02 15.43
C ASN C 192 1.17 -12.68 16.78
N TYR C 193 2.22 -13.23 17.40
CA TYR C 193 2.14 -13.82 18.73
C TYR C 193 3.39 -13.47 19.49
N ARG C 194 3.21 -13.12 20.77
CA ARG C 194 4.30 -12.68 21.62
C ARG C 194 3.96 -13.11 23.05
N ILE C 195 5.00 -13.18 23.89
CA ILE C 195 4.89 -13.17 25.35
C ILE C 195 4.38 -14.53 25.84
N PRO C 196 5.27 -15.56 25.89
CA PRO C 196 4.86 -16.88 26.34
C PRO C 196 4.75 -16.98 27.85
N ALA C 197 3.76 -17.76 28.32
CA ALA C 197 3.68 -18.19 29.70
C ALA C 197 3.27 -19.65 29.73
N ILE C 198 3.88 -20.42 30.64
CA ILE C 198 3.63 -21.85 30.77
C ILE C 198 3.49 -22.24 32.24
N LEU C 199 2.57 -23.18 32.51
CA LEU C 199 2.25 -23.66 33.85
C LEU C 199 2.02 -25.16 33.77
N LYS C 200 2.70 -25.94 34.61
CA LYS C 200 2.31 -27.32 34.90
C LYS C 200 1.50 -27.32 36.21
N THR C 201 0.30 -27.89 36.21
CA THR C 201 -0.49 -28.01 37.42
C THR C 201 -0.05 -29.25 38.23
N ALA C 202 -0.49 -29.33 39.48
CA ALA C 202 -0.22 -30.48 40.35
C ALA C 202 -0.71 -31.79 39.72
N ASN C 203 -1.85 -31.77 39.01
CA ASN C 203 -2.25 -32.98 38.31
C ASN C 203 -1.53 -33.20 36.98
N GLY C 204 -0.58 -32.36 36.55
CA GLY C 204 0.22 -32.68 35.37
C GLY C 204 -0.23 -31.97 34.09
N THR C 205 -1.35 -31.22 34.13
CA THR C 205 -1.78 -30.49 32.95
C THR C 205 -0.78 -29.36 32.64
N LEU C 206 -0.43 -29.19 31.35
CA LEU C 206 0.32 -28.02 30.90
C LEU C 206 -0.63 -26.96 30.33
N ILE C 207 -0.38 -25.70 30.68
CA ILE C 207 -1.12 -24.58 30.17
C ILE C 207 -0.12 -23.66 29.52
N ALA C 208 -0.36 -23.31 28.23
CA ALA C 208 0.49 -22.36 27.55
C ALA C 208 -0.37 -21.18 27.13
N MET C 209 0.12 -19.97 27.41
CA MET C 209 -0.63 -18.79 27.06
C MET C 209 0.25 -17.82 26.27
N ALA C 210 -0.40 -16.88 25.58
CA ALA C 210 0.29 -15.93 24.75
C ALA C 210 -0.60 -14.70 24.50
N ASP C 211 0.07 -13.58 24.17
CA ASP C 211 -0.59 -12.42 23.57
C ASP C 211 -0.89 -12.76 22.12
N ARG C 212 -2.18 -12.71 21.77
CA ARG C 212 -2.62 -12.80 20.39
C ARG C 212 -2.62 -11.39 19.81
N ARG C 213 -1.51 -10.99 19.18
CA ARG C 213 -1.34 -9.63 18.66
C ARG C 213 -1.85 -9.60 17.23
N LYS C 214 -3.16 -9.43 17.11
CA LYS C 214 -3.89 -9.82 15.91
C LYS C 214 -3.56 -8.91 14.72
N TYR C 215 -3.34 -7.60 14.93
CA TYR C 215 -3.21 -6.70 13.78
C TYR C 215 -1.77 -6.31 13.48
N ASN C 216 -0.85 -6.43 14.44
CA ASN C 216 0.50 -5.92 14.28
C ASN C 216 1.33 -6.42 15.46
N GLN C 217 2.60 -6.05 15.51
CA GLN C 217 3.56 -6.63 16.43
C GLN C 217 3.58 -5.97 17.80
N THR C 218 2.88 -4.82 17.92
CA THR C 218 3.09 -3.85 19.01
C THR C 218 2.24 -4.18 20.23
N ASP C 219 2.79 -3.86 21.40
CA ASP C 219 2.20 -4.14 22.69
C ASP C 219 1.03 -3.18 22.90
N LEU C 220 0.44 -3.26 24.10
CA LEU C 220 -0.58 -2.34 24.54
C LEU C 220 -0.14 -0.88 24.43
N PRO C 221 -0.78 -0.05 23.59
CA PRO C 221 -2.23 0.21 23.64
C PRO C 221 -2.98 -0.51 22.49
N GLU C 222 -2.27 -1.38 21.76
CA GLU C 222 -2.87 -2.15 20.69
C GLU C 222 -3.96 -3.09 21.21
N ASP C 223 -4.78 -3.55 20.23
CA ASP C 223 -5.84 -4.52 20.38
C ASP C 223 -5.24 -5.94 20.38
N ILE C 224 -5.24 -6.54 21.59
CA ILE C 224 -4.53 -7.79 21.85
C ILE C 224 -5.48 -8.66 22.67
N ASP C 225 -5.49 -9.97 22.36
CA ASP C 225 -6.26 -10.96 23.11
C ASP C 225 -5.28 -11.83 23.90
N ILE C 226 -5.78 -12.49 24.95
CA ILE C 226 -5.01 -13.54 25.59
C ILE C 226 -5.57 -14.89 25.13
N VAL C 227 -4.66 -15.74 24.65
CA VAL C 227 -5.01 -17.00 24.02
C VAL C 227 -4.26 -18.12 24.74
N MET C 228 -4.83 -19.33 24.74
CA MET C 228 -4.21 -20.44 25.46
C MET C 228 -4.34 -21.75 24.66
N ARG C 229 -3.46 -22.71 25.00
CA ARG C 229 -3.64 -24.11 24.67
C ARG C 229 -3.30 -24.97 25.89
N ARG C 230 -3.77 -26.23 25.93
CA ARG C 230 -3.27 -27.08 26.99
C ARG C 230 -2.98 -28.49 26.49
N SER C 231 -2.14 -29.16 27.27
CA SER C 231 -1.78 -30.53 27.08
C SER C 231 -2.07 -31.31 28.37
N THR C 232 -2.74 -32.45 28.20
CA THR C 232 -2.92 -33.39 29.29
C THR C 232 -2.07 -34.64 29.09
N ASP C 233 -1.13 -34.64 28.13
CA ASP C 233 -0.29 -35.80 27.92
C ASP C 233 1.20 -35.42 28.01
N GLY C 234 1.53 -34.47 28.90
CA GLY C 234 2.92 -34.05 29.06
C GLY C 234 3.52 -33.28 27.87
N GLY C 235 2.68 -32.64 27.04
CA GLY C 235 3.16 -31.78 25.98
C GLY C 235 3.33 -32.47 24.63
N LYS C 236 2.84 -33.70 24.53
CA LYS C 236 2.86 -34.45 23.28
C LYS C 236 1.81 -33.91 22.32
N SER C 237 0.64 -33.53 22.84
CA SER C 237 -0.37 -32.90 21.99
C SER C 237 -1.05 -31.77 22.76
N TRP C 238 -1.64 -30.83 22.00
CA TRP C 238 -2.11 -29.57 22.53
C TRP C 238 -3.48 -29.27 21.94
N SER C 239 -4.45 -28.91 22.78
CA SER C 239 -5.77 -28.46 22.32
C SER C 239 -5.65 -27.27 21.38
N ASP C 240 -6.66 -27.05 20.56
CA ASP C 240 -6.70 -25.91 19.67
C ASP C 240 -6.63 -24.62 20.50
N PRO C 241 -5.97 -23.58 19.94
CA PRO C 241 -5.91 -22.28 20.59
C PRO C 241 -7.30 -21.75 20.92
N ARG C 242 -7.46 -21.19 22.11
CA ARG C 242 -8.72 -20.62 22.52
C ARG C 242 -8.46 -19.27 23.18
N ILE C 243 -9.17 -18.23 22.70
CA ILE C 243 -9.10 -16.92 23.30
C ILE C 243 -9.82 -16.98 24.64
N ILE C 244 -9.18 -16.56 25.73
CA ILE C 244 -9.86 -16.59 27.01
C ILE C 244 -10.07 -15.17 27.56
N VAL C 245 -9.32 -14.18 27.04
CA VAL C 245 -9.56 -12.78 27.32
C VAL C 245 -9.58 -12.02 25.99
N GLN C 246 -10.76 -11.54 25.63
CA GLN C 246 -11.00 -10.89 24.36
C GLN C 246 -10.62 -9.43 24.45
N GLY C 247 -9.65 -9.00 23.62
CA GLY C 247 -9.40 -7.58 23.39
C GLY C 247 -10.56 -6.95 22.64
N GLU C 248 -10.92 -5.69 22.97
CA GLU C 248 -12.10 -5.05 22.42
C GLU C 248 -11.73 -3.78 21.66
N GLY C 249 -10.56 -3.75 21.03
CA GLY C 249 -10.11 -2.59 20.28
C GLY C 249 -8.86 -1.99 20.91
N ARG C 250 -8.29 -1.03 20.19
CA ARG C 250 -7.18 -0.21 20.66
C ARG C 250 -7.57 0.40 22.01
N ASN C 251 -6.62 0.32 22.97
CA ASN C 251 -6.79 0.72 24.37
C ASN C 251 -7.81 -0.16 25.10
N HIS C 252 -8.21 -1.27 24.48
CA HIS C 252 -9.11 -2.20 25.14
C HIS C 252 -8.57 -3.62 25.00
N GLY C 253 -7.25 -3.75 24.84
CA GLY C 253 -6.62 -5.06 24.73
C GLY C 253 -6.12 -5.55 26.09
N PHE C 254 -5.58 -6.77 26.08
CA PHE C 254 -5.06 -7.43 27.27
C PHE C 254 -3.85 -8.26 26.89
N GLY C 255 -2.88 -8.34 27.82
CA GLY C 255 -1.60 -8.94 27.53
C GLY C 255 -0.78 -9.21 28.79
N ASP C 256 0.41 -9.81 28.56
CA ASP C 256 1.43 -9.98 29.58
C ASP C 256 0.92 -10.86 30.72
N VAL C 257 0.63 -12.13 30.39
CA VAL C 257 0.12 -13.09 31.35
C VAL C 257 1.28 -13.67 32.19
N ALA C 258 1.06 -13.82 33.50
CA ALA C 258 1.83 -14.72 34.34
C ALA C 258 0.86 -15.66 35.07
N LEU C 259 1.37 -16.85 35.41
CA LEU C 259 0.56 -17.95 35.88
C LEU C 259 1.15 -18.53 37.15
N VAL C 260 0.23 -18.95 38.04
CA VAL C 260 0.59 -19.82 39.16
C VAL C 260 -0.54 -20.80 39.40
N GLN C 261 -0.22 -21.81 40.20
CA GLN C 261 -1.26 -22.58 40.85
C GLN C 261 -1.13 -22.37 42.35
N THR C 262 -2.24 -21.92 42.96
CA THR C 262 -2.27 -21.68 44.38
C THR C 262 -2.19 -22.99 45.15
N GLN C 263 -1.87 -22.87 46.43
CA GLN C 263 -1.81 -24.02 47.33
C GLN C 263 -3.14 -24.77 47.38
N ALA C 264 -4.28 -24.08 47.32
CA ALA C 264 -5.57 -24.75 47.35
C ALA C 264 -5.94 -25.35 45.99
N GLY C 265 -5.09 -25.21 44.96
CA GLY C 265 -5.30 -25.91 43.70
C GLY C 265 -5.82 -25.03 42.57
N LYS C 266 -6.24 -23.79 42.88
CA LYS C 266 -6.75 -22.86 41.89
C LYS C 266 -5.65 -22.38 40.95
N LEU C 267 -5.89 -22.43 39.64
CA LEU C 267 -5.00 -21.74 38.72
C LEU C 267 -5.30 -20.25 38.76
N LEU C 268 -4.25 -19.44 38.74
CA LEU C 268 -4.39 -18.01 38.77
C LEU C 268 -3.58 -17.40 37.63
N MET C 269 -4.24 -16.57 36.83
CA MET C 269 -3.56 -15.77 35.83
C MET C 269 -3.69 -14.29 36.18
N ILE C 270 -2.60 -13.56 35.99
CA ILE C 270 -2.54 -12.13 36.21
C ILE C 270 -2.08 -11.51 34.88
N PHE C 271 -2.61 -10.34 34.55
CA PHE C 271 -2.32 -9.69 33.29
C PHE C 271 -2.70 -8.21 33.35
N VAL C 272 -2.28 -7.47 32.31
CA VAL C 272 -2.60 -6.06 32.19
C VAL C 272 -3.54 -5.86 31.03
N GLY C 273 -4.22 -4.70 31.03
CA GLY C 273 -5.13 -4.29 29.97
C GLY C 273 -5.19 -2.76 29.83
N GLY C 274 -5.49 -2.30 28.60
CA GLY C 274 -5.84 -0.92 28.36
C GLY C 274 -4.71 -0.17 27.67
N VAL C 275 -4.35 0.98 28.22
CA VAL C 275 -3.37 1.86 27.61
C VAL C 275 -1.97 1.31 27.83
N GLY C 276 -1.00 1.92 27.15
CA GLY C 276 0.38 1.53 27.28
C GLY C 276 0.95 1.91 28.64
N LEU C 277 2.13 1.36 28.93
CA LEU C 277 2.72 1.48 30.24
C LEU C 277 2.97 2.96 30.54
N TRP C 278 3.49 3.68 29.53
CA TRP C 278 3.99 5.02 29.72
C TRP C 278 2.86 6.02 29.57
N GLN C 279 1.69 5.53 29.15
CA GLN C 279 0.48 6.33 29.03
C GLN C 279 -0.37 6.23 30.29
N SER C 280 -0.08 5.25 31.16
CA SER C 280 -0.86 5.01 32.37
C SER C 280 -0.71 6.21 33.32
N THR C 281 -1.81 6.57 33.99
CA THR C 281 -1.80 7.60 35.02
C THR C 281 -2.60 7.13 36.24
N PRO C 282 -2.45 7.78 37.41
CA PRO C 282 -3.23 7.43 38.59
C PRO C 282 -4.74 7.40 38.36
N ASP C 283 -5.23 8.29 37.48
CA ASP C 283 -6.68 8.43 37.28
C ASP C 283 -7.16 7.64 36.05
N ARG C 284 -6.28 7.37 35.09
CA ARG C 284 -6.59 6.52 33.95
C ARG C 284 -5.46 5.48 33.82
N PRO C 285 -5.46 4.44 34.67
CA PRO C 285 -4.36 3.47 34.68
C PRO C 285 -4.43 2.48 33.53
N GLN C 286 -3.28 1.93 33.15
CA GLN C 286 -3.25 0.55 32.64
C GLN C 286 -3.50 -0.40 33.82
N ARG C 287 -4.58 -1.18 33.74
CA ARG C 287 -5.06 -1.98 34.87
C ARG C 287 -4.44 -3.39 34.92
N THR C 288 -4.34 -3.91 36.15
CA THR C 288 -3.94 -5.29 36.41
C THR C 288 -5.17 -6.09 36.82
N TYR C 289 -5.31 -7.28 36.21
CA TYR C 289 -6.46 -8.14 36.46
C TYR C 289 -6.01 -9.53 36.86
N ILE C 290 -6.89 -10.25 37.57
CA ILE C 290 -6.65 -11.65 37.86
C ILE C 290 -7.89 -12.42 37.44
N SER C 291 -7.65 -13.66 37.10
CA SER C 291 -8.68 -14.61 36.79
C SER C 291 -8.24 -15.98 37.31
N GLY C 292 -9.22 -16.79 37.72
CA GLY C 292 -9.00 -18.08 38.35
C GLY C 292 -9.68 -19.20 37.59
N SER C 293 -9.08 -20.39 37.64
CA SER C 293 -9.62 -21.60 37.05
C SER C 293 -9.53 -22.75 38.05
N ARG C 294 -10.65 -23.47 38.20
CA ARG C 294 -10.73 -24.64 39.06
C ARG C 294 -10.91 -25.92 38.23
N ASP C 295 -10.74 -25.87 36.91
CA ASP C 295 -10.90 -27.06 36.07
C ASP C 295 -9.66 -27.25 35.19
N GLU C 296 -8.46 -27.09 35.78
CA GLU C 296 -7.19 -27.28 35.10
C GLU C 296 -7.10 -26.38 33.87
N GLY C 297 -7.66 -25.18 33.97
CA GLY C 297 -7.43 -24.15 32.97
C GLY C 297 -8.36 -24.19 31.78
N LEU C 298 -9.45 -24.98 31.84
CA LEU C 298 -10.45 -25.00 30.79
C LEU C 298 -11.27 -23.70 30.79
N THR C 299 -11.82 -23.35 31.96
CA THR C 299 -12.66 -22.16 32.12
C THR C 299 -12.12 -21.28 33.24
N TRP C 300 -12.32 -19.96 33.08
CA TRP C 300 -11.70 -18.92 33.88
C TRP C 300 -12.77 -17.97 34.37
N SER C 301 -12.64 -17.48 35.61
CA SER C 301 -13.60 -16.55 36.16
C SER C 301 -13.48 -15.21 35.43
N PRO C 302 -14.58 -14.41 35.32
CA PRO C 302 -14.49 -13.13 34.61
C PRO C 302 -13.40 -12.27 35.28
N PRO C 303 -12.51 -11.62 34.51
CA PRO C 303 -11.38 -10.88 35.08
C PRO C 303 -11.81 -9.89 36.16
N ARG C 304 -11.02 -9.89 37.25
CA ARG C 304 -11.21 -9.02 38.39
C ARG C 304 -10.06 -8.02 38.37
N ASP C 305 -10.42 -6.73 38.32
CA ASP C 305 -9.44 -5.65 38.44
C ASP C 305 -8.96 -5.58 39.89
N ILE C 306 -7.63 -5.60 40.07
CA ILE C 306 -7.02 -5.49 41.37
C ILE C 306 -6.05 -4.30 41.41
N THR C 307 -6.14 -3.40 40.44
CA THR C 307 -5.26 -2.23 40.38
C THR C 307 -5.30 -1.40 41.68
N HIS C 308 -6.48 -1.29 42.32
CA HIS C 308 -6.67 -0.48 43.50
C HIS C 308 -5.77 -0.93 44.66
N PHE C 309 -5.35 -2.21 44.69
CA PHE C 309 -4.42 -2.67 45.71
C PHE C 309 -3.01 -2.17 45.44
N ILE C 310 -2.70 -1.79 44.18
CA ILE C 310 -1.32 -1.47 43.83
C ILE C 310 -1.07 0.04 43.77
N PHE C 311 -1.91 0.78 43.05
CA PHE C 311 -1.62 2.19 42.84
C PHE C 311 -2.86 2.91 42.33
N GLY C 312 -2.74 4.24 42.23
CA GLY C 312 -3.73 5.07 41.58
C GLY C 312 -4.85 5.52 42.53
N LYS C 313 -5.84 6.16 41.92
CA LYS C 313 -6.93 6.88 42.54
C LYS C 313 -7.68 6.04 43.58
N ASP C 314 -7.73 4.72 43.37
CA ASP C 314 -8.60 3.86 44.16
C ASP C 314 -7.79 3.15 45.26
N CYS C 315 -6.48 3.42 45.29
CA CYS C 315 -5.61 2.85 46.29
C CYS C 315 -5.79 3.59 47.62
N ALA C 316 -5.78 2.83 48.72
CA ALA C 316 -5.98 3.40 50.05
C ALA C 316 -4.76 4.21 50.49
N ASP C 317 -3.58 3.90 49.96
CA ASP C 317 -2.33 4.52 50.40
C ASP C 317 -2.10 5.82 49.65
N PRO C 318 -2.03 6.98 50.35
CA PRO C 318 -1.91 8.28 49.68
C PRO C 318 -0.75 8.36 48.70
N GLY C 319 0.44 7.92 49.15
CA GLY C 319 1.63 7.91 48.32
C GLY C 319 1.44 7.11 47.03
N ARG C 320 0.95 5.87 47.18
CA ARG C 320 0.81 4.97 46.04
C ARG C 320 -0.40 5.37 45.20
N SER C 321 -1.33 6.15 45.75
CA SER C 321 -2.46 6.63 44.96
C SER C 321 -1.97 7.56 43.86
N ARG C 322 -0.73 8.07 44.00
CA ARG C 322 -0.21 9.00 43.02
C ARG C 322 0.84 8.32 42.13
N TRP C 323 1.09 7.00 42.28
CA TRP C 323 1.90 6.25 41.31
C TRP C 323 1.16 6.10 39.98
N LEU C 324 1.92 5.85 38.91
CA LEU C 324 1.39 6.02 37.56
C LEU C 324 1.04 4.67 36.92
N ALA C 325 1.81 3.61 37.22
CA ALA C 325 1.75 2.40 36.41
C ALA C 325 2.39 1.22 37.11
N SER C 326 1.94 0.01 36.75
CA SER C 326 2.47 -1.24 37.26
C SER C 326 2.15 -2.36 36.29
N PHE C 327 3.12 -3.23 36.03
CA PHE C 327 2.79 -4.49 35.37
C PHE C 327 3.63 -5.60 35.96
N CYS C 328 3.02 -6.76 36.16
CA CYS C 328 3.71 -7.97 36.60
C CYS C 328 4.38 -8.64 35.41
N ALA C 329 5.57 -9.22 35.65
CA ALA C 329 6.35 -9.83 34.60
C ALA C 329 5.64 -11.05 34.06
N SER C 330 5.54 -11.12 32.73
CA SER C 330 4.91 -12.25 32.08
C SER C 330 5.74 -13.51 32.34
N GLY C 331 5.05 -14.65 32.31
CA GLY C 331 5.65 -15.95 32.54
C GLY C 331 5.00 -16.62 33.75
N GLN C 332 5.76 -16.75 34.85
CA GLN C 332 5.21 -17.35 36.06
C GLN C 332 5.61 -16.55 37.28
N GLY C 333 4.74 -16.62 38.30
CA GLY C 333 5.02 -16.12 39.61
C GLY C 333 5.66 -17.22 40.45
N LEU C 334 5.45 -17.13 41.78
CA LEU C 334 5.92 -18.13 42.74
C LEU C 334 4.92 -18.23 43.91
N VAL C 335 4.55 -19.46 44.24
CA VAL C 335 3.75 -19.73 45.43
C VAL C 335 4.63 -20.41 46.49
N LEU C 336 4.74 -19.81 47.66
CA LEU C 336 5.62 -20.36 48.68
C LEU C 336 4.93 -21.50 49.40
N PRO C 337 5.67 -22.36 50.11
CA PRO C 337 5.04 -23.37 50.96
C PRO C 337 4.03 -22.86 51.97
N SER C 338 4.17 -21.62 52.44
CA SER C 338 3.21 -21.00 53.34
C SER C 338 1.84 -20.80 52.67
N GLY C 339 1.80 -20.79 51.33
CA GLY C 339 0.60 -20.43 50.59
C GLY C 339 0.68 -19.07 49.89
N ARG C 340 1.71 -18.28 50.22
CA ARG C 340 1.86 -16.94 49.70
C ARG C 340 2.06 -17.00 48.19
N ILE C 341 1.27 -16.19 47.48
CA ILE C 341 1.29 -16.08 46.03
C ILE C 341 1.99 -14.80 45.67
N MET C 342 2.99 -14.87 44.77
CA MET C 342 3.85 -13.73 44.51
C MET C 342 4.09 -13.55 43.01
N PHE C 343 3.98 -12.28 42.56
CA PHE C 343 4.50 -11.85 41.28
C PHE C 343 5.26 -10.54 41.49
N VAL C 344 6.34 -10.32 40.75
CA VAL C 344 7.02 -9.04 40.82
C VAL C 344 6.40 -8.05 39.84
N ALA C 345 5.92 -6.92 40.39
CA ALA C 345 5.47 -5.75 39.67
C ALA C 345 6.67 -4.85 39.38
N ALA C 346 6.73 -4.28 38.17
CA ALA C 346 7.63 -3.17 37.85
C ALA C 346 6.76 -1.93 37.79
N ILE C 347 7.08 -0.94 38.63
CA ILE C 347 6.14 0.15 38.93
C ILE C 347 6.79 1.49 38.56
N ARG C 348 6.00 2.37 37.94
CA ARG C 348 6.41 3.72 37.64
C ARG C 348 5.81 4.64 38.72
N GLU C 349 6.67 5.19 39.57
CA GLU C 349 6.24 5.95 40.71
C GLU C 349 6.09 7.44 40.36
N SER C 350 6.75 7.93 39.31
CA SER C 350 6.83 9.34 39.00
C SER C 350 6.66 9.62 37.49
N GLY C 351 5.90 10.69 37.17
CA GLY C 351 5.72 11.18 35.81
C GLY C 351 6.94 11.94 35.24
N GLN C 352 7.93 12.23 36.09
CA GLN C 352 9.11 13.01 35.71
C GLN C 352 10.17 12.11 35.09
N GLU C 353 9.98 10.80 35.18
CA GLU C 353 11.01 9.84 34.79
C GLU C 353 10.37 8.70 34.02
N TYR C 354 11.21 7.90 33.35
CA TYR C 354 10.84 6.64 32.70
C TYR C 354 11.59 5.50 33.35
N VAL C 355 11.42 5.41 34.67
CA VAL C 355 12.17 4.53 35.54
C VAL C 355 11.16 3.63 36.25
N LEU C 356 11.45 2.32 36.33
CA LEU C 356 10.60 1.35 37.01
C LEU C 356 11.34 0.83 38.25
N ASN C 357 10.58 0.66 39.34
CA ASN C 357 11.08 0.02 40.55
C ASN C 357 10.31 -1.26 40.79
N ASN C 358 11.00 -2.30 41.23
CA ASN C 358 10.41 -3.60 41.48
C ASN C 358 9.82 -3.67 42.88
N TYR C 359 8.59 -4.19 42.97
CA TYR C 359 7.90 -4.53 44.22
C TYR C 359 7.21 -5.87 44.04
N VAL C 360 7.29 -6.73 45.06
CA VAL C 360 6.58 -7.97 45.04
C VAL C 360 5.15 -7.67 45.41
N LEU C 361 4.27 -8.13 44.52
CA LEU C 361 2.84 -8.16 44.70
C LEU C 361 2.48 -9.57 45.15
N TYR C 362 1.93 -9.66 46.38
CA TYR C 362 1.71 -10.94 47.02
C TYR C 362 0.33 -10.99 47.66
N SER C 363 -0.21 -12.20 47.75
CA SER C 363 -1.49 -12.47 48.40
C SER C 363 -1.32 -13.66 49.34
N ASP C 364 -1.88 -13.54 50.55
CA ASP C 364 -1.82 -14.60 51.53
C ASP C 364 -3.22 -15.17 51.76
N ASP C 365 -4.19 -14.83 50.89
CA ASP C 365 -5.55 -15.34 51.07
C ASP C 365 -6.13 -15.76 49.73
N GLU C 366 -5.36 -16.55 48.97
CA GLU C 366 -5.76 -17.16 47.71
C GLU C 366 -6.18 -16.14 46.65
N GLY C 367 -5.70 -14.90 46.74
CA GLY C 367 -5.97 -13.90 45.73
C GLY C 367 -7.09 -12.94 46.11
N ASP C 368 -7.69 -13.12 47.30
CA ASP C 368 -8.78 -12.25 47.73
C ASP C 368 -8.28 -10.82 47.92
N THR C 369 -7.11 -10.68 48.56
CA THR C 369 -6.48 -9.37 48.78
C THR C 369 -5.01 -9.44 48.36
N TRP C 370 -4.43 -8.27 48.08
CA TRP C 370 -3.09 -8.14 47.55
C TRP C 370 -2.39 -7.01 48.30
N GLN C 371 -1.10 -7.19 48.55
CA GLN C 371 -0.26 -6.16 49.13
C GLN C 371 1.05 -6.12 48.35
N LEU C 372 1.83 -5.07 48.63
CA LEU C 372 3.16 -4.86 48.09
C LEU C 372 4.21 -5.06 49.18
N SER C 373 5.32 -5.68 48.82
CA SER C 373 6.54 -5.68 49.59
C SER C 373 7.11 -4.27 49.68
N ASP C 374 8.19 -4.12 50.46
CA ASP C 374 9.10 -3.00 50.31
C ASP C 374 9.79 -3.10 48.94
N CYS C 375 10.44 -2.02 48.54
CA CYS C 375 11.09 -1.98 47.24
C CYS C 375 12.19 -3.05 47.16
N ALA C 376 12.18 -3.81 46.06
CA ALA C 376 13.11 -4.89 45.83
C ALA C 376 14.26 -4.47 44.91
N TYR C 377 14.01 -3.50 44.03
CA TYR C 377 15.02 -3.15 43.05
C TYR C 377 14.67 -1.78 42.46
N ARG C 378 15.68 -0.89 42.40
CA ARG C 378 15.57 0.42 41.78
C ARG C 378 16.08 0.36 40.34
N ARG C 379 15.39 1.04 39.43
CA ARG C 379 15.68 0.97 38.00
C ARG C 379 15.69 -0.49 37.52
N GLY C 380 14.60 -1.18 37.83
CA GLY C 380 14.44 -2.55 37.43
C GLY C 380 13.56 -2.66 36.20
N ASP C 381 13.03 -3.87 36.00
CA ASP C 381 12.22 -4.22 34.86
C ASP C 381 11.58 -5.57 35.21
N GLU C 382 11.12 -6.31 34.20
CA GLU C 382 10.53 -7.63 34.40
C GLU C 382 11.45 -8.49 35.28
N ALA C 383 10.91 -8.99 36.38
CA ALA C 383 11.66 -9.75 37.38
C ALA C 383 10.89 -11.01 37.76
N LYS C 384 11.66 -12.03 38.14
CA LYS C 384 11.14 -13.34 38.40
C LYS C 384 11.61 -13.77 39.79
N LEU C 385 10.87 -14.72 40.37
CA LEU C 385 11.15 -15.20 41.70
C LEU C 385 11.40 -16.70 41.68
N SER C 386 12.24 -17.14 42.61
CA SER C 386 12.54 -18.55 42.81
C SER C 386 12.83 -18.80 44.29
N LEU C 387 12.41 -19.96 44.79
CA LEU C 387 12.64 -20.31 46.19
C LEU C 387 13.88 -21.20 46.35
N MET C 388 14.94 -20.68 46.95
CA MET C 388 16.12 -21.49 47.24
C MET C 388 15.73 -22.55 48.27
N PRO C 389 16.23 -23.82 48.15
CA PRO C 389 16.00 -24.83 49.18
C PRO C 389 16.34 -24.39 50.61
N ASP C 390 17.27 -23.44 50.76
CA ASP C 390 17.64 -22.92 52.05
C ASP C 390 16.60 -21.92 52.59
N GLY C 391 15.50 -21.64 51.86
CA GLY C 391 14.44 -20.76 52.34
C GLY C 391 14.53 -19.32 51.86
N ARG C 392 15.70 -18.91 51.32
CA ARG C 392 15.79 -17.60 50.67
C ARG C 392 14.98 -17.59 49.37
N VAL C 393 14.38 -16.42 49.07
CA VAL C 393 13.74 -16.17 47.79
C VAL C 393 14.72 -15.37 46.92
N LEU C 394 14.96 -15.87 45.71
CA LEU C 394 15.87 -15.23 44.77
C LEU C 394 15.05 -14.49 43.72
N MET C 395 15.38 -13.20 43.48
CA MET C 395 14.74 -12.43 42.42
C MET C 395 15.77 -12.20 41.31
N SER C 396 15.34 -12.41 40.07
CA SER C 396 16.11 -12.20 38.83
C SER C 396 15.50 -11.02 38.10
N ILE C 397 16.29 -9.94 37.92
CA ILE C 397 15.75 -8.70 37.43
C ILE C 397 16.35 -8.41 36.05
N ARG C 398 15.49 -8.19 35.05
CA ARG C 398 15.91 -7.79 33.71
C ARG C 398 16.73 -6.49 33.77
N ASN C 399 17.84 -6.49 33.03
CA ASN C 399 18.71 -5.32 32.92
C ASN C 399 18.08 -4.38 31.90
N GLN C 400 17.53 -3.26 32.38
CA GLN C 400 16.95 -2.23 31.55
C GLN C 400 17.98 -1.12 31.27
N GLY C 401 18.15 -0.76 30.00
CA GLY C 401 18.96 0.41 29.62
C GLY C 401 20.46 0.14 29.70
N ARG C 402 20.85 -1.13 29.59
CA ARG C 402 22.26 -1.48 29.47
C ARG C 402 23.04 -0.99 30.69
N GLN C 403 22.49 -1.19 31.89
CA GLN C 403 23.17 -0.70 33.08
C GLN C 403 24.36 -1.59 33.42
N GLU C 404 25.32 -1.01 34.16
CA GLU C 404 26.55 -1.62 34.68
C GLU C 404 27.29 -2.36 33.57
N SER C 405 27.64 -3.65 33.77
CA SER C 405 28.27 -4.46 32.74
C SER C 405 27.27 -5.27 31.90
N ARG C 406 26.01 -4.85 31.79
CA ARG C 406 24.97 -5.55 31.01
C ARG C 406 24.73 -6.98 31.51
N GLN C 407 24.87 -7.17 32.83
CA GLN C 407 24.64 -8.45 33.46
C GLN C 407 23.20 -8.49 33.96
N ARG C 408 22.70 -9.72 34.07
CA ARG C 408 21.47 -9.95 34.80
C ARG C 408 21.66 -9.54 36.26
N PHE C 409 20.65 -8.85 36.81
CA PHE C 409 20.64 -8.48 38.22
C PHE C 409 19.93 -9.53 39.07
N PHE C 410 20.37 -9.61 40.34
CA PHE C 410 19.77 -10.50 41.31
C PHE C 410 19.67 -9.83 42.69
N ALA C 411 18.65 -10.27 43.44
CA ALA C 411 18.39 -9.87 44.81
C ALA C 411 17.88 -11.06 45.61
N LEU C 412 18.04 -10.97 46.94
CA LEU C 412 17.72 -12.03 47.87
C LEU C 412 16.84 -11.46 48.98
N SER C 413 15.94 -12.31 49.50
CA SER C 413 15.02 -12.02 50.60
C SER C 413 15.06 -13.16 51.62
N SER C 414 15.15 -12.78 52.90
CA SER C 414 15.16 -13.68 54.06
C SER C 414 13.77 -13.88 54.65
N ASP C 415 12.81 -13.00 54.26
CA ASP C 415 11.53 -12.91 54.95
C ASP C 415 10.38 -13.19 53.96
N ASP C 416 10.54 -14.19 53.11
CA ASP C 416 9.46 -14.60 52.23
C ASP C 416 9.00 -13.43 51.35
N GLY C 417 9.92 -12.54 50.97
CA GLY C 417 9.68 -11.61 49.87
C GLY C 417 9.29 -10.20 50.29
N LEU C 418 9.30 -9.91 51.61
CA LEU C 418 8.89 -8.59 52.08
C LEU C 418 10.03 -7.58 51.90
N THR C 419 11.28 -7.99 52.14
CA THR C 419 12.40 -7.07 52.06
C THR C 419 13.53 -7.76 51.31
N TRP C 420 14.39 -6.95 50.71
CA TRP C 420 15.32 -7.40 49.68
C TRP C 420 16.68 -6.75 49.87
N GLU C 421 17.73 -7.47 49.51
CA GLU C 421 19.02 -6.85 49.31
C GLU C 421 19.59 -7.34 47.97
N ARG C 422 20.46 -6.54 47.37
CA ARG C 422 21.16 -6.89 46.15
C ARG C 422 22.04 -8.13 46.37
N ALA C 423 22.11 -9.00 45.35
CA ALA C 423 22.92 -10.22 45.45
C ALA C 423 23.87 -10.34 44.25
N LYS C 424 24.96 -9.55 44.29
CA LYS C 424 26.02 -9.59 43.29
C LYS C 424 26.71 -10.94 43.23
N GLN C 425 26.68 -11.75 44.29
CA GLN C 425 27.33 -13.05 44.26
C GLN C 425 26.60 -14.03 43.33
N PHE C 426 25.35 -13.72 42.95
CA PHE C 426 24.56 -14.56 42.06
C PHE C 426 24.71 -14.10 40.61
N GLU C 427 25.35 -12.96 40.40
CA GLU C 427 25.50 -12.39 39.08
C GLU C 427 26.65 -13.09 38.33
N GLY C 428 26.70 -12.91 37.01
CA GLY C 428 27.71 -13.57 36.21
C GLY C 428 27.26 -13.94 34.80
N ILE C 429 25.95 -13.85 34.50
CA ILE C 429 25.43 -14.14 33.17
C ILE C 429 25.00 -12.84 32.51
N HIS C 430 25.23 -12.73 31.20
CA HIS C 430 24.82 -11.58 30.44
C HIS C 430 23.29 -11.51 30.35
N ASP C 431 22.72 -10.30 30.43
CA ASP C 431 21.33 -10.04 30.05
C ASP C 431 21.30 -9.00 28.94
N PRO C 432 20.99 -9.37 27.67
CA PRO C 432 20.90 -8.37 26.60
C PRO C 432 19.73 -7.41 26.77
N GLY C 433 18.88 -7.68 27.76
CA GLY C 433 17.70 -6.85 28.04
C GLY C 433 16.42 -7.57 27.64
N CYS C 434 16.10 -8.66 28.35
CA CYS C 434 15.08 -9.59 27.94
C CYS C 434 14.50 -10.34 29.14
N ASN C 435 13.23 -10.74 29.02
CA ASN C 435 12.54 -11.59 29.99
C ASN C 435 13.05 -13.03 29.87
N GLY C 436 13.06 -13.74 31.01
CA GLY C 436 13.49 -15.12 31.09
C GLY C 436 12.96 -15.72 32.38
N ALA C 437 13.44 -16.93 32.72
CA ALA C 437 12.81 -17.69 33.76
C ALA C 437 13.86 -18.44 34.58
N MET C 438 13.47 -18.90 35.77
CA MET C 438 14.28 -19.69 36.67
C MET C 438 13.51 -20.93 37.09
N LEU C 439 14.24 -22.03 37.26
CA LEU C 439 13.76 -23.24 37.93
C LEU C 439 14.80 -23.67 38.97
N GLN C 440 14.32 -24.23 40.09
CA GLN C 440 15.16 -24.87 41.08
C GLN C 440 15.26 -26.35 40.73
N VAL C 441 16.47 -26.84 40.54
CA VAL C 441 16.67 -28.22 40.13
C VAL C 441 17.75 -28.81 41.04
N LYS C 442 17.85 -30.16 40.98
CA LYS C 442 18.90 -30.93 41.65
C LYS C 442 19.73 -31.66 40.59
N ARG C 443 21.01 -31.34 40.51
CA ARG C 443 21.92 -32.04 39.63
C ARG C 443 23.03 -32.59 40.52
N ASN C 444 23.12 -33.94 40.57
CA ASN C 444 24.22 -34.67 41.20
C ASN C 444 24.24 -34.40 42.70
N GLY C 445 23.06 -34.49 43.33
CA GLY C 445 22.91 -34.19 44.75
C GLY C 445 22.92 -32.69 45.10
N ARG C 446 23.18 -31.81 44.14
CA ARG C 446 23.38 -30.40 44.45
C ARG C 446 22.20 -29.57 43.94
N ASP C 447 21.73 -28.67 44.80
CA ASP C 447 20.63 -27.79 44.47
C ASP C 447 21.16 -26.64 43.62
N GLN C 448 20.58 -26.46 42.42
CA GLN C 448 21.02 -25.43 41.50
C GLN C 448 19.85 -24.66 40.91
N VAL C 449 20.15 -23.45 40.41
CA VAL C 449 19.19 -22.66 39.65
C VAL C 449 19.42 -22.81 38.15
N LEU C 450 18.37 -23.25 37.43
CA LEU C 450 18.38 -23.18 35.98
C LEU C 450 17.75 -21.85 35.54
N HIS C 451 18.47 -21.14 34.67
CA HIS C 451 18.08 -19.82 34.20
C HIS C 451 18.11 -19.79 32.67
N SER C 452 17.00 -19.34 32.05
CA SER C 452 16.90 -19.14 30.62
C SER C 452 17.01 -17.65 30.27
N LEU C 453 17.79 -17.35 29.25
CA LEU C 453 17.97 -16.01 28.70
C LEU C 453 18.56 -16.17 27.31
N PRO C 454 18.42 -15.17 26.41
CA PRO C 454 19.19 -15.17 25.17
C PRO C 454 20.66 -14.94 25.52
N LEU C 455 21.55 -15.68 24.83
CA LEU C 455 22.99 -15.52 25.00
C LEU C 455 23.45 -14.13 24.55
N GLY C 456 22.83 -13.57 23.53
CA GLY C 456 23.42 -12.42 22.87
C GLY C 456 24.73 -12.83 22.19
N PRO C 457 25.80 -12.01 22.29
CA PRO C 457 25.81 -10.81 23.14
C PRO C 457 25.05 -9.63 22.55
N ASP C 458 24.41 -8.85 23.44
CA ASP C 458 23.85 -7.56 23.08
C ASP C 458 22.87 -7.72 21.93
N GLY C 459 22.14 -8.84 21.94
CA GLY C 459 21.03 -9.03 21.04
C GLY C 459 20.20 -10.23 21.48
N ARG C 460 18.99 -10.31 20.92
CA ARG C 460 18.06 -11.39 21.20
C ARG C 460 18.33 -12.55 20.26
N ARG C 461 19.35 -13.36 20.62
CA ARG C 461 19.77 -14.49 19.84
C ARG C 461 20.30 -15.59 20.76
N ASP C 462 20.14 -16.83 20.29
CA ASP C 462 20.69 -18.04 20.85
C ASP C 462 20.10 -18.25 22.24
N GLY C 463 18.86 -18.74 22.26
CA GLY C 463 18.18 -19.02 23.53
C GLY C 463 18.98 -20.04 24.32
N ALA C 464 19.37 -19.61 25.52
CA ALA C 464 20.32 -20.35 26.34
C ALA C 464 19.73 -20.69 27.71
N VAL C 465 20.28 -21.77 28.29
CA VAL C 465 20.10 -22.03 29.71
C VAL C 465 21.47 -22.11 30.39
N TYR C 466 21.49 -21.71 31.66
CA TYR C 466 22.65 -21.83 32.52
C TYR C 466 22.22 -22.48 33.84
N LEU C 467 23.18 -23.11 34.52
CA LEU C 467 23.02 -23.62 35.89
C LEU C 467 23.91 -22.84 36.85
N PHE C 468 23.31 -22.26 37.89
CA PHE C 468 24.07 -21.64 38.96
C PHE C 468 24.11 -22.60 40.14
N ASP C 469 25.32 -22.90 40.62
CA ASP C 469 25.50 -23.69 41.83
C ASP C 469 25.84 -22.75 42.96
N HIS C 470 24.91 -22.53 43.92
CA HIS C 470 25.09 -21.52 44.95
C HIS C 470 26.24 -21.84 45.91
N THR C 471 26.52 -23.14 46.10
CA THR C 471 27.49 -23.56 47.10
C THR C 471 28.90 -23.31 46.59
N SER C 472 29.15 -23.56 45.30
CA SER C 472 30.42 -23.19 44.69
C SER C 472 30.42 -21.73 44.23
N GLY C 473 29.23 -21.14 44.07
CA GLY C 473 29.09 -19.75 43.66
C GLY C 473 29.37 -19.50 42.18
N ARG C 474 29.24 -20.52 41.31
CA ARG C 474 29.63 -20.39 39.91
C ARG C 474 28.49 -20.79 38.95
N TRP C 475 28.42 -20.08 37.83
CA TRP C 475 27.54 -20.40 36.73
C TRP C 475 28.22 -21.39 35.79
N SER C 476 27.46 -22.28 35.18
CA SER C 476 27.91 -23.04 34.03
C SER C 476 28.16 -22.14 32.82
N ALA C 477 28.94 -22.66 31.88
CA ALA C 477 28.85 -22.22 30.50
C ALA C 477 27.39 -22.27 30.07
N PRO C 478 26.98 -21.42 29.11
CA PRO C 478 25.64 -21.50 28.54
C PRO C 478 25.52 -22.74 27.65
N VAL C 479 24.30 -23.27 27.57
CA VAL C 479 23.91 -24.28 26.62
C VAL C 479 22.82 -23.63 25.79
N VAL C 480 23.05 -23.59 24.47
CA VAL C 480 22.14 -22.97 23.54
C VAL C 480 21.07 -24.00 23.20
N VAL C 481 19.83 -23.71 23.60
CA VAL C 481 18.74 -24.61 23.35
C VAL C 481 18.26 -24.42 21.91
N ASN C 482 18.13 -23.16 21.54
CA ASN C 482 17.65 -22.84 20.21
C ASN C 482 18.55 -21.75 19.65
N SER C 483 19.38 -22.11 18.66
CA SER C 483 20.19 -21.12 17.96
C SER C 483 19.26 -20.16 17.21
N GLY C 484 19.78 -18.98 16.88
CA GLY C 484 19.07 -18.03 16.03
C GLY C 484 18.28 -17.03 16.88
N SER C 485 17.38 -16.32 16.22
CA SER C 485 16.60 -15.30 16.88
C SER C 485 15.84 -15.95 18.03
N SER C 486 15.96 -15.34 19.21
CA SER C 486 15.40 -15.92 20.43
C SER C 486 15.19 -14.82 21.45
N ALA C 487 14.01 -14.78 22.05
CA ALA C 487 13.65 -13.67 22.91
C ALA C 487 13.09 -14.19 24.24
N TYR C 488 11.86 -13.81 24.60
CA TYR C 488 11.28 -14.23 25.87
C TYR C 488 11.24 -15.76 25.98
N SER C 489 11.47 -16.26 27.19
CA SER C 489 11.35 -17.67 27.50
C SER C 489 10.69 -17.82 28.86
N ASP C 490 9.92 -18.92 28.98
CA ASP C 490 9.40 -19.40 30.26
C ASP C 490 9.77 -20.87 30.37
N MET C 491 9.78 -21.39 31.61
CA MET C 491 10.17 -22.78 31.85
C MET C 491 9.37 -23.37 33.01
N THR C 492 9.06 -24.67 32.89
CA THR C 492 8.37 -25.43 33.92
C THR C 492 9.12 -26.75 34.15
N LEU C 493 9.15 -27.15 35.43
CA LEU C 493 9.69 -28.43 35.85
C LEU C 493 8.59 -29.49 35.79
N LEU C 494 8.72 -30.41 34.85
CA LEU C 494 7.79 -31.52 34.69
C LEU C 494 8.08 -32.57 35.77
N ALA C 495 7.04 -33.36 36.13
CA ALA C 495 7.09 -34.29 37.26
C ALA C 495 8.30 -35.23 37.23
N ASP C 496 8.80 -35.55 36.03
CA ASP C 496 9.91 -36.49 35.91
C ASP C 496 11.27 -35.77 35.95
N GLY C 497 11.28 -34.48 36.35
CA GLY C 497 12.49 -33.68 36.42
C GLY C 497 13.00 -33.17 35.06
N THR C 498 12.27 -33.45 33.97
CA THR C 498 12.60 -32.82 32.69
C THR C 498 11.97 -31.43 32.62
N ILE C 499 12.43 -30.67 31.63
CA ILE C 499 12.15 -29.24 31.51
C ILE C 499 11.22 -28.99 30.34
N GLY C 500 10.17 -28.20 30.61
CA GLY C 500 9.30 -27.64 29.60
C GLY C 500 9.69 -26.19 29.32
N TYR C 501 10.16 -25.89 28.10
CA TYR C 501 10.79 -24.62 27.76
C TYR C 501 9.94 -23.98 26.68
N PHE C 502 9.45 -22.76 26.93
CA PHE C 502 8.53 -22.10 26.02
C PHE C 502 9.17 -20.79 25.60
N VAL C 503 9.55 -20.69 24.31
CA VAL C 503 10.47 -19.65 23.86
C VAL C 503 9.98 -18.96 22.59
N GLU C 504 10.31 -17.67 22.46
CA GLU C 504 10.04 -16.89 21.25
C GLU C 504 11.14 -17.11 20.22
N GLU C 505 10.85 -17.83 19.14
CA GLU C 505 11.84 -18.14 18.11
C GLU C 505 11.58 -17.28 16.86
N ASP C 506 12.66 -17.00 16.11
CA ASP C 506 12.58 -16.45 14.76
C ASP C 506 12.39 -14.94 14.79
N ASP C 507 12.61 -14.31 13.62
CA ASP C 507 12.52 -12.87 13.47
C ASP C 507 11.07 -12.48 13.64
N GLU C 508 10.19 -13.11 12.87
CA GLU C 508 8.76 -13.02 13.10
C GLU C 508 8.38 -14.16 14.04
N ILE C 509 8.00 -13.81 15.26
CA ILE C 509 8.10 -14.71 16.40
C ILE C 509 7.06 -15.83 16.35
N SER C 510 7.56 -17.07 16.52
CA SER C 510 6.73 -18.18 16.92
C SER C 510 7.01 -18.51 18.39
N LEU C 511 5.98 -18.98 19.10
CA LEU C 511 6.14 -19.44 20.46
C LEU C 511 6.27 -20.96 20.45
N VAL C 512 7.41 -21.49 20.92
CA VAL C 512 7.78 -22.87 20.69
C VAL C 512 8.00 -23.58 22.02
N PHE C 513 7.39 -24.77 22.15
CA PHE C 513 7.49 -25.62 23.31
C PHE C 513 8.56 -26.68 23.04
N ILE C 514 9.56 -26.73 23.93
CA ILE C 514 10.63 -27.69 23.85
C ILE C 514 10.71 -28.42 25.18
N ARG C 515 10.73 -29.75 25.11
CA ARG C 515 10.96 -30.58 26.29
C ARG C 515 12.34 -31.22 26.20
N PHE C 516 13.14 -31.02 27.24
CA PHE C 516 14.50 -31.52 27.23
C PHE C 516 14.88 -32.01 28.62
N VAL C 517 15.91 -32.85 28.63
CA VAL C 517 16.46 -33.52 29.81
C VAL C 517 17.79 -32.86 30.12
N LEU C 518 17.98 -32.42 31.39
CA LEU C 518 19.19 -31.71 31.77
C LEU C 518 20.43 -32.54 31.47
N ASP C 519 20.37 -33.86 31.68
CA ASP C 519 21.54 -34.72 31.45
C ASP C 519 21.95 -34.75 29.98
N ASP C 520 20.98 -34.59 29.08
CA ASP C 520 21.24 -34.48 27.65
C ASP C 520 22.01 -33.19 27.31
N LEU C 521 21.78 -32.10 28.06
CA LEU C 521 22.32 -30.79 27.68
C LEU C 521 23.66 -30.53 28.35
N PHE C 522 23.80 -30.92 29.62
CA PHE C 522 25.03 -30.68 30.37
C PHE C 522 25.85 -31.96 30.59
N ASP C 523 27.11 -31.95 30.13
CA ASP C 523 28.05 -33.07 30.20
C ASP C 523 28.78 -33.11 31.55
N ALA C 524 29.48 -32.03 31.89
CA ALA C 524 30.14 -31.84 33.18
C ALA C 524 31.14 -32.97 33.43
#